data_4EAY
#
_entry.id   4EAY
#
_cell.length_a   159.470
_cell.length_b   238.580
_cell.length_c   54.470
_cell.angle_alpha   90.00
_cell.angle_beta   90.00
_cell.angle_gamma   90.00
#
_symmetry.space_group_name_H-M   'P 21 21 2'
#
loop_
_entity.id
_entity.type
_entity.pdbx_description
1 polymer 'Mannonate dehydratase'
2 non-polymer 'CHLORIDE ION'
3 non-polymer 'D-MANNONIC ACID'
4 non-polymer 'MANGANESE (II) ION'
5 water water
#
_entity_poly.entity_id   1
_entity_poly.type   'polypeptide(L)'
_entity_poly.pdbx_seq_one_letter_code
;MGSSHHHHHHSSGLVPRGSHMEQTWRWYGPNDPVSLADVRQAGATGVVTALHHIPNGEVWSVEEILKRKAIIEDAGLVWS
VVESVPIHEDIKTHTGNYEQWIANYQQTLRNLAQCGIRTVCYNFMPVLDWTRTDLEYVLPDGSKALRFDQIEFAAFEMHI
LKRPGAEADYTEEEIAQAAERFATMSDEDKARLTRNIIAGLPGAEEGYTLDQFRKHLELYKDIDKAKLRENFAVFLKAII
PVAEEVGVRMAVHPDDPPRPILGLPRIVSTIEDMQWMVDTVNSMANGFTMCTGSYGVRADNDLVDMIKQFGPRIYFTHLR
STMREDNPKTFHEAAHLNGDVDMYEVVKAIVEEEHRRKAEGKEDLIPMRPDHGHQMLDDLKKKTNPGYSAIGRLKGLAEV
RGVELAIQRAFFSR
;
_entity_poly.pdbx_strand_id   A,B,C,D
#
loop_
_chem_comp.id
_chem_comp.type
_chem_comp.name
_chem_comp.formula
CL non-polymer 'CHLORIDE ION' 'Cl -1'
CS2 non-polymer 'D-MANNONIC ACID' 'C6 H12 O7'
MN non-polymer 'MANGANESE (II) ION' 'Mn 2'
#
# COMPACT_ATOMS: atom_id res chain seq x y z
N SER A 19 42.98 22.16 -6.21
CA SER A 19 44.48 22.23 -6.18
C SER A 19 45.09 22.06 -7.60
N HIS A 20 44.81 20.92 -8.24
CA HIS A 20 45.16 20.71 -9.65
C HIS A 20 43.92 20.78 -10.55
N MET A 21 42.75 20.71 -9.92
CA MET A 21 41.45 20.84 -10.57
C MET A 21 41.35 22.11 -11.43
N GLU A 22 40.79 21.99 -12.63
CA GLU A 22 40.61 23.15 -13.49
C GLU A 22 39.38 23.99 -13.09
N GLN A 23 39.67 25.09 -12.40
CA GLN A 23 38.66 25.91 -11.74
C GLN A 23 38.33 27.16 -12.54
N THR A 24 37.08 27.21 -12.99
CA THR A 24 36.63 28.31 -13.85
C THR A 24 35.42 29.05 -13.23
N TRP A 25 35.06 30.17 -13.84
CA TRP A 25 34.17 31.13 -13.21
C TRP A 25 33.46 31.90 -14.30
N ARG A 26 32.14 31.88 -14.29
CA ARG A 26 31.40 32.63 -15.29
C ARG A 26 31.44 34.14 -15.02
N TRP A 27 31.92 34.88 -16.01
CA TRP A 27 32.05 36.33 -15.99
C TRP A 27 31.30 36.88 -17.18
N TYR A 28 30.43 37.85 -16.94
CA TYR A 28 29.58 38.37 -18.02
C TYR A 28 30.22 39.43 -18.89
N GLY A 29 31.38 39.94 -18.47
CA GLY A 29 32.10 40.95 -19.24
C GLY A 29 32.24 42.23 -18.44
N PRO A 30 32.70 43.32 -19.10
CA PRO A 30 33.01 44.59 -18.43
C PRO A 30 31.88 45.16 -17.56
N ASN A 31 30.62 44.83 -17.87
CA ASN A 31 29.47 45.35 -17.11
C ASN A 31 29.09 44.51 -15.87
N ASP A 32 29.66 43.32 -15.75
CA ASP A 32 29.46 42.45 -14.59
C ASP A 32 29.95 43.17 -13.34
N PRO A 33 29.09 43.25 -12.30
CA PRO A 33 29.51 43.78 -10.99
C PRO A 33 30.66 42.98 -10.33
N VAL A 34 30.78 41.70 -10.66
CA VAL A 34 31.92 40.91 -10.21
C VAL A 34 33.09 41.21 -11.13
N SER A 35 34.20 41.70 -10.54
CA SER A 35 35.42 41.99 -11.27
C SER A 35 36.30 40.76 -11.48
N LEU A 36 37.22 40.87 -12.43
CA LEU A 36 38.21 39.84 -12.70
C LEU A 36 39.19 39.68 -11.53
N ALA A 37 39.37 40.74 -10.73
CA ALA A 37 40.14 40.63 -9.48
C ALA A 37 39.40 39.73 -8.46
N ASP A 38 38.08 39.88 -8.37
CA ASP A 38 37.29 39.02 -7.49
C ASP A 38 37.44 37.56 -7.92
N VAL A 39 37.44 37.34 -9.22
CA VAL A 39 37.56 36.00 -9.78
C VAL A 39 38.89 35.37 -9.38
N ARG A 40 39.98 36.14 -9.51
CA ARG A 40 41.28 35.60 -9.18
C ARG A 40 41.40 35.27 -7.71
N GLN A 41 40.89 36.15 -6.86
CA GLN A 41 40.93 35.95 -5.41
C GLN A 41 40.00 34.78 -4.98
N ALA A 42 38.99 34.49 -5.78
CA ALA A 42 38.12 33.33 -5.54
C ALA A 42 38.89 32.01 -5.72
N GLY A 43 40.03 32.08 -6.42
CA GLY A 43 40.85 30.92 -6.75
C GLY A 43 40.63 30.32 -8.13
N ALA A 44 39.83 30.96 -8.98
CA ALA A 44 39.63 30.47 -10.36
C ALA A 44 40.82 30.84 -11.25
N THR A 45 41.21 29.95 -12.16
CA THR A 45 42.31 30.28 -13.06
C THR A 45 41.77 30.48 -14.46
N GLY A 46 40.47 30.27 -14.60
CA GLY A 46 39.87 30.29 -15.93
C GLY A 46 38.55 31.01 -15.89
N VAL A 47 38.22 31.66 -16.99
CA VAL A 47 36.97 32.40 -17.11
C VAL A 47 36.06 31.71 -18.14
N VAL A 48 34.79 31.62 -17.78
CA VAL A 48 33.74 31.19 -18.69
C VAL A 48 32.96 32.45 -19.05
N THR A 49 32.76 32.68 -20.34
CA THR A 49 32.11 33.91 -20.78
C THR A 49 31.55 33.78 -22.20
N ALA A 50 30.82 34.81 -22.63
CA ALA A 50 30.26 34.86 -23.97
C ALA A 50 30.17 36.30 -24.45
N LEU A 51 29.98 36.50 -25.75
CA LEU A 51 29.82 37.84 -26.28
C LEU A 51 28.31 38.15 -26.30
N HIS A 52 27.80 38.54 -25.14
CA HIS A 52 26.36 38.68 -24.94
C HIS A 52 25.71 39.81 -25.73
N HIS A 53 26.51 40.80 -26.12
CA HIS A 53 26.05 41.99 -26.83
C HIS A 53 25.76 41.73 -28.32
N ILE A 54 26.31 40.63 -28.83
CA ILE A 54 26.17 40.30 -30.24
C ILE A 54 24.82 39.63 -30.49
N PRO A 55 23.99 40.24 -31.37
CA PRO A 55 22.64 39.76 -31.62
C PRO A 55 22.57 38.26 -31.92
N ASN A 56 21.60 37.61 -31.30
CA ASN A 56 21.32 36.20 -31.49
C ASN A 56 21.36 35.76 -32.93
N GLY A 57 22.26 34.82 -33.22
CA GLY A 57 22.34 34.20 -34.55
C GLY A 57 23.36 34.85 -35.48
N GLU A 58 23.89 36.00 -35.09
CA GLU A 58 24.92 36.65 -35.89
C GLU A 58 26.30 36.05 -35.57
N VAL A 59 27.23 36.24 -36.49
CA VAL A 59 28.59 35.72 -36.37
C VAL A 59 29.37 36.51 -35.34
N TRP A 60 30.11 35.79 -34.50
CA TRP A 60 31.09 36.39 -33.60
C TRP A 60 32.38 36.61 -34.39
N SER A 61 32.70 37.87 -34.69
CA SER A 61 33.93 38.19 -35.40
C SER A 61 35.17 37.87 -34.57
N VAL A 62 36.28 37.64 -35.27
CA VAL A 62 37.57 37.47 -34.63
C VAL A 62 37.92 38.68 -33.75
N GLU A 63 37.65 39.88 -34.26
CA GLU A 63 37.88 41.11 -33.50
C GLU A 63 37.19 41.10 -32.13
N GLU A 64 35.90 40.78 -32.12
CA GLU A 64 35.13 40.80 -30.89
C GLU A 64 35.65 39.73 -29.93
N ILE A 65 35.92 38.54 -30.46
CA ILE A 65 36.47 37.44 -29.67
C ILE A 65 37.80 37.80 -29.03
N LEU A 66 38.73 38.33 -29.82
CA LEU A 66 40.06 38.69 -29.32
C LEU A 66 40.02 39.83 -28.31
N LYS A 67 39.08 40.74 -28.48
CA LYS A 67 38.87 41.84 -27.54
C LYS A 67 38.50 41.34 -26.13
N ARG A 68 37.59 40.36 -26.05
CA ARG A 68 37.22 39.75 -24.77
C ARG A 68 38.36 38.90 -24.22
N LYS A 69 38.97 38.12 -25.10
CA LYS A 69 40.12 37.31 -24.74
C LYS A 69 41.25 38.12 -24.10
N ALA A 70 41.54 39.29 -24.68
CA ALA A 70 42.62 40.16 -24.19
C ALA A 70 42.30 40.77 -22.82
N ILE A 71 41.04 41.16 -22.59
CA ILE A 71 40.63 41.72 -21.30
C ILE A 71 40.83 40.70 -20.18
N ILE A 72 40.50 39.45 -20.47
CA ILE A 72 40.68 38.35 -19.54
C ILE A 72 42.16 38.05 -19.29
N GLU A 73 42.93 37.93 -20.36
CA GLU A 73 44.37 37.68 -20.23
C GLU A 73 45.10 38.79 -19.50
N ASP A 74 44.57 40.00 -19.61
CA ASP A 74 45.05 41.16 -18.88
C ASP A 74 44.97 41.00 -17.36
N ALA A 75 44.00 40.22 -16.91
CA ALA A 75 43.77 40.03 -15.49
C ALA A 75 44.60 38.87 -14.95
N GLY A 76 45.36 38.22 -15.83
CA GLY A 76 46.13 37.02 -15.48
C GLY A 76 45.25 35.78 -15.44
N LEU A 77 44.23 35.75 -16.29
CA LEU A 77 43.35 34.59 -16.43
C LEU A 77 43.33 34.12 -17.88
N VAL A 78 42.64 33.01 -18.14
CA VAL A 78 42.50 32.51 -19.50
C VAL A 78 41.02 32.30 -19.77
N TRP A 79 40.62 32.51 -21.02
CA TRP A 79 39.25 32.26 -21.40
C TRP A 79 39.16 30.79 -21.77
N SER A 80 38.55 30.02 -20.86
CA SER A 80 38.55 28.56 -20.92
C SER A 80 37.39 28.00 -21.73
N VAL A 81 36.19 28.48 -21.45
CA VAL A 81 34.98 27.92 -22.00
C VAL A 81 34.09 29.04 -22.48
N VAL A 82 33.36 28.79 -23.56
CA VAL A 82 32.31 29.67 -24.02
C VAL A 82 30.99 29.18 -23.44
N GLU A 83 30.21 30.10 -22.87
CA GLU A 83 28.87 29.77 -22.39
C GLU A 83 28.01 31.04 -22.43
N SER A 84 27.10 31.13 -23.40
CA SER A 84 26.91 30.14 -24.48
C SER A 84 26.99 30.80 -25.86
N VAL A 85 27.01 29.99 -26.92
CA VAL A 85 26.75 30.49 -28.25
C VAL A 85 25.27 30.21 -28.51
N PRO A 86 24.45 31.26 -28.61
CA PRO A 86 23.00 31.03 -28.65
C PRO A 86 22.53 30.38 -29.96
N ILE A 87 21.50 29.55 -29.84
CA ILE A 87 20.87 28.93 -31.00
C ILE A 87 19.55 29.66 -31.26
N HIS A 88 19.47 30.35 -32.39
CA HIS A 88 18.28 31.11 -32.78
C HIS A 88 17.03 30.22 -32.78
N GLU A 89 15.91 30.80 -32.36
CA GLU A 89 14.63 30.08 -32.29
C GLU A 89 14.18 29.50 -33.64
N ASP A 90 14.59 30.13 -34.72
CA ASP A 90 14.26 29.63 -36.07
C ASP A 90 14.87 28.26 -36.29
N ILE A 91 16.00 27.99 -35.64
CA ILE A 91 16.62 26.67 -35.69
C ILE A 91 15.79 25.66 -34.90
N LYS A 92 15.34 26.06 -33.71
CA LYS A 92 14.55 25.15 -32.87
C LYS A 92 13.16 24.86 -33.45
N THR A 93 12.54 25.84 -34.09
CA THR A 93 11.25 25.63 -34.74
C THR A 93 11.40 25.12 -36.17
N HIS A 94 12.63 25.19 -36.70
CA HIS A 94 12.94 24.83 -38.10
C HIS A 94 12.03 25.64 -39.04
N THR A 95 12.10 26.95 -38.91
CA THR A 95 11.33 27.88 -39.74
C THR A 95 12.22 29.07 -40.13
N GLY A 96 11.74 29.92 -41.04
CA GLY A 96 12.42 31.16 -41.40
C GLY A 96 13.88 31.02 -41.83
N ASN A 97 14.75 31.77 -41.16
CA ASN A 97 16.13 31.93 -41.61
C ASN A 97 17.14 30.90 -41.03
N TYR A 98 16.65 29.70 -40.71
CA TYR A 98 17.46 28.64 -40.08
C TYR A 98 18.77 28.31 -40.83
N GLU A 99 18.71 28.21 -42.15
CA GLU A 99 19.88 27.86 -42.95
C GLU A 99 21.01 28.90 -42.78
N GLN A 100 20.64 30.18 -42.71
CA GLN A 100 21.60 31.26 -42.51
C GLN A 100 22.17 31.25 -41.08
N TRP A 101 21.30 31.07 -40.09
CA TRP A 101 21.71 31.05 -38.70
C TRP A 101 22.71 29.92 -38.43
N ILE A 102 22.47 28.75 -39.03
CA ILE A 102 23.35 27.59 -38.94
C ILE A 102 24.71 27.89 -39.58
N ALA A 103 24.70 28.49 -40.76
CA ALA A 103 25.94 28.91 -41.42
C ALA A 103 26.76 29.85 -40.54
N ASN A 104 26.09 30.82 -39.90
CA ASN A 104 26.75 31.77 -39.01
C ASN A 104 27.33 31.12 -37.77
N TYR A 105 26.55 30.21 -37.17
CA TYR A 105 26.94 29.43 -36.01
C TYR A 105 28.21 28.66 -36.32
N GLN A 106 28.24 28.04 -37.50
CA GLN A 106 29.43 27.37 -38.00
C GLN A 106 30.65 28.29 -38.08
N GLN A 107 30.47 29.51 -38.56
CA GLN A 107 31.56 30.48 -38.70
C GLN A 107 32.02 31.02 -37.35
N THR A 108 31.07 31.19 -36.43
CA THR A 108 31.39 31.52 -35.05
C THR A 108 32.37 30.49 -34.49
N LEU A 109 32.13 29.21 -34.78
CA LEU A 109 32.97 28.15 -34.21
C LEU A 109 34.38 28.19 -34.82
N ARG A 110 34.44 28.36 -36.14
CA ARG A 110 35.69 28.60 -36.87
C ARG A 110 36.48 29.76 -36.24
N ASN A 111 35.80 30.88 -36.03
CA ASN A 111 36.42 32.06 -35.44
C ASN A 111 36.92 31.82 -34.04
N LEU A 112 36.09 31.17 -33.23
CA LEU A 112 36.45 30.79 -31.87
C LEU A 112 37.71 29.93 -31.81
N ALA A 113 37.76 28.87 -32.61
CA ALA A 113 38.92 27.98 -32.64
C ALA A 113 40.16 28.69 -33.16
N GLN A 114 39.96 29.58 -34.11
CA GLN A 114 41.07 30.35 -34.66
C GLN A 114 41.72 31.23 -33.57
N CYS A 115 40.92 31.62 -32.58
CA CYS A 115 41.41 32.39 -31.44
C CYS A 115 41.93 31.53 -30.27
N GLY A 116 41.77 30.22 -30.38
CA GLY A 116 42.27 29.30 -29.35
C GLY A 116 41.30 29.03 -28.22
N ILE A 117 40.01 29.17 -28.47
CA ILE A 117 38.98 28.86 -27.50
C ILE A 117 38.21 27.62 -27.96
N ARG A 118 38.41 26.51 -27.26
CA ARG A 118 38.09 25.20 -27.83
C ARG A 118 36.95 24.38 -27.18
N THR A 119 36.26 24.94 -26.19
CA THR A 119 35.10 24.28 -25.61
C THR A 119 33.88 25.19 -25.65
N VAL A 120 32.78 24.68 -26.22
CA VAL A 120 31.56 25.48 -26.31
C VAL A 120 30.33 24.81 -25.67
N CYS A 121 29.81 25.48 -24.65
CA CYS A 121 28.60 25.10 -23.95
C CYS A 121 27.39 25.75 -24.63
N TYR A 122 26.28 25.05 -24.72
CA TYR A 122 25.08 25.54 -25.41
C TYR A 122 23.88 24.74 -24.91
N ASN A 123 22.68 25.23 -25.18
CA ASN A 123 21.49 24.50 -24.78
C ASN A 123 20.43 24.45 -25.89
N PHE A 124 19.41 23.61 -25.70
CA PHE A 124 18.30 23.52 -26.66
C PHE A 124 16.95 23.62 -25.93
N MET A 125 16.95 24.37 -24.83
CA MET A 125 15.71 24.73 -24.15
C MET A 125 14.96 25.66 -25.11
N PRO A 126 13.70 25.29 -25.46
CA PRO A 126 12.91 26.09 -26.39
C PRO A 126 12.15 27.21 -25.69
N VAL A 127 12.15 28.39 -26.33
CA VAL A 127 11.49 29.61 -25.85
C VAL A 127 12.13 30.16 -24.58
N LEU A 128 11.98 29.44 -23.48
CA LEU A 128 12.56 29.82 -22.20
C LEU A 128 13.86 29.08 -21.96
N ASP A 129 14.76 29.77 -21.28
CA ASP A 129 16.01 29.20 -20.82
C ASP A 129 15.80 28.71 -19.37
N TRP A 130 16.83 28.78 -18.53
CA TRP A 130 16.71 28.24 -17.18
C TRP A 130 15.74 29.09 -16.33
N THR A 131 14.93 28.41 -15.53
CA THR A 131 13.70 29.02 -15.00
C THR A 131 13.54 28.90 -13.51
N ARG A 132 13.14 30.01 -12.89
CA ARG A 132 12.91 30.12 -11.45
C ARG A 132 11.70 31.04 -11.27
N THR A 133 10.97 30.85 -10.18
CA THR A 133 9.82 31.71 -9.89
C THR A 133 10.15 32.82 -8.91
N ASP A 134 11.17 32.60 -8.07
CA ASP A 134 11.52 33.52 -6.99
C ASP A 134 13.04 33.71 -7.00
N LEU A 135 13.45 34.98 -7.01
CA LEU A 135 14.86 35.32 -7.19
C LEU A 135 15.49 35.75 -5.89
N GLU A 136 14.69 35.76 -4.83
CA GLU A 136 15.11 36.41 -3.56
C GLU A 136 14.57 35.67 -2.36
N TYR A 137 14.61 34.35 -2.42
CA TYR A 137 14.06 33.54 -1.36
C TYR A 137 15.01 33.49 -0.16
N VAL A 138 14.55 34.00 0.99
CA VAL A 138 15.35 34.12 2.21
C VAL A 138 15.44 32.78 2.94
N LEU A 139 16.67 32.34 3.17
CA LEU A 139 16.96 31.08 3.84
C LEU A 139 17.07 31.38 5.32
N PRO A 140 17.02 30.36 6.19
CA PRO A 140 17.11 30.61 7.64
C PRO A 140 18.35 31.41 8.07
N ASP A 141 19.49 31.23 7.39
CA ASP A 141 20.69 32.01 7.75
C ASP A 141 20.62 33.48 7.31
N GLY A 142 19.56 33.84 6.58
CA GLY A 142 19.37 35.21 6.11
C GLY A 142 19.91 35.47 4.70
N SER A 143 20.58 34.50 4.12
CA SER A 143 21.05 34.66 2.75
C SER A 143 19.90 34.38 1.76
N LYS A 144 20.09 34.78 0.50
CA LYS A 144 19.02 34.66 -0.48
C LYS A 144 19.37 33.64 -1.56
N ALA A 145 18.39 32.82 -1.90
CA ALA A 145 18.55 31.77 -2.88
C ALA A 145 17.50 31.92 -3.99
N LEU A 146 17.76 31.31 -5.14
CA LEU A 146 16.78 31.18 -6.20
C LEU A 146 15.84 30.01 -5.87
N ARG A 147 14.60 30.04 -6.34
CA ARG A 147 13.66 28.99 -6.01
C ARG A 147 12.66 28.80 -7.13
N PHE A 148 12.28 27.56 -7.33
CA PHE A 148 11.25 27.23 -8.26
C PHE A 148 10.13 26.66 -7.45
N ASP A 149 9.10 27.47 -7.24
CA ASP A 149 7.94 27.07 -6.48
C ASP A 149 6.88 26.55 -7.45
N GLN A 150 6.61 25.25 -7.37
CA GLN A 150 5.61 24.63 -8.23
C GLN A 150 4.28 25.40 -8.21
N ILE A 151 3.86 25.85 -7.03
CA ILE A 151 2.59 26.55 -6.85
C ILE A 151 2.63 27.96 -7.45
N GLU A 152 3.73 28.69 -7.25
CA GLU A 152 3.95 29.98 -7.95
C GLU A 152 3.85 29.81 -9.47
N PHE A 153 4.51 28.79 -9.99
CA PHE A 153 4.53 28.49 -11.42
C PHE A 153 3.16 28.06 -11.96
N ALA A 154 2.41 27.27 -11.19
CA ALA A 154 1.05 26.90 -11.59
C ALA A 154 0.13 28.12 -11.63
N ALA A 155 0.33 29.01 -10.66
CA ALA A 155 -0.47 30.24 -10.59
C ALA A 155 -0.19 31.11 -11.82
N PHE A 156 1.08 31.21 -12.22
CA PHE A 156 1.45 31.92 -13.44
C PHE A 156 0.73 31.34 -14.67
N GLU A 157 0.90 30.04 -14.89
CA GLU A 157 0.37 29.34 -16.06
C GLU A 157 -1.14 29.38 -16.20
N MET A 158 -1.84 29.22 -15.09
CA MET A 158 -3.31 29.12 -15.11
C MET A 158 -4.06 30.42 -14.83
N HIS A 159 -3.42 31.38 -14.17
CA HIS A 159 -4.10 32.63 -13.81
C HIS A 159 -3.50 33.89 -14.44
N ILE A 160 -2.27 33.80 -14.92
CA ILE A 160 -1.64 34.95 -15.60
C ILE A 160 -1.45 34.67 -17.08
N LEU A 161 -0.64 33.68 -17.43
CA LEU A 161 -0.54 33.25 -18.83
C LEU A 161 -1.88 32.71 -19.37
N LYS A 162 -2.62 32.01 -18.51
CA LYS A 162 -3.90 31.38 -18.87
C LYS A 162 -3.76 30.47 -20.09
N ARG A 163 -2.76 29.58 -20.05
CA ARG A 163 -2.57 28.62 -21.13
C ARG A 163 -3.70 27.58 -21.08
N PRO A 164 -4.32 27.31 -22.25
CA PRO A 164 -5.26 26.18 -22.31
C PRO A 164 -4.50 24.93 -22.70
N GLY A 165 -4.78 23.79 -22.07
CA GLY A 165 -5.37 23.70 -20.76
C GLY A 165 -4.21 23.22 -19.89
N ALA A 166 -3.60 24.16 -19.18
CA ALA A 166 -2.41 23.89 -18.34
C ALA A 166 -2.72 22.97 -17.17
N GLU A 167 -4.01 22.82 -16.87
CA GLU A 167 -4.54 21.95 -15.81
C GLU A 167 -4.01 20.50 -15.89
N ALA A 168 -3.68 20.04 -17.09
CA ALA A 168 -3.19 18.68 -17.30
C ALA A 168 -1.80 18.42 -16.70
N ASP A 169 -1.01 19.48 -16.51
CA ASP A 169 0.33 19.34 -15.91
C ASP A 169 0.31 19.32 -14.38
N TYR A 170 -0.87 19.43 -13.77
CA TYR A 170 -0.96 19.62 -12.33
C TYR A 170 -1.93 18.66 -11.66
N THR A 171 -1.67 18.38 -10.39
CA THR A 171 -2.61 17.60 -9.58
C THR A 171 -3.76 18.50 -9.18
N GLU A 172 -4.89 17.89 -8.80
CA GLU A 172 -6.05 18.62 -8.29
C GLU A 172 -5.70 19.52 -7.11
N GLU A 173 -4.85 19.02 -6.23
CA GLU A 173 -4.43 19.74 -5.03
C GLU A 173 -3.57 20.96 -5.39
N GLU A 174 -2.67 20.81 -6.36
CA GLU A 174 -1.81 21.91 -6.84
C GLU A 174 -2.64 23.03 -7.49
N ILE A 175 -3.68 22.63 -8.21
CA ILE A 175 -4.62 23.55 -8.84
C ILE A 175 -5.37 24.38 -7.79
N ALA A 176 -5.87 23.71 -6.75
CA ALA A 176 -6.50 24.38 -5.61
C ALA A 176 -5.52 25.33 -4.92
N GLN A 177 -4.30 24.85 -4.70
CA GLN A 177 -3.25 25.65 -4.07
C GLN A 177 -2.86 26.85 -4.94
N ALA A 178 -2.80 26.68 -6.25
CA ALA A 178 -2.44 27.75 -7.17
C ALA A 178 -3.50 28.86 -7.14
N ALA A 179 -4.77 28.45 -7.10
CA ALA A 179 -5.88 29.40 -7.00
C ALA A 179 -5.79 30.19 -5.70
N GLU A 180 -5.34 29.55 -4.63
CA GLU A 180 -5.29 30.19 -3.33
C GLU A 180 -4.11 31.17 -3.25
N ARG A 181 -2.96 30.75 -3.76
CA ARG A 181 -1.76 31.58 -3.78
C ARG A 181 -2.00 32.85 -4.60
N PHE A 182 -2.59 32.69 -5.79
CA PHE A 182 -2.92 33.79 -6.68
C PHE A 182 -3.80 34.84 -6.00
N ALA A 183 -4.81 34.40 -5.26
CA ALA A 183 -5.70 35.34 -4.57
C ALA A 183 -4.99 36.17 -3.50
N THR A 184 -3.84 35.73 -3.01
CA THR A 184 -3.06 36.50 -2.02
C THR A 184 -2.00 37.41 -2.66
N MET A 185 -1.84 37.33 -3.98
CA MET A 185 -0.80 38.09 -4.68
C MET A 185 -1.20 39.54 -4.91
N SER A 186 -0.28 40.45 -4.64
CA SER A 186 -0.48 41.84 -5.01
C SER A 186 -0.27 42.01 -6.52
N ASP A 187 -0.62 43.19 -7.01
CA ASP A 187 -0.42 43.54 -8.42
C ASP A 187 1.07 43.39 -8.77
N GLU A 188 1.91 43.95 -7.91
CA GLU A 188 3.34 43.86 -8.10
C GLU A 188 3.89 42.43 -7.92
N ASP A 189 3.35 41.65 -6.97
CA ASP A 189 3.71 40.22 -6.84
C ASP A 189 3.51 39.53 -8.20
N LYS A 190 2.37 39.82 -8.85
CA LYS A 190 2.04 39.20 -10.14
C LYS A 190 2.95 39.68 -11.27
N ALA A 191 3.33 40.95 -11.24
CA ALA A 191 4.26 41.46 -12.23
C ALA A 191 5.64 40.85 -12.05
N ARG A 192 6.11 40.76 -10.80
CA ARG A 192 7.41 40.21 -10.50
C ARG A 192 7.51 38.71 -10.88
N LEU A 193 6.50 37.94 -10.53
CA LEU A 193 6.42 36.54 -10.90
C LEU A 193 6.57 36.38 -12.42
N THR A 194 5.84 37.22 -13.15
CA THR A 194 5.84 37.18 -14.61
C THR A 194 7.21 37.49 -15.22
N ARG A 195 7.82 38.61 -14.84
CA ARG A 195 9.18 38.96 -15.26
C ARG A 195 10.18 37.85 -14.89
N ASN A 196 10.10 37.36 -13.66
CA ASN A 196 10.96 36.28 -13.19
C ASN A 196 10.97 35.09 -14.17
N ILE A 197 9.80 34.75 -14.70
CA ILE A 197 9.64 33.58 -15.51
C ILE A 197 10.03 33.84 -16.97
N ILE A 198 9.71 35.02 -17.50
CA ILE A 198 9.83 35.23 -18.96
C ILE A 198 10.84 36.26 -19.46
N ALA A 199 11.40 37.09 -18.58
CA ALA A 199 12.23 38.18 -19.07
C ALA A 199 13.69 37.73 -19.29
N GLY A 200 14.02 36.55 -18.78
CA GLY A 200 15.37 36.03 -18.93
C GLY A 200 16.23 36.26 -17.70
N LEU A 201 16.76 35.17 -17.15
CA LEU A 201 17.72 35.27 -16.07
C LEU A 201 19.15 35.44 -16.64
N PRO A 202 20.14 35.70 -15.78
CA PRO A 202 21.52 35.85 -16.28
C PRO A 202 21.95 34.66 -17.14
N GLY A 203 22.51 34.96 -18.31
CA GLY A 203 22.94 33.94 -19.25
C GLY A 203 21.95 33.65 -20.37
N ALA A 204 20.67 33.94 -20.13
CA ALA A 204 19.62 33.75 -21.14
C ALA A 204 19.77 34.74 -22.31
N GLU A 205 19.55 34.23 -23.52
CA GLU A 205 19.70 35.05 -24.73
C GLU A 205 18.34 35.43 -25.33
N GLU A 206 17.28 35.13 -24.59
CA GLU A 206 15.92 35.49 -24.99
C GLU A 206 15.17 36.15 -23.83
N GLY A 207 14.37 37.16 -24.14
CA GLY A 207 13.52 37.80 -23.15
C GLY A 207 12.20 38.22 -23.77
N TYR A 208 11.11 38.14 -23.01
CA TYR A 208 9.79 38.43 -23.56
C TYR A 208 8.88 39.27 -22.66
N THR A 209 8.01 40.05 -23.29
CA THR A 209 6.81 40.57 -22.63
C THR A 209 5.79 39.43 -22.70
N LEU A 210 4.72 39.51 -21.90
CA LEU A 210 3.72 38.46 -21.88
C LEU A 210 3.10 38.20 -23.26
N ASP A 211 2.78 39.27 -23.98
CA ASP A 211 2.27 39.18 -25.34
C ASP A 211 3.23 38.50 -26.32
N GLN A 212 4.48 38.97 -26.35
CA GLN A 212 5.53 38.36 -27.17
C GLN A 212 5.66 36.88 -26.84
N PHE A 213 5.60 36.56 -25.54
CA PHE A 213 5.74 35.19 -25.04
C PHE A 213 4.60 34.30 -25.53
N ARG A 214 3.39 34.83 -25.47
CA ARG A 214 2.21 34.06 -25.80
C ARG A 214 2.16 33.74 -27.30
N LYS A 215 2.60 34.67 -28.14
CA LYS A 215 2.60 34.40 -29.57
C LYS A 215 3.79 33.54 -29.98
N HIS A 216 4.85 33.57 -29.18
CA HIS A 216 5.99 32.70 -29.43
C HIS A 216 5.67 31.23 -29.13
N LEU A 217 4.88 30.97 -28.09
CA LEU A 217 4.41 29.62 -27.78
C LEU A 217 3.64 28.94 -28.92
N GLU A 218 2.92 29.75 -29.71
CA GLU A 218 2.10 29.24 -30.82
C GLU A 218 2.95 28.59 -31.92
N LEU A 219 4.19 29.04 -32.09
CA LEU A 219 5.12 28.43 -33.05
C LEU A 219 5.38 26.96 -32.71
N TYR A 220 5.04 26.56 -31.49
CA TYR A 220 5.26 25.19 -31.01
C TYR A 220 3.98 24.37 -30.83
N LYS A 221 2.90 24.73 -31.50
CA LYS A 221 1.65 23.96 -31.36
C LYS A 221 1.67 22.60 -32.05
N ASP A 222 2.48 22.45 -33.09
CA ASP A 222 2.64 21.17 -33.79
C ASP A 222 4.03 20.55 -33.56
N ILE A 223 4.74 21.04 -32.55
CA ILE A 223 6.09 20.57 -32.28
C ILE A 223 6.12 19.81 -30.95
N ASP A 224 6.12 18.49 -31.05
CA ASP A 224 6.20 17.59 -29.90
C ASP A 224 7.66 17.16 -29.66
N LYS A 225 7.89 16.30 -28.68
CA LYS A 225 9.22 15.80 -28.36
C LYS A 225 9.98 15.27 -29.57
N ALA A 226 9.30 14.43 -30.37
CA ALA A 226 9.89 13.82 -31.56
C ALA A 226 10.29 14.87 -32.60
N LYS A 227 9.44 15.86 -32.82
CA LYS A 227 9.73 16.91 -33.79
C LYS A 227 10.90 17.80 -33.36
N LEU A 228 10.96 18.12 -32.07
CA LEU A 228 12.05 18.93 -31.54
C LEU A 228 13.39 18.20 -31.69
N ARG A 229 13.36 16.89 -31.46
CA ARG A 229 14.53 16.05 -31.64
C ARG A 229 15.02 16.09 -33.08
N GLU A 230 14.08 16.02 -34.03
CA GLU A 230 14.37 16.16 -35.46
C GLU A 230 15.02 17.49 -35.79
N ASN A 231 14.54 18.57 -35.18
CA ASN A 231 15.09 19.89 -35.42
C ASN A 231 16.48 20.00 -34.84
N PHE A 232 16.67 19.42 -33.66
CA PHE A 232 17.98 19.36 -33.01
C PHE A 232 18.97 18.56 -33.85
N ALA A 233 18.52 17.44 -34.40
CA ALA A 233 19.37 16.60 -35.26
C ALA A 233 19.89 17.35 -36.48
N VAL A 234 19.05 18.20 -37.06
CA VAL A 234 19.47 19.01 -38.21
C VAL A 234 20.62 19.91 -37.78
N PHE A 235 20.48 20.52 -36.61
CA PHE A 235 21.53 21.37 -36.08
C PHE A 235 22.82 20.60 -35.81
N LEU A 236 22.72 19.50 -35.05
CA LEU A 236 23.89 18.72 -34.69
C LEU A 236 24.67 18.25 -35.92
N LYS A 237 23.97 17.64 -36.88
CA LYS A 237 24.63 17.10 -38.08
C LYS A 237 25.31 18.19 -38.91
N ALA A 238 24.85 19.44 -38.76
CA ALA A 238 25.46 20.55 -39.48
C ALA A 238 26.65 21.13 -38.71
N ILE A 239 26.52 21.21 -37.39
CA ILE A 239 27.50 21.87 -36.52
C ILE A 239 28.68 21.01 -36.05
N ILE A 240 28.40 19.77 -35.68
CA ILE A 240 29.41 18.86 -35.13
C ILE A 240 30.59 18.58 -36.10
N PRO A 241 30.30 18.29 -37.39
CA PRO A 241 31.44 18.09 -38.31
C PRO A 241 32.35 19.31 -38.43
N VAL A 242 31.78 20.50 -38.34
CA VAL A 242 32.56 21.74 -38.34
C VAL A 242 33.36 21.85 -37.04
N ALA A 243 32.71 21.56 -35.92
CA ALA A 243 33.36 21.56 -34.61
C ALA A 243 34.51 20.57 -34.61
N GLU A 244 34.28 19.38 -35.16
CA GLU A 244 35.30 18.34 -35.16
C GLU A 244 36.48 18.73 -36.06
N GLU A 245 36.16 19.24 -37.25
CA GLU A 245 37.14 19.67 -38.24
C GLU A 245 38.10 20.71 -37.68
N VAL A 246 37.58 21.56 -36.83
CA VAL A 246 38.28 22.74 -36.38
C VAL A 246 38.88 22.57 -34.98
N GLY A 247 38.62 21.42 -34.35
CA GLY A 247 39.15 21.12 -33.02
C GLY A 247 38.42 21.75 -31.84
N VAL A 248 37.11 21.98 -31.99
CA VAL A 248 36.27 22.48 -30.90
C VAL A 248 35.42 21.33 -30.37
N ARG A 249 35.23 21.29 -29.06
CA ARG A 249 34.36 20.31 -28.44
C ARG A 249 33.09 20.97 -27.93
N MET A 250 31.94 20.42 -28.29
CA MET A 250 30.65 20.97 -27.90
C MET A 250 30.18 20.29 -26.62
N ALA A 251 29.62 21.05 -25.69
CA ALA A 251 29.21 20.49 -24.41
C ALA A 251 27.81 20.96 -24.06
N VAL A 252 26.81 20.16 -24.43
CA VAL A 252 25.42 20.54 -24.23
C VAL A 252 25.05 20.67 -22.74
N HIS A 253 24.41 21.79 -22.40
CA HIS A 253 23.86 21.99 -21.07
C HIS A 253 22.42 21.43 -21.02
N PRO A 254 22.08 20.72 -19.95
CA PRO A 254 20.76 20.15 -19.78
C PRO A 254 19.69 21.22 -19.53
N ASP A 255 18.44 20.80 -19.73
CA ASP A 255 17.25 21.58 -19.40
C ASP A 255 17.17 21.87 -17.90
N ASP A 256 16.75 23.08 -17.53
CA ASP A 256 16.65 23.52 -16.15
C ASP A 256 15.35 24.33 -15.95
N PRO A 257 14.34 23.73 -15.28
CA PRO A 257 14.29 22.36 -14.78
C PRO A 257 14.20 21.32 -15.92
N PRO A 258 14.65 20.08 -15.66
CA PRO A 258 14.66 19.04 -16.69
C PRO A 258 13.30 18.34 -16.80
N ARG A 259 12.25 19.14 -17.00
CA ARG A 259 10.92 18.61 -17.27
C ARG A 259 10.20 19.52 -18.27
N PRO A 260 9.22 18.96 -19.01
CA PRO A 260 8.47 19.79 -19.97
C PRO A 260 7.59 20.80 -19.26
N ILE A 261 7.82 22.08 -19.51
CA ILE A 261 6.98 23.11 -18.93
C ILE A 261 6.23 23.86 -20.01
N LEU A 262 5.03 24.35 -19.70
CA LEU A 262 4.26 25.24 -20.58
C LEU A 262 3.73 24.54 -21.83
N GLY A 263 3.60 23.23 -21.77
CA GLY A 263 3.15 22.47 -22.93
C GLY A 263 4.22 22.30 -24.02
N LEU A 264 5.47 22.66 -23.69
CA LEU A 264 6.59 22.55 -24.64
C LEU A 264 7.49 21.40 -24.24
N PRO A 265 8.08 20.69 -25.22
CA PRO A 265 8.96 19.59 -24.85
C PRO A 265 10.30 20.12 -24.30
N ARG A 266 10.98 19.33 -23.48
CA ARG A 266 12.36 19.62 -23.08
C ARG A 266 13.16 18.35 -23.27
N ILE A 267 14.16 18.38 -24.16
CA ILE A 267 14.75 17.14 -24.69
C ILE A 267 16.21 16.89 -24.30
N VAL A 268 16.70 17.58 -23.28
CA VAL A 268 18.03 17.31 -22.71
C VAL A 268 17.89 17.23 -21.19
N SER A 269 17.12 16.25 -20.75
CA SER A 269 16.67 16.13 -19.36
C SER A 269 17.10 14.84 -18.65
N THR A 270 17.37 13.78 -19.41
CA THR A 270 17.59 12.44 -18.83
C THR A 270 18.72 11.72 -19.55
N ILE A 271 19.09 10.55 -19.05
CA ILE A 271 20.15 9.74 -19.64
C ILE A 271 19.74 9.19 -21.04
N GLU A 272 18.44 8.93 -21.22
CA GLU A 272 17.89 8.59 -22.52
C GLU A 272 18.19 9.69 -23.55
N ASP A 273 18.05 10.94 -23.12
CA ASP A 273 18.33 12.06 -24.01
C ASP A 273 19.80 12.16 -24.36
N MET A 274 20.67 11.93 -23.38
CA MET A 274 22.11 11.91 -23.64
C MET A 274 22.48 10.77 -24.60
N GLN A 275 21.84 9.61 -24.45
CA GLN A 275 22.07 8.46 -25.30
C GLN A 275 21.57 8.76 -26.71
N TRP A 276 20.45 9.47 -26.80
CA TRP A 276 19.88 9.87 -28.08
C TRP A 276 20.85 10.75 -28.85
N MET A 277 21.46 11.71 -28.16
CA MET A 277 22.42 12.60 -28.79
C MET A 277 23.64 11.88 -29.37
N VAL A 278 24.15 10.90 -28.64
CA VAL A 278 25.26 10.10 -29.10
C VAL A 278 24.85 9.22 -30.30
N ASP A 279 23.64 8.64 -30.25
CA ASP A 279 23.11 7.83 -31.36
C ASP A 279 22.86 8.66 -32.62
N THR A 280 22.65 9.96 -32.43
CA THR A 280 22.36 10.86 -33.52
C THR A 280 23.64 11.33 -34.21
N VAL A 281 24.65 11.71 -33.42
CA VAL A 281 25.96 12.06 -33.96
C VAL A 281 27.07 11.43 -33.13
N ASN A 282 27.79 10.49 -33.73
CA ASN A 282 28.82 9.71 -33.04
C ASN A 282 30.13 10.43 -32.74
N SER A 283 30.47 11.44 -33.54
CA SER A 283 31.72 12.18 -33.36
C SER A 283 31.95 12.59 -31.89
N MET A 284 33.21 12.57 -31.47
CA MET A 284 33.56 12.93 -30.08
C MET A 284 33.41 14.42 -29.80
N ALA A 285 33.38 15.24 -30.86
CA ALA A 285 33.09 16.65 -30.74
C ALA A 285 31.69 16.89 -30.15
N ASN A 286 30.86 15.86 -30.15
CA ASN A 286 29.51 15.95 -29.63
C ASN A 286 29.48 15.49 -28.17
N GLY A 287 29.58 16.44 -27.24
CA GLY A 287 29.64 16.10 -25.81
C GLY A 287 28.72 16.88 -24.91
N PHE A 288 29.04 16.85 -23.61
CA PHE A 288 28.14 17.28 -22.55
C PHE A 288 28.74 18.21 -21.48
N THR A 289 27.93 19.15 -21.00
CA THR A 289 28.15 19.84 -19.74
C THR A 289 27.41 19.06 -18.65
N MET A 290 28.14 18.52 -17.69
CA MET A 290 27.47 17.82 -16.61
C MET A 290 27.07 18.86 -15.60
N CYS A 291 25.84 19.37 -15.74
CA CYS A 291 25.29 20.29 -14.74
C CYS A 291 24.51 19.52 -13.69
N THR A 292 25.10 19.39 -12.50
CA THR A 292 24.48 18.61 -11.44
C THR A 292 23.30 19.32 -10.81
N GLY A 293 23.32 20.64 -10.79
CA GLY A 293 22.18 21.41 -10.34
C GLY A 293 20.93 21.12 -11.16
N SER A 294 21.09 21.07 -12.47
CA SER A 294 19.96 20.88 -13.37
C SER A 294 19.52 19.41 -13.45
N TYR A 295 20.41 18.48 -13.80
CA TYR A 295 20.02 17.07 -13.85
C TYR A 295 19.48 16.58 -12.50
N GLY A 296 20.03 17.12 -11.41
CA GLY A 296 19.71 16.69 -10.05
C GLY A 296 18.36 17.13 -9.51
N VAL A 297 17.68 18.05 -10.21
CA VAL A 297 16.34 18.47 -9.86
C VAL A 297 15.36 17.29 -9.75
N ARG A 298 15.49 16.30 -10.63
CA ARG A 298 14.60 15.13 -10.61
C ARG A 298 15.33 13.88 -10.07
N ALA A 299 14.68 13.20 -9.12
CA ALA A 299 15.35 12.16 -8.32
C ALA A 299 15.78 10.94 -9.14
N ASP A 300 15.12 10.74 -10.27
CA ASP A 300 15.37 9.60 -11.13
C ASP A 300 16.63 9.69 -12.02
N ASN A 301 17.28 10.86 -12.01
CA ASN A 301 18.56 11.00 -12.70
C ASN A 301 19.68 10.52 -11.80
N ASP A 302 20.41 9.52 -12.25
CA ASP A 302 21.54 9.00 -11.50
C ASP A 302 22.78 9.71 -12.02
N LEU A 303 23.18 10.78 -11.32
CA LEU A 303 24.27 11.62 -11.76
C LEU A 303 25.57 10.85 -11.90
N VAL A 304 25.85 9.96 -10.94
CA VAL A 304 27.08 9.19 -10.94
C VAL A 304 27.13 8.21 -12.11
N ASP A 305 26.00 7.58 -12.41
CA ASP A 305 25.92 6.66 -13.54
C ASP A 305 26.09 7.41 -14.85
N MET A 306 25.46 8.58 -14.93
CA MET A 306 25.59 9.48 -16.06
C MET A 306 27.05 9.81 -16.36
N ILE A 307 27.85 10.02 -15.32
CA ILE A 307 29.27 10.31 -15.48
C ILE A 307 30.08 9.05 -15.83
N LYS A 308 29.72 7.92 -15.21
CA LYS A 308 30.32 6.63 -15.59
C LYS A 308 30.07 6.28 -17.06
N GLN A 309 28.84 6.42 -17.53
CA GLN A 309 28.52 6.05 -18.89
C GLN A 309 29.06 7.05 -19.91
N PHE A 310 28.91 8.34 -19.64
CA PHE A 310 29.21 9.39 -20.62
C PHE A 310 30.47 10.23 -20.33
N GLY A 311 31.24 9.80 -19.33
CA GLY A 311 32.50 10.45 -18.96
C GLY A 311 33.44 10.89 -20.08
N PRO A 312 33.73 9.98 -21.04
CA PRO A 312 34.61 10.37 -22.15
C PRO A 312 34.14 11.62 -22.91
N ARG A 313 32.83 11.87 -22.89
CA ARG A 313 32.22 13.00 -23.61
C ARG A 313 31.89 14.21 -22.72
N ILE A 314 32.21 14.12 -21.42
CA ILE A 314 31.94 15.23 -20.50
C ILE A 314 33.11 16.23 -20.57
N TYR A 315 32.82 17.43 -21.09
CA TYR A 315 33.87 18.39 -21.37
C TYR A 315 33.79 19.65 -20.50
N PHE A 316 32.87 19.65 -19.55
CA PHE A 316 32.56 20.80 -18.71
C PHE A 316 31.61 20.35 -17.62
N THR A 317 31.81 20.84 -16.39
CA THR A 317 30.89 20.54 -15.30
C THR A 317 30.46 21.79 -14.56
N HIS A 318 29.19 21.81 -14.16
CA HIS A 318 28.63 22.80 -13.26
C HIS A 318 28.38 22.05 -11.98
N LEU A 319 29.10 22.39 -10.91
CA LEU A 319 29.00 21.65 -9.66
C LEU A 319 28.26 22.44 -8.59
N ARG A 320 26.94 22.42 -8.69
CA ARG A 320 26.07 23.07 -7.70
C ARG A 320 24.98 22.08 -7.29
N SER A 321 24.19 22.44 -6.29
CA SER A 321 23.17 21.54 -5.82
C SER A 321 21.81 22.19 -5.59
N THR A 322 20.74 21.44 -5.81
CA THR A 322 19.40 21.91 -5.47
C THR A 322 18.78 21.04 -4.36
N MET A 323 17.70 21.54 -3.77
CA MET A 323 16.98 20.84 -2.70
C MET A 323 15.50 20.79 -3.09
N ARG A 324 14.98 19.58 -3.30
CA ARG A 324 13.55 19.35 -3.50
C ARG A 324 12.83 19.45 -2.16
N GLU A 325 11.64 20.05 -2.16
CA GLU A 325 10.86 20.28 -0.95
C GLU A 325 9.71 19.28 -0.85
N ASP A 326 8.78 19.49 0.08
CA ASP A 326 7.64 18.59 0.32
C ASP A 326 6.93 18.18 -0.98
N ASN A 327 6.65 19.16 -1.83
CA ASN A 327 6.20 18.91 -3.19
C ASN A 327 7.47 18.77 -4.04
N PRO A 328 7.73 17.54 -4.56
CA PRO A 328 9.03 17.26 -5.18
C PRO A 328 9.32 18.08 -6.46
N LYS A 329 8.33 18.76 -7.01
CA LYS A 329 8.60 19.66 -8.14
C LYS A 329 9.02 21.07 -7.71
N THR A 330 8.82 21.39 -6.43
CA THR A 330 9.35 22.60 -5.82
C THR A 330 10.81 22.38 -5.42
N PHE A 331 11.70 23.24 -5.88
CA PHE A 331 13.08 23.15 -5.45
C PHE A 331 13.69 24.53 -5.27
N HIS A 332 14.67 24.59 -4.38
CA HIS A 332 15.47 25.81 -4.23
C HIS A 332 16.93 25.43 -4.30
N GLU A 333 17.75 26.43 -4.54
CA GLU A 333 19.16 26.22 -4.62
C GLU A 333 19.75 26.06 -3.23
N ALA A 334 20.46 24.95 -3.04
CA ALA A 334 21.04 24.57 -1.77
C ALA A 334 22.47 25.06 -1.66
N ALA A 335 23.04 25.03 -0.47
CA ALA A 335 24.50 25.08 -0.32
C ALA A 335 25.10 23.85 -1.06
N HIS A 336 26.29 24.04 -1.65
CA HIS A 336 26.89 23.03 -2.54
C HIS A 336 26.98 21.61 -1.94
N LEU A 337 27.21 21.50 -0.64
CA LEU A 337 27.44 20.20 -0.02
C LEU A 337 26.22 19.73 0.75
N ASN A 338 25.18 20.55 0.81
CA ASN A 338 24.04 20.24 1.67
C ASN A 338 22.69 20.12 0.95
N GLY A 339 22.74 19.79 -0.33
CA GLY A 339 21.50 19.57 -1.12
C GLY A 339 21.31 18.12 -1.55
N ASP A 340 20.50 17.91 -2.58
CA ASP A 340 20.20 16.55 -3.02
C ASP A 340 21.37 15.85 -3.71
N VAL A 341 22.30 16.63 -4.29
CA VAL A 341 23.46 16.09 -4.98
C VAL A 341 24.43 15.53 -3.96
N ASP A 342 24.79 14.26 -4.11
CA ASP A 342 25.85 13.71 -3.30
C ASP A 342 27.17 14.19 -3.92
N MET A 343 27.67 15.31 -3.41
CA MET A 343 28.80 15.97 -4.06
C MET A 343 30.10 15.12 -3.99
N TYR A 344 30.33 14.45 -2.86
CA TYR A 344 31.43 13.49 -2.74
C TYR A 344 31.45 12.47 -3.88
N GLU A 345 30.31 11.84 -4.15
CA GLU A 345 30.26 10.75 -5.15
C GLU A 345 30.41 11.31 -6.54
N VAL A 346 29.81 12.47 -6.79
CA VAL A 346 29.93 13.14 -8.08
C VAL A 346 31.39 13.53 -8.40
N VAL A 347 32.04 14.21 -7.47
CA VAL A 347 33.45 14.58 -7.67
C VAL A 347 34.35 13.36 -7.82
N LYS A 348 34.08 12.31 -7.05
CA LYS A 348 34.86 11.09 -7.17
C LYS A 348 34.79 10.54 -8.61
N ALA A 349 33.59 10.54 -9.18
CA ALA A 349 33.40 9.97 -10.51
C ALA A 349 34.12 10.82 -11.56
N ILE A 350 34.05 12.13 -11.43
CA ILE A 350 34.77 13.03 -12.33
C ILE A 350 36.27 12.82 -12.25
N VAL A 351 36.78 12.69 -11.03
CA VAL A 351 38.21 12.50 -10.84
C VAL A 351 38.66 11.18 -11.47
N GLU A 352 37.84 10.15 -11.28
CA GLU A 352 38.10 8.85 -11.89
C GLU A 352 38.10 8.93 -13.42
N GLU A 353 37.19 9.72 -13.99
CA GLU A 353 37.18 9.93 -15.43
C GLU A 353 38.45 10.63 -15.92
N GLU A 354 38.91 11.67 -15.20
CA GLU A 354 40.13 12.38 -15.59
C GLU A 354 41.33 11.43 -15.53
N HIS A 355 41.35 10.56 -14.53
CA HIS A 355 42.43 9.60 -14.39
C HIS A 355 42.44 8.48 -15.42
N ARG A 356 41.27 8.08 -15.93
CA ARG A 356 41.28 7.10 -17.01
C ARG A 356 41.76 7.70 -18.33
N ARG A 357 41.38 8.94 -18.60
CA ARG A 357 41.99 9.69 -19.71
C ARG A 357 43.52 9.66 -19.62
N LYS A 358 44.05 10.02 -18.46
CA LYS A 358 45.49 10.03 -18.23
C LYS A 358 46.13 8.65 -18.43
N ALA A 359 45.41 7.59 -18.03
CA ALA A 359 45.87 6.21 -18.18
C ALA A 359 45.84 5.74 -19.63
N GLU A 360 44.90 6.27 -20.41
CA GLU A 360 44.86 6.01 -21.86
C GLU A 360 45.91 6.82 -22.61
N GLY A 361 46.72 7.59 -21.88
CA GLY A 361 47.88 8.27 -22.46
C GLY A 361 47.80 9.79 -22.58
N LYS A 362 46.59 10.35 -22.59
CA LYS A 362 46.45 11.78 -22.86
C LYS A 362 46.78 12.71 -21.66
N GLU A 363 45.78 12.97 -20.80
CA GLU A 363 45.80 13.99 -19.73
C GLU A 363 44.94 15.15 -20.24
N ASP A 364 43.71 15.22 -19.75
CA ASP A 364 42.71 16.08 -20.33
C ASP A 364 41.67 16.42 -19.28
N LEU A 365 41.99 17.41 -18.45
CA LEU A 365 41.15 17.78 -17.30
C LEU A 365 39.78 18.29 -17.75
N ILE A 366 38.81 18.17 -16.86
CA ILE A 366 37.46 18.66 -17.09
C ILE A 366 37.25 19.99 -16.34
N PRO A 367 37.11 21.08 -17.08
CA PRO A 367 36.87 22.35 -16.38
C PRO A 367 35.59 22.31 -15.54
N MET A 368 35.66 22.91 -14.35
CA MET A 368 34.45 23.10 -13.52
C MET A 368 34.20 24.58 -13.22
N ARG A 369 32.93 24.90 -13.01
CA ARG A 369 32.57 26.17 -12.37
C ARG A 369 31.53 25.89 -11.27
N PRO A 370 31.53 26.70 -10.20
CA PRO A 370 30.57 26.52 -9.10
C PRO A 370 29.11 26.79 -9.48
N ASP A 371 28.93 27.44 -10.63
CA ASP A 371 27.62 27.65 -11.25
C ASP A 371 26.73 28.74 -10.62
N HIS A 372 26.09 28.47 -9.48
CA HIS A 372 25.26 29.50 -8.81
C HIS A 372 25.67 29.59 -7.37
N GLY A 373 25.40 30.71 -6.72
CA GLY A 373 25.68 30.83 -5.30
C GLY A 373 24.54 31.55 -4.61
N HIS A 374 24.47 31.42 -3.30
CA HIS A 374 23.53 32.21 -2.54
C HIS A 374 24.07 33.65 -2.46
N GLN A 375 23.14 34.58 -2.26
CA GLN A 375 23.46 35.99 -2.07
C GLN A 375 23.68 36.18 -0.60
N MET A 376 24.89 36.55 -0.21
CA MET A 376 25.26 36.55 1.21
C MET A 376 26.28 37.61 1.58
N LEU A 377 26.44 37.85 2.87
CA LEU A 377 27.36 38.89 3.35
C LEU A 377 27.18 40.19 2.54
N ASP A 378 28.26 40.79 2.04
CA ASP A 378 28.18 42.11 1.43
C ASP A 378 27.21 42.17 0.27
N ASP A 379 27.10 41.06 -0.44
CA ASP A 379 26.25 40.97 -1.62
C ASP A 379 24.75 41.18 -1.32
N LEU A 380 24.32 40.99 -0.07
CA LEU A 380 22.93 41.24 0.31
C LEU A 380 22.52 42.71 0.15
N LYS A 381 23.49 43.63 0.16
CA LYS A 381 23.22 45.06 0.03
C LYS A 381 23.32 45.52 -1.43
N LYS A 382 23.51 44.59 -2.36
CA LYS A 382 23.74 44.94 -3.75
C LYS A 382 22.56 44.54 -4.61
N LYS A 383 22.42 45.22 -5.74
CA LYS A 383 21.61 44.73 -6.86
C LYS A 383 22.49 43.75 -7.64
N THR A 384 22.14 42.47 -7.60
CA THR A 384 22.99 41.40 -8.14
C THR A 384 22.33 40.74 -9.32
N ASN A 385 23.15 40.14 -10.18
CA ASN A 385 22.69 39.16 -11.16
C ASN A 385 22.28 37.91 -10.41
N PRO A 386 21.01 37.53 -10.48
CA PRO A 386 20.55 36.36 -9.71
C PRO A 386 21.06 35.01 -10.24
N GLY A 387 21.55 34.08 -9.44
CA GLY A 387 22.35 34.29 -8.29
C GLY A 387 23.75 34.05 -8.86
N TYR A 388 24.31 35.12 -9.41
CA TYR A 388 25.66 35.14 -9.87
C TYR A 388 26.40 36.19 -9.06
N SER A 389 26.01 36.35 -7.80
CA SER A 389 26.80 37.18 -6.88
C SER A 389 28.13 36.47 -6.58
N ALA A 390 29.11 37.20 -6.05
CA ALA A 390 30.46 36.65 -5.90
C ALA A 390 30.66 35.73 -4.69
N ILE A 391 30.31 36.21 -3.49
CA ILE A 391 30.66 35.51 -2.26
C ILE A 391 30.10 34.06 -2.18
N GLY A 392 28.82 33.88 -2.47
CA GLY A 392 28.23 32.53 -2.49
C GLY A 392 28.88 31.58 -3.50
N ARG A 393 29.25 32.12 -4.63
CA ARG A 393 29.94 31.33 -5.63
C ARG A 393 31.37 31.02 -5.19
N LEU A 394 32.05 31.98 -4.53
CA LEU A 394 33.36 31.72 -3.95
C LEU A 394 33.29 30.58 -2.93
N LYS A 395 32.28 30.61 -2.07
CA LYS A 395 32.06 29.57 -1.06
C LYS A 395 31.86 28.18 -1.66
N GLY A 396 30.98 28.05 -2.65
CA GLY A 396 30.82 26.79 -3.38
C GLY A 396 32.10 26.32 -4.04
N LEU A 397 32.84 27.24 -4.69
CA LEU A 397 34.09 26.87 -5.31
C LEU A 397 35.05 26.27 -4.27
N ALA A 398 35.17 26.93 -3.11
CA ALA A 398 36.06 26.48 -2.04
C ALA A 398 35.67 25.13 -1.44
N GLU A 399 34.37 24.91 -1.27
CA GLU A 399 33.86 23.65 -0.79
C GLU A 399 34.22 22.51 -1.72
N VAL A 400 34.05 22.72 -3.02
CA VAL A 400 34.29 21.69 -4.02
C VAL A 400 35.79 21.42 -4.22
N ARG A 401 36.59 22.49 -4.20
CA ARG A 401 38.03 22.43 -4.17
C ARG A 401 38.50 21.47 -3.09
N GLY A 402 37.92 21.58 -1.90
CA GLY A 402 38.34 20.78 -0.76
C GLY A 402 37.99 19.31 -0.97
N VAL A 403 36.74 19.05 -1.37
CA VAL A 403 36.29 17.71 -1.63
C VAL A 403 37.25 17.03 -2.63
N GLU A 404 37.53 17.71 -3.74
CA GLU A 404 38.32 17.18 -4.84
C GLU A 404 39.74 16.90 -4.41
N LEU A 405 40.33 17.83 -3.68
CA LEU A 405 41.66 17.62 -3.12
C LEU A 405 41.73 16.38 -2.23
N ALA A 406 40.75 16.20 -1.34
CA ALA A 406 40.76 15.03 -0.46
C ALA A 406 40.59 13.71 -1.26
N ILE A 407 39.67 13.69 -2.23
CA ILE A 407 39.56 12.55 -3.16
C ILE A 407 40.87 12.25 -3.92
N GLN A 408 41.57 13.29 -4.40
CA GLN A 408 42.90 13.09 -5.02
C GLN A 408 43.86 12.42 -4.06
N ARG A 409 43.91 12.89 -2.81
CA ARG A 409 44.86 12.34 -1.86
C ARG A 409 44.47 10.92 -1.35
N ALA A 410 43.17 10.71 -1.11
CA ALA A 410 42.70 9.40 -0.63
C ALA A 410 42.82 8.28 -1.69
N PHE A 411 42.53 8.60 -2.95
CA PHE A 411 42.43 7.58 -3.99
C PHE A 411 43.51 7.61 -5.07
N PHE A 412 44.28 8.70 -5.18
CA PHE A 412 45.17 8.88 -6.33
C PHE A 412 46.51 9.52 -6.00
N SER A 413 47.07 9.19 -4.84
CA SER A 413 48.33 9.82 -4.44
C SER A 413 49.54 8.89 -4.68
N SER B 19 -3.18 -2.47 -41.88
CA SER B 19 -2.72 -1.18 -42.46
C SER B 19 -2.04 -0.19 -41.46
N HIS B 20 -2.68 0.12 -40.34
CA HIS B 20 -2.09 0.99 -39.30
C HIS B 20 -1.88 0.29 -37.95
N MET B 21 -2.31 -0.97 -37.90
CA MET B 21 -2.10 -1.84 -36.74
C MET B 21 -0.59 -2.00 -36.52
N GLU B 22 -0.17 -1.95 -35.25
CA GLU B 22 1.23 -2.13 -34.91
C GLU B 22 1.63 -3.60 -35.01
N GLN B 23 2.23 -3.96 -36.13
CA GLN B 23 2.54 -5.35 -36.43
C GLN B 23 3.99 -5.66 -36.13
N THR B 24 4.20 -6.61 -35.21
CA THR B 24 5.53 -6.98 -34.76
C THR B 24 5.77 -8.47 -34.94
N TRP B 25 7.03 -8.87 -34.75
CA TRP B 25 7.45 -10.22 -35.10
C TRP B 25 8.61 -10.63 -34.18
N ARG B 26 8.52 -11.84 -33.62
CA ARG B 26 9.58 -12.33 -32.75
C ARG B 26 10.75 -12.88 -33.55
N TRP B 27 11.92 -12.30 -33.33
CA TRP B 27 13.13 -12.66 -34.03
C TRP B 27 14.15 -12.98 -32.96
N TYR B 28 14.74 -14.18 -33.02
CA TYR B 28 15.67 -14.63 -31.97
C TYR B 28 17.07 -14.06 -32.08
N GLY B 29 17.40 -13.38 -33.16
CA GLY B 29 18.72 -12.77 -33.29
C GLY B 29 19.52 -13.28 -34.46
N PRO B 30 20.82 -12.92 -34.51
CA PRO B 30 21.68 -13.36 -35.63
C PRO B 30 21.62 -14.85 -36.00
N ASN B 31 21.33 -15.72 -35.05
CA ASN B 31 21.28 -17.17 -35.35
C ASN B 31 19.90 -17.71 -35.78
N ASP B 32 18.89 -16.84 -35.75
CA ASP B 32 17.54 -17.22 -36.18
C ASP B 32 17.55 -17.62 -37.66
N PRO B 33 17.05 -18.82 -38.01
CA PRO B 33 17.03 -19.11 -39.45
C PRO B 33 16.08 -18.18 -40.22
N VAL B 34 15.16 -17.51 -39.52
CA VAL B 34 14.34 -16.45 -40.11
C VAL B 34 15.11 -15.13 -40.09
N SER B 35 15.30 -14.55 -41.27
CA SER B 35 16.05 -13.31 -41.41
C SER B 35 15.16 -12.06 -41.25
N LEU B 36 15.81 -10.92 -41.04
CA LEU B 36 15.10 -9.63 -40.93
C LEU B 36 14.45 -9.21 -42.26
N ALA B 37 15.03 -9.65 -43.38
CA ALA B 37 14.40 -9.45 -44.68
C ALA B 37 13.07 -10.22 -44.72
N ASP B 38 13.08 -11.46 -44.23
CA ASP B 38 11.85 -12.26 -44.13
C ASP B 38 10.78 -11.50 -43.33
N VAL B 39 11.21 -10.94 -42.18
CA VAL B 39 10.36 -10.13 -41.31
C VAL B 39 9.74 -8.94 -42.03
N ARG B 40 10.54 -8.14 -42.75
CA ARG B 40 10.01 -6.98 -43.51
C ARG B 40 8.99 -7.49 -44.51
N GLN B 41 9.37 -8.54 -45.24
CA GLN B 41 8.55 -9.05 -46.33
C GLN B 41 7.22 -9.66 -45.86
N ALA B 42 7.16 -10.12 -44.62
CA ALA B 42 5.89 -10.61 -44.04
C ALA B 42 5.00 -9.43 -43.65
N GLY B 43 5.57 -8.23 -43.61
CA GLY B 43 4.82 -7.02 -43.33
C GLY B 43 4.88 -6.52 -41.90
N ALA B 44 5.79 -7.07 -41.08
CA ALA B 44 6.03 -6.51 -39.76
C ALA B 44 6.85 -5.20 -39.81
N THR B 45 6.59 -4.29 -38.86
CA THR B 45 7.31 -3.01 -38.83
C THR B 45 8.19 -2.93 -37.58
N GLY B 46 7.87 -3.79 -36.61
CA GLY B 46 8.63 -3.87 -35.38
C GLY B 46 9.09 -5.30 -35.16
N VAL B 47 10.18 -5.41 -34.41
CA VAL B 47 10.76 -6.68 -33.98
C VAL B 47 10.56 -6.80 -32.46
N VAL B 48 10.20 -8.00 -32.03
CA VAL B 48 10.18 -8.37 -30.62
C VAL B 48 11.38 -9.29 -30.46
N THR B 49 12.20 -9.02 -29.45
CA THR B 49 13.43 -9.78 -29.27
C THR B 49 13.93 -9.66 -27.84
N ALA B 50 14.98 -10.42 -27.53
CA ALA B 50 15.60 -10.44 -26.21
C ALA B 50 17.06 -10.79 -26.38
N LEU B 51 17.90 -10.45 -25.40
CA LEU B 51 19.31 -10.84 -25.47
C LEU B 51 19.49 -12.25 -24.91
N HIS B 52 19.17 -13.25 -25.74
CA HIS B 52 19.14 -14.64 -25.30
C HIS B 52 20.51 -15.21 -24.91
N HIS B 53 21.58 -14.57 -25.36
CA HIS B 53 22.94 -15.02 -25.07
C HIS B 53 23.45 -14.53 -23.71
N ILE B 54 22.63 -13.80 -22.96
CA ILE B 54 23.08 -13.28 -21.67
C ILE B 54 22.48 -14.10 -20.52
N PRO B 55 23.36 -14.65 -19.64
CA PRO B 55 22.91 -15.56 -18.58
C PRO B 55 21.77 -15.00 -17.77
N ASN B 56 20.83 -15.87 -17.43
CA ASN B 56 19.69 -15.56 -16.60
C ASN B 56 20.12 -14.79 -15.36
N GLY B 57 19.52 -13.63 -15.17
CA GLY B 57 19.77 -12.89 -13.96
C GLY B 57 20.86 -11.84 -14.06
N GLU B 58 21.72 -11.94 -15.06
CA GLU B 58 22.76 -10.93 -15.29
C GLU B 58 22.14 -9.66 -15.90
N VAL B 59 22.80 -8.52 -15.72
CA VAL B 59 22.34 -7.24 -16.29
C VAL B 59 22.52 -7.26 -17.82
N TRP B 60 21.56 -6.74 -18.57
CA TRP B 60 21.74 -6.46 -19.99
C TRP B 60 22.39 -5.08 -20.10
N SER B 61 23.60 -5.04 -20.64
CA SER B 61 24.33 -3.78 -20.72
C SER B 61 23.72 -2.87 -21.80
N VAL B 62 23.97 -1.57 -21.69
CA VAL B 62 23.56 -0.61 -22.69
C VAL B 62 24.22 -0.98 -24.03
N GLU B 63 25.51 -1.31 -23.96
CA GLU B 63 26.31 -1.71 -25.14
C GLU B 63 25.67 -2.89 -25.93
N GLU B 64 25.30 -3.94 -25.21
CA GLU B 64 24.66 -5.08 -25.82
C GLU B 64 23.26 -4.75 -26.36
N ILE B 65 22.48 -3.96 -25.62
CA ILE B 65 21.19 -3.50 -26.09
C ILE B 65 21.31 -2.72 -27.41
N LEU B 66 22.24 -1.78 -27.47
CA LEU B 66 22.43 -0.96 -28.67
C LEU B 66 22.91 -1.79 -29.85
N LYS B 67 23.72 -2.81 -29.58
CA LYS B 67 24.21 -3.67 -30.61
C LYS B 67 23.02 -4.37 -31.30
N ARG B 68 22.08 -4.90 -30.51
CA ARG B 68 20.91 -5.59 -31.07
C ARG B 68 20.00 -4.61 -31.82
N LYS B 69 19.83 -3.44 -31.23
CA LYS B 69 19.04 -2.35 -31.81
C LYS B 69 19.59 -1.89 -33.17
N ALA B 70 20.89 -1.64 -33.24
CA ALA B 70 21.56 -1.28 -34.51
C ALA B 70 21.31 -2.28 -35.65
N ILE B 71 21.50 -3.58 -35.37
CA ILE B 71 21.31 -4.63 -36.36
C ILE B 71 19.90 -4.60 -36.94
N ILE B 72 18.92 -4.44 -36.06
CA ILE B 72 17.49 -4.36 -36.41
C ILE B 72 17.19 -3.11 -37.28
N GLU B 73 17.67 -1.97 -36.82
CA GLU B 73 17.48 -0.72 -37.57
C GLU B 73 18.18 -0.74 -38.94
N ASP B 74 19.30 -1.45 -39.04
CA ASP B 74 19.99 -1.63 -40.33
C ASP B 74 19.09 -2.28 -41.38
N ALA B 75 18.21 -3.17 -40.91
CA ALA B 75 17.23 -3.84 -41.74
C ALA B 75 16.00 -2.98 -42.04
N GLY B 76 15.94 -1.77 -41.49
CA GLY B 76 14.78 -0.90 -41.69
C GLY B 76 13.60 -1.24 -40.78
N LEU B 77 13.89 -1.88 -39.66
CA LEU B 77 12.86 -2.18 -38.68
C LEU B 77 13.20 -1.45 -37.40
N VAL B 78 12.35 -1.60 -36.38
CA VAL B 78 12.61 -1.06 -35.04
C VAL B 78 12.40 -2.11 -33.96
N TRP B 79 13.13 -1.98 -32.85
CA TRP B 79 12.96 -2.87 -31.71
C TRP B 79 11.87 -2.34 -30.77
N SER B 80 10.68 -2.95 -30.83
CA SER B 80 9.48 -2.42 -30.18
C SER B 80 9.22 -2.99 -28.79
N VAL B 81 9.37 -4.30 -28.66
CA VAL B 81 8.99 -5.03 -27.45
C VAL B 81 10.11 -5.97 -27.05
N VAL B 82 10.40 -6.04 -25.75
CA VAL B 82 11.32 -7.05 -25.22
C VAL B 82 10.54 -8.31 -24.85
N GLU B 83 10.97 -9.48 -25.32
CA GLU B 83 10.36 -10.75 -24.91
C GLU B 83 11.40 -11.87 -24.87
N SER B 84 11.86 -12.26 -23.69
CA SER B 84 11.51 -11.70 -22.39
C SER B 84 12.77 -11.33 -21.67
N VAL B 85 12.63 -10.59 -20.57
CA VAL B 85 13.67 -10.51 -19.57
C VAL B 85 13.31 -11.58 -18.55
N PRO B 86 14.14 -12.65 -18.46
CA PRO B 86 13.85 -13.82 -17.64
C PRO B 86 13.99 -13.56 -16.14
N ILE B 87 13.11 -14.19 -15.37
CA ILE B 87 13.15 -14.10 -13.93
C ILE B 87 13.79 -15.36 -13.38
N HIS B 88 14.90 -15.19 -12.68
CA HIS B 88 15.68 -16.28 -12.10
C HIS B 88 14.80 -17.13 -11.16
N GLU B 89 15.01 -18.44 -11.19
CA GLU B 89 14.31 -19.36 -10.28
C GLU B 89 14.54 -19.05 -8.80
N ASP B 90 15.64 -18.38 -8.50
CA ASP B 90 15.87 -17.90 -7.14
C ASP B 90 14.80 -16.89 -6.72
N ILE B 91 14.34 -16.06 -7.66
CA ILE B 91 13.28 -15.11 -7.37
C ILE B 91 11.97 -15.86 -7.16
N LYS B 92 11.75 -16.91 -7.96
CA LYS B 92 10.50 -17.64 -7.93
C LYS B 92 10.38 -18.53 -6.68
N THR B 93 11.52 -19.07 -6.25
CA THR B 93 11.58 -19.91 -5.06
C THR B 93 11.82 -19.07 -3.81
N HIS B 94 12.28 -17.84 -4.00
CA HIS B 94 12.64 -16.94 -2.90
C HIS B 94 13.78 -17.49 -2.04
N THR B 95 14.83 -17.95 -2.73
CA THR B 95 16.04 -18.47 -2.07
C THR B 95 17.29 -17.93 -2.77
N GLY B 96 18.45 -18.45 -2.38
CA GLY B 96 19.72 -18.09 -3.01
C GLY B 96 19.97 -16.60 -3.12
N ASN B 97 20.36 -16.14 -4.31
CA ASN B 97 20.74 -14.73 -4.47
C ASN B 97 19.66 -13.85 -5.11
N TYR B 98 18.40 -14.09 -4.72
CA TYR B 98 17.27 -13.43 -5.32
C TYR B 98 17.30 -11.90 -5.24
N GLU B 99 17.91 -11.35 -4.19
CA GLU B 99 17.98 -9.89 -4.03
C GLU B 99 18.94 -9.24 -5.05
N GLN B 100 19.99 -9.94 -5.44
CA GLN B 100 20.90 -9.45 -6.47
C GLN B 100 20.28 -9.61 -7.85
N TRP B 101 19.58 -10.72 -8.09
CA TRP B 101 18.86 -10.91 -9.34
C TRP B 101 17.78 -9.84 -9.54
N ILE B 102 17.14 -9.44 -8.45
CA ILE B 102 16.11 -8.40 -8.51
C ILE B 102 16.73 -7.05 -8.85
N ALA B 103 17.83 -6.72 -8.19
CA ALA B 103 18.58 -5.50 -8.48
C ALA B 103 19.05 -5.47 -9.93
N ASN B 104 19.50 -6.63 -10.42
CA ASN B 104 19.95 -6.76 -11.80
C ASN B 104 18.82 -6.53 -12.79
N TYR B 105 17.65 -7.10 -12.50
CA TYR B 105 16.46 -6.90 -13.31
C TYR B 105 16.15 -5.41 -13.41
N GLN B 106 16.20 -4.73 -12.28
CA GLN B 106 15.96 -3.30 -12.19
C GLN B 106 16.89 -2.53 -13.12
N GLN B 107 18.16 -2.91 -13.13
CA GLN B 107 19.15 -2.21 -13.96
C GLN B 107 18.90 -2.45 -15.45
N THR B 108 18.52 -3.67 -15.79
CA THR B 108 18.16 -4.00 -17.17
C THR B 108 17.03 -3.10 -17.69
N LEU B 109 16.01 -2.89 -16.85
CA LEU B 109 14.91 -2.02 -17.19
C LEU B 109 15.37 -0.58 -17.43
N ARG B 110 16.17 -0.03 -16.50
CA ARG B 110 16.74 1.31 -16.67
C ARG B 110 17.56 1.39 -17.96
N ASN B 111 18.34 0.35 -18.24
CA ASN B 111 19.15 0.28 -19.45
C ASN B 111 18.32 0.23 -20.74
N LEU B 112 17.25 -0.58 -20.74
CA LEU B 112 16.33 -0.63 -21.88
C LEU B 112 15.70 0.74 -22.13
N ALA B 113 15.25 1.40 -21.05
CA ALA B 113 14.68 2.74 -21.15
C ALA B 113 15.69 3.74 -21.70
N GLN B 114 16.94 3.63 -21.30
CA GLN B 114 17.98 4.49 -21.83
C GLN B 114 18.06 4.39 -23.36
N CYS B 115 17.82 3.19 -23.89
CA CYS B 115 17.93 2.93 -25.33
C CYS B 115 16.59 3.08 -26.07
N GLY B 116 15.57 3.54 -25.37
CA GLY B 116 14.29 3.79 -26.02
C GLY B 116 13.38 2.57 -26.12
N ILE B 117 13.72 1.47 -25.47
CA ILE B 117 12.83 0.32 -25.52
C ILE B 117 11.96 0.33 -24.25
N ARG B 118 10.64 0.27 -24.45
CA ARG B 118 9.68 0.70 -23.41
C ARG B 118 8.58 -0.27 -23.07
N THR B 119 8.60 -1.47 -23.67
CA THR B 119 7.64 -2.52 -23.32
C THR B 119 8.38 -3.84 -23.07
N VAL B 120 8.05 -4.50 -21.98
CA VAL B 120 8.76 -5.70 -21.55
C VAL B 120 7.82 -6.84 -21.19
N CYS B 121 7.79 -7.86 -22.03
CA CYS B 121 7.06 -9.08 -21.76
C CYS B 121 7.89 -9.99 -20.87
N TYR B 122 7.22 -10.72 -19.98
CA TYR B 122 7.89 -11.65 -19.06
C TYR B 122 6.84 -12.65 -18.59
N ASN B 123 7.27 -13.71 -17.93
CA ASN B 123 6.32 -14.61 -17.29
C ASN B 123 6.74 -15.06 -15.89
N PHE B 124 5.81 -15.66 -15.15
CA PHE B 124 6.13 -16.16 -13.82
C PHE B 124 5.79 -17.65 -13.75
N MET B 125 6.04 -18.37 -14.84
CA MET B 125 5.85 -19.81 -14.88
C MET B 125 7.00 -20.52 -14.15
N PRO B 126 6.68 -21.37 -13.17
CA PRO B 126 7.75 -21.95 -12.36
C PRO B 126 8.32 -23.20 -13.00
N VAL B 127 9.65 -23.30 -13.01
CA VAL B 127 10.41 -24.46 -13.55
C VAL B 127 10.34 -24.60 -15.08
N LEU B 128 9.15 -24.92 -15.57
CA LEU B 128 8.92 -25.04 -17.00
C LEU B 128 8.27 -23.76 -17.51
N ASP B 129 8.63 -23.38 -18.74
CA ASP B 129 8.01 -22.28 -19.46
C ASP B 129 6.87 -22.91 -20.28
N TRP B 130 6.56 -22.37 -21.44
CA TRP B 130 5.44 -22.89 -22.24
C TRP B 130 5.70 -24.33 -22.72
N THR B 131 4.64 -25.14 -22.73
CA THR B 131 4.79 -26.57 -22.75
C THR B 131 3.92 -27.25 -23.78
N ARG B 132 4.54 -28.16 -24.54
CA ARG B 132 3.89 -29.00 -25.53
C ARG B 132 4.48 -30.41 -25.45
N THR B 133 3.72 -31.43 -25.83
CA THR B 133 4.26 -32.80 -25.82
C THR B 133 4.75 -33.24 -27.19
N ASP B 134 4.18 -32.65 -28.25
CA ASP B 134 4.44 -33.06 -29.64
C ASP B 134 4.73 -31.82 -30.45
N LEU B 135 5.87 -31.82 -31.13
CA LEU B 135 6.32 -30.64 -31.85
C LEU B 135 6.15 -30.81 -33.37
N GLU B 136 5.63 -31.96 -33.80
CA GLU B 136 5.57 -32.30 -35.22
C GLU B 136 4.26 -32.99 -35.58
N TYR B 137 3.17 -32.44 -35.05
CA TYR B 137 1.90 -33.07 -35.23
C TYR B 137 1.34 -32.73 -36.62
N VAL B 138 1.16 -33.76 -37.45
CA VAL B 138 0.74 -33.57 -38.84
C VAL B 138 -0.77 -33.33 -38.97
N LEU B 139 -1.11 -32.20 -39.59
CA LEU B 139 -2.49 -31.84 -39.81
C LEU B 139 -2.99 -32.41 -41.13
N PRO B 140 -4.31 -32.39 -41.37
CA PRO B 140 -4.80 -33.00 -42.63
C PRO B 140 -4.19 -32.42 -43.93
N ASP B 141 -3.80 -31.14 -43.91
CA ASP B 141 -3.18 -30.54 -45.09
C ASP B 141 -1.67 -30.88 -45.25
N GLY B 142 -1.10 -31.53 -44.25
CA GLY B 142 0.31 -31.91 -44.31
C GLY B 142 1.24 -30.94 -43.57
N SER B 143 0.70 -29.80 -43.12
CA SER B 143 1.49 -28.89 -42.30
C SER B 143 1.64 -29.48 -40.90
N LYS B 144 2.64 -29.02 -40.16
CA LYS B 144 2.88 -29.53 -38.81
C LYS B 144 2.53 -28.50 -37.75
N ALA B 145 1.80 -28.94 -36.73
CA ALA B 145 1.42 -28.08 -35.61
C ALA B 145 2.11 -28.56 -34.34
N LEU B 146 2.15 -27.69 -33.33
CA LEU B 146 2.47 -28.10 -31.98
C LEU B 146 1.19 -28.59 -31.29
N ARG B 147 1.33 -29.54 -30.37
CA ARG B 147 0.18 -30.15 -29.72
C ARG B 147 0.51 -30.49 -28.27
N PHE B 148 -0.44 -30.26 -27.37
CA PHE B 148 -0.35 -30.76 -26.00
C PHE B 148 -1.32 -31.94 -25.81
N ASP B 149 -0.77 -33.15 -25.76
CA ASP B 149 -1.60 -34.34 -25.62
C ASP B 149 -1.63 -34.74 -24.17
N GLN B 150 -2.82 -34.62 -23.59
CA GLN B 150 -3.05 -34.93 -22.19
C GLN B 150 -2.53 -36.32 -21.83
N ILE B 151 -2.83 -37.31 -22.67
CA ILE B 151 -2.39 -38.69 -22.44
C ILE B 151 -0.86 -38.83 -22.57
N GLU B 152 -0.25 -38.12 -23.52
CA GLU B 152 1.20 -38.11 -23.64
C GLU B 152 1.82 -37.51 -22.37
N PHE B 153 1.27 -36.37 -21.91
CA PHE B 153 1.77 -35.73 -20.71
C PHE B 153 1.59 -36.64 -19.48
N ALA B 154 0.42 -37.25 -19.35
CA ALA B 154 0.15 -38.18 -18.26
C ALA B 154 1.11 -39.36 -18.26
N ALA B 155 1.41 -39.90 -19.44
CA ALA B 155 2.39 -40.99 -19.57
C ALA B 155 3.78 -40.54 -19.08
N PHE B 156 4.17 -39.31 -19.40
CA PHE B 156 5.46 -38.79 -18.96
C PHE B 156 5.48 -38.66 -17.44
N GLU B 157 4.45 -38.04 -16.88
CA GLU B 157 4.40 -37.82 -15.44
C GLU B 157 4.43 -39.12 -14.63
N MET B 158 3.63 -40.09 -15.02
CA MET B 158 3.46 -41.30 -14.22
C MET B 158 4.40 -42.44 -14.60
N HIS B 159 4.96 -42.40 -15.81
CA HIS B 159 5.80 -43.52 -16.28
C HIS B 159 7.25 -43.20 -16.62
N ILE B 160 7.57 -41.92 -16.77
CA ILE B 160 8.96 -41.52 -17.01
C ILE B 160 9.48 -40.73 -15.82
N LEU B 161 8.79 -39.65 -15.48
CA LEU B 161 9.11 -38.87 -14.30
C LEU B 161 8.78 -39.67 -13.05
N LYS B 162 7.66 -40.40 -13.10
CA LYS B 162 7.19 -41.19 -11.97
C LYS B 162 7.05 -40.32 -10.72
N ARG B 163 6.44 -39.14 -10.91
CA ARG B 163 6.17 -38.23 -9.79
C ARG B 163 5.20 -38.88 -8.81
N PRO B 164 5.57 -38.92 -7.52
CA PRO B 164 4.70 -39.52 -6.51
C PRO B 164 3.41 -38.70 -6.36
N GLY B 165 2.28 -39.38 -6.51
CA GLY B 165 0.97 -38.77 -6.33
C GLY B 165 0.46 -37.99 -7.52
N ALA B 166 1.07 -38.21 -8.68
CA ALA B 166 0.65 -37.55 -9.92
C ALA B 166 -0.73 -38.01 -10.39
N GLU B 167 -1.16 -39.18 -9.91
CA GLU B 167 -2.42 -39.81 -10.29
C GLU B 167 -3.62 -38.99 -9.83
N ALA B 168 -3.38 -38.03 -8.93
CA ALA B 168 -4.43 -37.14 -8.43
C ALA B 168 -4.86 -36.14 -9.49
N ASP B 169 -4.02 -35.94 -10.50
CA ASP B 169 -4.30 -34.93 -11.53
C ASP B 169 -5.09 -35.48 -12.72
N TYR B 170 -5.41 -36.78 -12.68
CA TYR B 170 -5.99 -37.44 -13.85
C TYR B 170 -7.21 -38.27 -13.49
N THR B 171 -8.11 -38.42 -14.46
CA THR B 171 -9.26 -39.28 -14.25
C THR B 171 -8.84 -40.72 -14.42
N GLU B 172 -9.61 -41.61 -13.82
CA GLU B 172 -9.41 -43.04 -13.93
C GLU B 172 -9.14 -43.43 -15.38
N GLU B 173 -9.94 -42.93 -16.32
CA GLU B 173 -9.84 -43.21 -17.75
C GLU B 173 -8.52 -42.73 -18.38
N GLU B 174 -8.05 -41.57 -17.95
CA GLU B 174 -6.79 -41.01 -18.46
C GLU B 174 -5.58 -41.86 -18.01
N ILE B 175 -5.64 -42.41 -16.80
CA ILE B 175 -4.55 -43.21 -16.26
C ILE B 175 -4.41 -44.53 -17.04
N ALA B 176 -5.55 -45.15 -17.34
CA ALA B 176 -5.58 -46.36 -18.13
C ALA B 176 -5.05 -46.09 -19.53
N GLN B 177 -5.52 -45.01 -20.15
CA GLN B 177 -5.04 -44.58 -21.47
C GLN B 177 -3.54 -44.25 -21.50
N ALA B 178 -3.03 -43.67 -20.42
CA ALA B 178 -1.61 -43.30 -20.32
C ALA B 178 -0.71 -44.53 -20.22
N ALA B 179 -1.16 -45.54 -19.47
CA ALA B 179 -0.42 -46.79 -19.31
C ALA B 179 -0.37 -47.55 -20.62
N GLU B 180 -1.48 -47.53 -21.35
CA GLU B 180 -1.60 -48.15 -22.66
C GLU B 180 -0.70 -47.44 -23.70
N ARG B 181 -0.74 -46.11 -23.72
CA ARG B 181 0.09 -45.36 -24.65
C ARG B 181 1.57 -45.63 -24.38
N PHE B 182 1.96 -45.60 -23.10
CA PHE B 182 3.34 -45.86 -22.71
C PHE B 182 3.77 -47.24 -23.18
N ALA B 183 2.94 -48.25 -22.92
CA ALA B 183 3.25 -49.63 -23.29
C ALA B 183 3.59 -49.82 -24.77
N THR B 184 3.26 -48.85 -25.61
CA THR B 184 3.55 -48.95 -27.05
C THR B 184 4.54 -47.92 -27.60
N MET B 185 5.10 -47.08 -26.73
CA MET B 185 6.16 -46.14 -27.13
C MET B 185 7.50 -46.84 -27.36
N SER B 186 8.19 -46.42 -28.41
CA SER B 186 9.57 -46.86 -28.66
C SER B 186 10.49 -46.15 -27.66
N ASP B 187 11.73 -46.64 -27.51
CA ASP B 187 12.72 -45.96 -26.68
C ASP B 187 12.89 -44.53 -27.10
N GLU B 188 12.99 -44.33 -28.40
CA GLU B 188 13.14 -43.01 -28.94
C GLU B 188 11.89 -42.13 -28.71
N ASP B 189 10.68 -42.69 -28.86
CA ASP B 189 9.42 -41.97 -28.46
C ASP B 189 9.53 -41.34 -27.05
N LYS B 190 9.99 -42.16 -26.10
CA LYS B 190 10.09 -41.78 -24.68
C LYS B 190 11.12 -40.67 -24.45
N ALA B 191 12.27 -40.79 -25.13
CA ALA B 191 13.28 -39.75 -25.06
C ALA B 191 12.78 -38.46 -25.70
N ARG B 192 12.11 -38.57 -26.85
CA ARG B 192 11.60 -37.40 -27.55
C ARG B 192 10.57 -36.67 -26.70
N LEU B 193 9.61 -37.44 -26.19
CA LEU B 193 8.58 -36.90 -25.28
C LEU B 193 9.19 -36.14 -24.12
N THR B 194 10.15 -36.78 -23.44
CA THR B 194 10.87 -36.18 -22.32
C THR B 194 11.51 -34.86 -22.71
N ARG B 195 12.36 -34.89 -23.74
CA ARG B 195 13.03 -33.71 -24.26
C ARG B 195 12.02 -32.59 -24.60
N ASN B 196 10.93 -32.94 -25.28
CA ASN B 196 9.89 -31.96 -25.65
C ASN B 196 9.36 -31.19 -24.45
N ILE B 197 9.17 -31.90 -23.33
CA ILE B 197 8.59 -31.29 -22.15
C ILE B 197 9.62 -30.52 -21.30
N ILE B 198 10.85 -31.03 -21.23
CA ILE B 198 11.80 -30.43 -20.28
C ILE B 198 13.03 -29.71 -20.85
N ALA B 199 13.37 -29.92 -22.12
CA ALA B 199 14.56 -29.28 -22.69
C ALA B 199 14.41 -27.78 -22.93
N GLY B 200 13.17 -27.28 -22.95
CA GLY B 200 12.92 -25.88 -23.27
C GLY B 200 12.60 -25.66 -24.74
N LEU B 201 11.50 -24.96 -25.00
CA LEU B 201 11.05 -24.65 -26.36
C LEU B 201 11.52 -23.23 -26.72
N PRO B 202 11.45 -22.85 -27.99
CA PRO B 202 11.92 -21.51 -28.37
C PRO B 202 11.40 -20.41 -27.43
N GLY B 203 12.31 -19.58 -26.97
CA GLY B 203 11.96 -18.47 -26.11
C GLY B 203 12.09 -18.78 -24.63
N ALA B 204 12.08 -20.07 -24.30
CA ALA B 204 12.25 -20.51 -22.90
C ALA B 204 13.67 -20.22 -22.46
N GLU B 205 13.83 -19.89 -21.19
CA GLU B 205 15.14 -19.49 -20.70
C GLU B 205 15.72 -20.49 -19.72
N GLU B 206 15.07 -21.65 -19.63
CA GLU B 206 15.53 -22.76 -18.78
C GLU B 206 15.48 -24.07 -19.56
N GLY B 207 16.42 -24.97 -19.27
CA GLY B 207 16.50 -26.28 -19.94
C GLY B 207 17.05 -27.34 -18.98
N TYR B 208 16.46 -28.54 -19.03
CA TYR B 208 16.83 -29.61 -18.08
C TYR B 208 17.11 -30.97 -18.70
N THR B 209 18.01 -31.72 -18.07
CA THR B 209 18.03 -33.17 -18.18
C THR B 209 17.03 -33.66 -17.16
N LEU B 210 16.57 -34.91 -17.31
CA LEU B 210 15.57 -35.46 -16.38
C LEU B 210 16.04 -35.43 -14.93
N ASP B 211 17.31 -35.77 -14.70
CA ASP B 211 17.92 -35.63 -13.38
C ASP B 211 17.83 -34.22 -12.82
N GLN B 212 18.32 -33.23 -13.56
CA GLN B 212 18.23 -31.81 -13.15
C GLN B 212 16.81 -31.35 -12.86
N PHE B 213 15.85 -31.88 -13.60
CA PHE B 213 14.46 -31.50 -13.46
C PHE B 213 13.87 -31.97 -12.13
N ARG B 214 14.46 -33.00 -11.54
CA ARG B 214 13.78 -33.80 -10.50
C ARG B 214 13.40 -33.32 -9.08
N LYS B 215 14.24 -32.80 -8.18
CA LYS B 215 15.52 -32.08 -8.28
C LYS B 215 15.25 -30.59 -8.31
N HIS B 216 14.72 -30.10 -9.41
CA HIS B 216 14.28 -28.73 -9.37
C HIS B 216 12.89 -28.65 -8.77
N LEU B 217 12.09 -29.68 -9.02
CA LEU B 217 10.71 -29.75 -8.48
C LEU B 217 10.67 -29.77 -6.96
N GLU B 218 11.69 -30.34 -6.33
CA GLU B 218 11.72 -30.42 -4.87
C GLU B 218 12.18 -29.12 -4.19
N LEU B 219 12.53 -28.10 -4.99
CA LEU B 219 12.67 -26.76 -4.45
C LEU B 219 11.28 -26.15 -4.22
N TYR B 220 10.27 -26.76 -4.83
CA TYR B 220 8.89 -26.28 -4.76
C TYR B 220 7.99 -27.16 -3.89
N LYS B 221 8.57 -28.07 -3.11
CA LYS B 221 7.78 -28.99 -2.27
C LYS B 221 6.89 -28.29 -1.23
N ASP B 222 7.29 -27.10 -0.79
CA ASP B 222 6.53 -26.33 0.19
C ASP B 222 6.02 -24.99 -0.36
N ILE B 223 6.05 -24.84 -1.68
CA ILE B 223 5.49 -23.66 -2.35
C ILE B 223 4.16 -24.01 -3.03
N ASP B 224 3.08 -23.58 -2.41
CA ASP B 224 1.75 -23.73 -2.98
C ASP B 224 1.37 -22.47 -3.73
N LYS B 225 0.11 -22.36 -4.16
CA LYS B 225 -0.36 -21.19 -4.90
C LYS B 225 -0.10 -19.92 -4.09
N ALA B 226 -0.64 -19.86 -2.88
CA ALA B 226 -0.47 -18.70 -2.00
C ALA B 226 1.00 -18.27 -1.86
N LYS B 227 1.89 -19.25 -1.72
CA LYS B 227 3.32 -18.96 -1.53
C LYS B 227 3.95 -18.37 -2.80
N LEU B 228 3.67 -18.99 -3.94
CA LEU B 228 4.17 -18.49 -5.21
C LEU B 228 3.68 -17.06 -5.46
N ARG B 229 2.41 -16.80 -5.11
CA ARG B 229 1.86 -15.45 -5.08
C ARG B 229 2.68 -14.46 -4.23
N GLU B 230 2.98 -14.83 -2.98
CA GLU B 230 3.82 -14.00 -2.11
C GLU B 230 5.17 -13.67 -2.77
N ASN B 231 5.82 -14.68 -3.34
CA ASN B 231 7.11 -14.48 -4.01
C ASN B 231 7.01 -13.54 -5.21
N PHE B 232 5.94 -13.69 -5.97
CA PHE B 232 5.67 -12.82 -7.11
C PHE B 232 5.42 -11.39 -6.66
N ALA B 233 4.65 -11.23 -5.58
CA ALA B 233 4.43 -9.93 -4.95
C ALA B 233 5.73 -9.23 -4.57
N VAL B 234 6.70 -9.97 -4.04
CA VAL B 234 8.01 -9.42 -3.71
C VAL B 234 8.72 -8.95 -4.98
N PHE B 235 8.58 -9.72 -6.06
CA PHE B 235 9.15 -9.30 -7.33
C PHE B 235 8.46 -8.04 -7.86
N LEU B 236 7.13 -7.98 -7.74
CA LEU B 236 6.36 -6.89 -8.36
C LEU B 236 6.53 -5.57 -7.63
N LYS B 237 6.59 -5.64 -6.30
CA LYS B 237 6.74 -4.44 -5.48
C LYS B 237 8.11 -3.80 -5.65
N ALA B 238 9.09 -4.59 -6.08
CA ALA B 238 10.44 -4.09 -6.32
C ALA B 238 10.67 -3.63 -7.77
N ILE B 239 10.02 -4.28 -8.73
CA ILE B 239 10.27 -4.02 -10.14
C ILE B 239 9.36 -2.94 -10.73
N ILE B 240 8.08 -2.97 -10.39
CA ILE B 240 7.12 -2.03 -10.98
C ILE B 240 7.45 -0.55 -10.73
N PRO B 241 7.84 -0.17 -9.49
CA PRO B 241 8.20 1.24 -9.25
C PRO B 241 9.37 1.74 -10.11
N VAL B 242 10.27 0.85 -10.50
CA VAL B 242 11.36 1.17 -11.43
C VAL B 242 10.82 1.33 -12.85
N ALA B 243 10.07 0.32 -13.28
CA ALA B 243 9.34 0.38 -14.55
C ALA B 243 8.61 1.72 -14.69
N GLU B 244 7.83 2.10 -13.67
CA GLU B 244 7.08 3.34 -13.69
C GLU B 244 7.99 4.56 -13.75
N GLU B 245 9.06 4.53 -12.96
CA GLU B 245 10.03 5.63 -12.89
C GLU B 245 10.63 5.93 -14.26
N VAL B 246 11.02 4.89 -14.99
CA VAL B 246 11.73 5.10 -16.24
C VAL B 246 10.81 5.07 -17.46
N GLY B 247 9.52 4.88 -17.22
CA GLY B 247 8.54 4.85 -18.31
C GLY B 247 8.47 3.57 -19.12
N VAL B 248 8.85 2.45 -18.52
CA VAL B 248 8.73 1.14 -19.16
C VAL B 248 7.40 0.52 -18.74
N ARG B 249 6.74 -0.17 -19.67
CA ARG B 249 5.52 -0.89 -19.31
C ARG B 249 5.74 -2.39 -19.30
N MET B 250 5.35 -3.02 -18.20
CA MET B 250 5.51 -4.47 -18.04
C MET B 250 4.26 -5.16 -18.56
N ALA B 251 4.44 -6.28 -19.27
CA ALA B 251 3.32 -7.01 -19.85
C ALA B 251 3.46 -8.50 -19.60
N VAL B 252 2.87 -8.99 -18.51
CA VAL B 252 3.00 -10.37 -18.12
C VAL B 252 2.26 -11.31 -19.09
N HIS B 253 3.00 -12.30 -19.59
CA HIS B 253 2.45 -13.37 -20.40
C HIS B 253 1.83 -14.41 -19.49
N PRO B 254 0.66 -14.96 -19.87
CA PRO B 254 0.02 -16.00 -19.05
C PRO B 254 0.74 -17.36 -19.08
N ASP B 255 0.34 -18.25 -18.19
CA ASP B 255 0.86 -19.60 -18.17
C ASP B 255 0.36 -20.34 -19.41
N ASP B 256 1.22 -21.17 -20.01
CA ASP B 256 0.87 -21.97 -21.20
C ASP B 256 1.34 -23.43 -21.04
N PRO B 257 0.40 -24.36 -20.77
CA PRO B 257 -1.04 -24.14 -20.64
C PRO B 257 -1.37 -23.50 -19.28
N PRO B 258 -2.49 -22.76 -19.21
CA PRO B 258 -2.90 -22.03 -18.01
C PRO B 258 -3.57 -22.91 -16.94
N ARG B 259 -2.86 -23.92 -16.44
CA ARG B 259 -3.36 -24.78 -15.37
C ARG B 259 -2.16 -25.39 -14.61
N PRO B 260 -2.36 -25.76 -13.32
CA PRO B 260 -1.26 -26.32 -12.54
C PRO B 260 -0.77 -27.66 -13.11
N ILE B 261 0.49 -27.74 -13.50
CA ILE B 261 1.03 -29.01 -13.96
C ILE B 261 2.19 -29.45 -13.08
N LEU B 262 2.34 -30.77 -12.95
CA LEU B 262 3.49 -31.38 -12.27
C LEU B 262 3.54 -31.06 -10.78
N GLY B 263 2.36 -30.82 -10.19
CA GLY B 263 2.24 -30.50 -8.77
C GLY B 263 2.73 -29.11 -8.42
N LEU B 264 2.92 -28.27 -9.42
CA LEU B 264 3.35 -26.90 -9.18
C LEU B 264 2.20 -25.95 -9.43
N PRO B 265 2.14 -24.84 -8.69
CA PRO B 265 1.10 -23.86 -8.99
C PRO B 265 1.44 -23.07 -10.24
N ARG B 266 0.41 -22.63 -10.96
CA ARG B 266 0.57 -21.67 -12.06
C ARG B 266 -0.40 -20.54 -11.77
N ILE B 267 0.14 -19.33 -11.63
CA ILE B 267 -0.59 -18.21 -11.01
C ILE B 267 -0.90 -17.05 -11.94
N VAL B 268 -0.78 -17.26 -13.24
CA VAL B 268 -1.23 -16.26 -14.21
C VAL B 268 -2.06 -16.97 -15.27
N SER B 269 -3.21 -17.49 -14.85
CA SER B 269 -3.99 -18.40 -15.71
C SER B 269 -5.44 -17.98 -15.95
N THR B 270 -5.98 -17.16 -15.06
CA THR B 270 -7.39 -16.76 -15.11
C THR B 270 -7.56 -15.26 -14.91
N ILE B 271 -8.79 -14.78 -15.09
CA ILE B 271 -9.12 -13.38 -14.84
C ILE B 271 -8.88 -12.96 -13.39
N GLU B 272 -9.02 -13.89 -12.43
CA GLU B 272 -8.83 -13.57 -11.02
C GLU B 272 -7.36 -13.34 -10.66
N ASP B 273 -6.47 -13.98 -11.42
CA ASP B 273 -5.03 -13.77 -11.30
C ASP B 273 -4.64 -12.39 -11.85
N MET B 274 -5.33 -11.96 -12.91
CA MET B 274 -5.13 -10.64 -13.47
C MET B 274 -5.52 -9.58 -12.45
N GLN B 275 -6.66 -9.81 -11.79
CA GLN B 275 -7.16 -8.94 -10.75
C GLN B 275 -6.21 -8.92 -9.56
N TRP B 276 -5.70 -10.10 -9.20
CA TRP B 276 -4.77 -10.23 -8.08
C TRP B 276 -3.55 -9.34 -8.31
N MET B 277 -3.00 -9.40 -9.51
CA MET B 277 -1.84 -8.57 -9.85
C MET B 277 -2.10 -7.07 -9.67
N VAL B 278 -3.23 -6.60 -10.20
CA VAL B 278 -3.59 -5.20 -10.13
C VAL B 278 -3.79 -4.79 -8.66
N ASP B 279 -4.47 -5.64 -7.89
CA ASP B 279 -4.66 -5.42 -6.45
C ASP B 279 -3.35 -5.33 -5.69
N THR B 280 -2.39 -6.15 -6.07
CA THR B 280 -1.09 -6.24 -5.40
C THR B 280 -0.28 -4.97 -5.65
N VAL B 281 -0.24 -4.54 -6.91
CA VAL B 281 0.47 -3.33 -7.31
C VAL B 281 -0.41 -2.56 -8.28
N ASN B 282 -0.78 -1.34 -7.90
CA ASN B 282 -1.72 -0.51 -8.67
C ASN B 282 -1.14 0.22 -9.87
N SER B 283 0.11 0.67 -9.76
CA SER B 283 0.76 1.42 -10.85
C SER B 283 0.39 0.88 -12.24
N MET B 284 0.18 1.79 -13.19
CA MET B 284 -0.17 1.42 -14.55
C MET B 284 0.97 0.72 -15.29
N ALA B 285 2.18 0.79 -14.74
CA ALA B 285 3.34 0.07 -15.28
C ALA B 285 3.17 -1.44 -15.14
N ASN B 286 2.29 -1.86 -14.22
CA ASN B 286 1.96 -3.27 -14.04
C ASN B 286 0.87 -3.71 -15.02
N GLY B 287 1.27 -4.30 -16.16
CA GLY B 287 0.33 -4.64 -17.21
C GLY B 287 0.42 -6.04 -17.76
N PHE B 288 -0.16 -6.24 -18.93
CA PHE B 288 -0.45 -7.58 -19.45
C PHE B 288 -0.09 -7.74 -20.91
N THR B 289 0.41 -8.93 -21.24
CA THR B 289 0.37 -9.42 -22.62
C THR B 289 -0.90 -10.21 -22.77
N MET B 290 -1.74 -9.86 -23.74
CA MET B 290 -2.93 -10.64 -23.99
C MET B 290 -2.60 -11.69 -25.02
N CYS B 291 -2.24 -12.88 -24.55
CA CYS B 291 -2.00 -14.02 -25.43
C CYS B 291 -3.29 -14.83 -25.51
N THR B 292 -4.01 -14.67 -26.62
CA THR B 292 -5.26 -15.39 -26.79
C THR B 292 -5.00 -16.90 -26.89
N GLY B 293 -3.80 -17.26 -27.36
CA GLY B 293 -3.40 -18.66 -27.45
C GLY B 293 -3.34 -19.41 -26.12
N SER B 294 -2.77 -18.76 -25.11
CA SER B 294 -2.60 -19.35 -23.78
C SER B 294 -3.90 -19.29 -22.97
N TYR B 295 -4.38 -18.08 -22.70
CA TYR B 295 -5.64 -17.92 -21.98
C TYR B 295 -6.77 -18.75 -22.59
N GLY B 296 -6.79 -18.85 -23.92
CA GLY B 296 -7.86 -19.54 -24.65
C GLY B 296 -7.87 -21.06 -24.59
N VAL B 297 -6.84 -21.64 -23.97
CA VAL B 297 -6.79 -23.10 -23.77
C VAL B 297 -7.93 -23.55 -22.84
N ARG B 298 -8.29 -22.71 -21.86
CA ARG B 298 -9.41 -22.99 -20.96
C ARG B 298 -10.70 -22.38 -21.47
N ALA B 299 -11.78 -23.17 -21.53
CA ALA B 299 -13.09 -22.61 -21.92
C ALA B 299 -13.61 -21.56 -20.94
N ASP B 300 -13.23 -21.65 -19.66
CA ASP B 300 -13.74 -20.73 -18.65
C ASP B 300 -13.05 -19.36 -18.59
N ASN B 301 -12.10 -19.14 -19.48
CA ASN B 301 -11.53 -17.81 -19.71
C ASN B 301 -12.27 -17.08 -20.82
N ASP B 302 -13.06 -16.07 -20.45
CA ASP B 302 -13.73 -15.19 -21.42
C ASP B 302 -12.74 -14.13 -21.88
N LEU B 303 -12.11 -14.37 -23.03
CA LEU B 303 -11.09 -13.48 -23.57
C LEU B 303 -11.62 -12.05 -23.75
N VAL B 304 -12.79 -11.90 -24.37
CA VAL B 304 -13.36 -10.58 -24.62
C VAL B 304 -13.56 -9.82 -23.31
N ASP B 305 -14.17 -10.47 -22.31
CA ASP B 305 -14.37 -9.80 -21.03
C ASP B 305 -13.07 -9.44 -20.35
N MET B 306 -12.07 -10.32 -20.46
CA MET B 306 -10.72 -10.04 -20.04
C MET B 306 -10.19 -8.74 -20.64
N ILE B 307 -10.37 -8.58 -21.95
CA ILE B 307 -9.95 -7.35 -22.65
C ILE B 307 -10.77 -6.11 -22.24
N LYS B 308 -12.07 -6.29 -22.00
CA LYS B 308 -12.92 -5.18 -21.56
C LYS B 308 -12.55 -4.73 -20.15
N GLN B 309 -12.19 -5.69 -19.28
CA GLN B 309 -11.85 -5.37 -17.89
C GLN B 309 -10.44 -4.81 -17.72
N PHE B 310 -9.49 -5.30 -18.51
CA PHE B 310 -8.08 -4.98 -18.32
C PHE B 310 -7.44 -4.30 -19.53
N GLY B 311 -8.26 -3.94 -20.52
CA GLY B 311 -7.81 -3.23 -21.72
C GLY B 311 -6.85 -2.07 -21.45
N PRO B 312 -7.21 -1.16 -20.52
CA PRO B 312 -6.27 -0.04 -20.25
C PRO B 312 -4.85 -0.50 -19.89
N ARG B 313 -4.70 -1.75 -19.46
CA ARG B 313 -3.42 -2.27 -18.99
C ARG B 313 -2.83 -3.31 -19.94
N ILE B 314 -3.47 -3.51 -21.08
CA ILE B 314 -2.95 -4.43 -22.07
C ILE B 314 -1.99 -3.70 -23.00
N TYR B 315 -0.72 -4.12 -22.96
CA TYR B 315 0.35 -3.40 -23.63
C TYR B 315 1.01 -4.19 -24.76
N PHE B 316 0.51 -5.39 -25.02
CA PHE B 316 1.09 -6.29 -26.02
C PHE B 316 0.05 -7.37 -26.22
N THR B 317 -0.10 -7.86 -27.45
CA THR B 317 -0.96 -9.02 -27.69
C THR B 317 -0.29 -10.11 -28.53
N HIS B 318 -0.57 -11.36 -28.18
CA HIS B 318 -0.17 -12.50 -29.02
C HIS B 318 -1.45 -13.04 -29.62
N LEU B 319 -1.63 -12.86 -30.92
CA LEU B 319 -2.91 -13.14 -31.52
C LEU B 319 -2.89 -14.44 -32.30
N ARG B 320 -2.99 -15.55 -31.58
CA ARG B 320 -3.05 -16.89 -32.16
C ARG B 320 -4.20 -17.67 -31.49
N SER B 321 -4.41 -18.90 -31.94
CA SER B 321 -5.55 -19.68 -31.47
C SER B 321 -5.22 -21.16 -31.34
N THR B 322 -5.72 -21.77 -30.28
CA THR B 322 -5.62 -23.23 -30.10
C THR B 322 -6.98 -23.89 -30.26
N MET B 323 -6.97 -25.21 -30.30
CA MET B 323 -8.17 -26.00 -30.54
C MET B 323 -8.20 -27.15 -29.53
N ARG B 324 -9.22 -27.16 -28.68
CA ARG B 324 -9.42 -28.25 -27.70
C ARG B 324 -9.98 -29.47 -28.41
N GLU B 325 -9.48 -30.66 -28.05
CA GLU B 325 -9.94 -31.89 -28.71
C GLU B 325 -11.02 -32.57 -27.85
N ASP B 326 -11.29 -33.85 -28.11
CA ASP B 326 -12.30 -34.59 -27.36
C ASP B 326 -12.08 -34.51 -25.84
N ASN B 327 -10.88 -34.84 -25.40
CA ASN B 327 -10.47 -34.60 -24.03
C ASN B 327 -10.12 -33.11 -23.95
N PRO B 328 -10.87 -32.33 -23.14
CA PRO B 328 -10.78 -30.85 -23.11
C PRO B 328 -9.39 -30.35 -22.73
N LYS B 329 -8.56 -31.22 -22.16
CA LYS B 329 -7.24 -30.84 -21.71
C LYS B 329 -6.19 -31.08 -22.78
N THR B 330 -6.58 -31.78 -23.83
CA THR B 330 -5.76 -31.92 -25.03
C THR B 330 -6.04 -30.76 -26.02
N PHE B 331 -4.99 -30.08 -26.48
CA PHE B 331 -5.17 -29.04 -27.49
C PHE B 331 -4.03 -29.05 -28.51
N HIS B 332 -4.30 -28.50 -29.70
CA HIS B 332 -3.24 -28.25 -30.67
C HIS B 332 -3.34 -26.84 -31.23
N GLU B 333 -2.29 -26.34 -31.85
CA GLU B 333 -2.31 -24.99 -32.39
C GLU B 333 -3.17 -25.04 -33.66
N ALA B 334 -4.18 -24.19 -33.73
CA ALA B 334 -5.03 -24.15 -34.90
C ALA B 334 -4.49 -23.07 -35.81
N ALA B 335 -5.03 -23.03 -37.03
CA ALA B 335 -4.93 -21.89 -37.89
C ALA B 335 -5.63 -20.71 -37.17
N HIS B 336 -5.05 -19.51 -37.32
CA HIS B 336 -5.48 -18.31 -36.63
C HIS B 336 -6.99 -17.94 -36.64
N LEU B 337 -7.70 -18.28 -37.70
CA LEU B 337 -9.11 -17.87 -37.80
C LEU B 337 -10.04 -19.05 -37.65
N ASN B 338 -9.48 -20.18 -37.21
CA ASN B 338 -10.10 -21.48 -37.38
C ASN B 338 -10.12 -22.32 -36.08
N GLY B 339 -9.67 -21.73 -34.97
CA GLY B 339 -9.65 -22.42 -33.68
C GLY B 339 -10.76 -22.01 -32.74
N ASP B 340 -10.53 -22.23 -31.45
CA ASP B 340 -11.49 -21.86 -30.42
C ASP B 340 -11.63 -20.35 -30.23
N VAL B 341 -10.59 -19.59 -30.56
CA VAL B 341 -10.63 -18.16 -30.36
C VAL B 341 -11.49 -17.53 -31.46
N ASP B 342 -12.48 -16.74 -31.06
CA ASP B 342 -13.22 -15.92 -32.01
C ASP B 342 -12.36 -14.69 -32.29
N MET B 343 -11.59 -14.75 -33.38
CA MET B 343 -10.58 -13.72 -33.62
C MET B 343 -11.21 -12.40 -33.99
N TYR B 344 -12.35 -12.49 -34.69
CA TYR B 344 -13.14 -11.31 -34.97
C TYR B 344 -13.53 -10.56 -33.70
N GLU B 345 -14.05 -11.27 -32.70
CA GLU B 345 -14.53 -10.63 -31.48
C GLU B 345 -13.36 -10.08 -30.67
N VAL B 346 -12.23 -10.79 -30.74
CA VAL B 346 -11.04 -10.41 -30.00
C VAL B 346 -10.40 -9.15 -30.61
N VAL B 347 -10.22 -9.13 -31.93
CA VAL B 347 -9.60 -8.00 -32.62
C VAL B 347 -10.53 -6.78 -32.48
N LYS B 348 -11.84 -6.99 -32.52
CA LYS B 348 -12.80 -5.90 -32.29
C LYS B 348 -12.62 -5.24 -30.90
N ALA B 349 -12.59 -6.06 -29.85
CA ALA B 349 -12.30 -5.61 -28.49
C ALA B 349 -11.00 -4.79 -28.36
N ILE B 350 -9.97 -5.16 -29.13
CA ILE B 350 -8.67 -4.52 -29.06
C ILE B 350 -8.68 -3.20 -29.81
N VAL B 351 -9.36 -3.18 -30.95
CA VAL B 351 -9.51 -1.97 -31.73
C VAL B 351 -10.30 -0.94 -30.90
N GLU B 352 -11.35 -1.38 -30.22
CA GLU B 352 -12.17 -0.48 -29.40
C GLU B 352 -11.36 0.13 -28.27
N GLU B 353 -10.48 -0.66 -27.66
CA GLU B 353 -9.62 -0.18 -26.60
C GLU B 353 -8.64 0.86 -27.14
N GLU B 354 -8.11 0.65 -28.33
CA GLU B 354 -7.21 1.62 -28.92
C GLU B 354 -7.94 2.93 -29.18
N HIS B 355 -9.17 2.87 -29.67
CA HIS B 355 -9.96 4.08 -29.91
C HIS B 355 -10.44 4.72 -28.63
N ARG B 356 -10.63 3.92 -27.58
CA ARG B 356 -10.93 4.45 -26.25
C ARG B 356 -9.79 5.34 -25.80
N ARG B 357 -8.56 4.82 -25.89
CA ARG B 357 -7.36 5.61 -25.61
C ARG B 357 -7.31 6.90 -26.44
N LYS B 358 -7.51 6.78 -27.75
CA LYS B 358 -7.42 7.89 -28.68
C LYS B 358 -8.37 9.01 -28.30
N ALA B 359 -9.58 8.62 -27.88
CA ALA B 359 -10.59 9.59 -27.46
C ALA B 359 -10.20 10.34 -26.19
N GLU B 360 -9.49 9.68 -25.28
CA GLU B 360 -8.99 10.31 -24.06
C GLU B 360 -7.79 11.23 -24.34
N GLY B 361 -7.49 11.43 -25.62
CA GLY B 361 -6.37 12.26 -26.05
C GLY B 361 -5.04 11.54 -25.90
N LYS B 362 -4.88 10.43 -26.61
CA LYS B 362 -3.69 9.57 -26.46
C LYS B 362 -3.08 9.09 -27.78
N GLU B 363 -3.73 8.13 -28.42
CA GLU B 363 -3.08 7.34 -29.46
C GLU B 363 -1.97 6.58 -28.79
N ASP B 364 -2.32 5.38 -28.35
CA ASP B 364 -1.38 4.49 -27.73
C ASP B 364 -1.73 3.10 -28.27
N LEU B 365 -1.17 2.79 -29.43
CA LEU B 365 -1.44 1.50 -30.08
C LEU B 365 -0.91 0.35 -29.26
N ILE B 366 -1.60 -0.79 -29.38
CA ILE B 366 -1.17 -2.04 -28.77
C ILE B 366 -0.46 -2.90 -29.82
N PRO B 367 0.87 -3.07 -29.69
CA PRO B 367 1.56 -3.93 -30.65
C PRO B 367 1.12 -5.38 -30.55
N MET B 368 1.01 -6.03 -31.70
CA MET B 368 0.67 -7.45 -31.79
C MET B 368 1.76 -8.23 -32.50
N ARG B 369 1.80 -9.53 -32.25
CA ARG B 369 2.57 -10.44 -33.10
C ARG B 369 1.73 -11.71 -33.33
N PRO B 370 1.95 -12.43 -34.46
CA PRO B 370 1.15 -13.63 -34.75
C PRO B 370 1.43 -14.82 -33.82
N ASP B 371 2.56 -14.75 -33.13
CA ASP B 371 2.97 -15.65 -32.04
C ASP B 371 3.50 -17.01 -32.46
N HIS B 372 2.63 -17.94 -32.85
CA HIS B 372 3.11 -19.21 -33.42
C HIS B 372 2.55 -19.39 -34.80
N GLY B 373 3.11 -20.34 -35.55
CA GLY B 373 2.53 -20.69 -36.83
C GLY B 373 2.81 -22.14 -37.14
N HIS B 374 1.99 -22.68 -38.03
CA HIS B 374 2.22 -24.04 -38.50
C HIS B 374 3.48 -24.02 -39.33
N GLN B 375 4.15 -25.17 -39.40
CA GLN B 375 5.30 -25.40 -40.27
C GLN B 375 4.73 -25.88 -41.61
N MET B 376 4.95 -25.12 -42.67
CA MET B 376 4.31 -25.40 -43.95
C MET B 376 5.19 -25.00 -45.11
N LEU B 377 4.78 -25.45 -46.31
CA LEU B 377 5.48 -25.14 -47.54
C LEU B 377 6.97 -25.42 -47.38
N ASP B 378 7.82 -24.44 -47.72
CA ASP B 378 9.26 -24.63 -47.73
C ASP B 378 9.81 -24.97 -46.34
N ASP B 379 9.16 -24.45 -45.29
CA ASP B 379 9.61 -24.71 -43.93
C ASP B 379 9.52 -26.19 -43.51
N LEU B 380 8.76 -27.00 -44.26
CA LEU B 380 8.63 -28.44 -43.98
C LEU B 380 9.91 -29.22 -44.27
N LYS B 381 10.78 -28.67 -45.10
CA LYS B 381 12.06 -29.30 -45.40
C LYS B 381 13.22 -28.83 -44.52
N LYS B 382 12.90 -28.14 -43.43
CA LYS B 382 13.90 -27.48 -42.59
C LYS B 382 13.82 -27.94 -41.14
N LYS B 383 14.94 -27.80 -40.43
CA LYS B 383 14.96 -27.93 -38.98
C LYS B 383 14.58 -26.56 -38.40
N THR B 384 13.39 -26.46 -37.82
CA THR B 384 12.88 -25.15 -37.40
C THR B 384 12.94 -24.99 -35.88
N ASN B 385 12.85 -23.74 -35.43
CA ASN B 385 12.40 -23.43 -34.08
C ASN B 385 10.89 -23.67 -34.05
N PRO B 386 10.43 -24.62 -33.21
CA PRO B 386 8.99 -24.97 -33.06
C PRO B 386 8.10 -23.88 -32.44
N GLY B 387 6.93 -23.52 -32.95
CA GLY B 387 6.61 -23.31 -34.32
C GLY B 387 6.87 -21.80 -34.49
N TYR B 388 8.14 -21.48 -34.76
CA TYR B 388 8.57 -20.14 -35.04
C TYR B 388 9.17 -20.14 -36.43
N SER B 389 8.65 -21.05 -37.27
CA SER B 389 8.97 -21.01 -38.68
C SER B 389 8.28 -19.77 -39.26
N ALA B 390 8.67 -19.37 -40.47
CA ALA B 390 8.30 -18.07 -41.02
C ALA B 390 6.95 -18.06 -41.72
N ILE B 391 6.67 -19.07 -42.53
CA ILE B 391 5.57 -18.97 -43.47
C ILE B 391 4.22 -19.05 -42.77
N GLY B 392 4.09 -20.01 -41.83
CA GLY B 392 2.88 -20.14 -41.03
C GLY B 392 2.59 -18.86 -40.25
N ARG B 393 3.64 -18.22 -39.75
CA ARG B 393 3.48 -16.98 -38.98
C ARG B 393 3.14 -15.81 -39.89
N LEU B 394 3.76 -15.77 -41.06
CA LEU B 394 3.39 -14.80 -42.06
C LEU B 394 1.90 -14.94 -42.45
N LYS B 395 1.42 -16.18 -42.49
CA LYS B 395 0.02 -16.44 -42.85
C LYS B 395 -0.93 -15.91 -41.76
N GLY B 396 -0.63 -16.18 -40.51
CA GLY B 396 -1.43 -15.70 -39.36
C GLY B 396 -1.47 -14.18 -39.24
N LEU B 397 -0.30 -13.55 -39.38
CA LEU B 397 -0.19 -12.11 -39.45
C LEU B 397 -1.06 -11.52 -40.57
N ALA B 398 -0.99 -12.12 -41.76
CA ALA B 398 -1.80 -11.67 -42.87
C ALA B 398 -3.31 -11.80 -42.56
N GLU B 399 -3.71 -12.93 -41.99
CA GLU B 399 -5.12 -13.11 -41.60
C GLU B 399 -5.58 -12.03 -40.62
N VAL B 400 -4.81 -11.83 -39.56
CA VAL B 400 -5.11 -10.80 -38.55
C VAL B 400 -5.07 -9.38 -39.10
N ARG B 401 -4.11 -9.06 -39.97
CA ARG B 401 -4.09 -7.79 -40.70
C ARG B 401 -5.42 -7.52 -41.40
N GLY B 402 -5.92 -8.51 -42.13
CA GLY B 402 -7.16 -8.39 -42.88
C GLY B 402 -8.38 -8.20 -41.99
N VAL B 403 -8.49 -9.00 -40.93
CA VAL B 403 -9.55 -8.84 -39.94
C VAL B 403 -9.58 -7.41 -39.34
N GLU B 404 -8.41 -6.94 -38.89
CA GLU B 404 -8.27 -5.65 -38.25
C GLU B 404 -8.62 -4.52 -39.19
N LEU B 405 -8.17 -4.63 -40.44
CA LEU B 405 -8.43 -3.58 -41.43
C LEU B 405 -9.93 -3.45 -41.63
N ALA B 406 -10.61 -4.59 -41.76
CA ALA B 406 -12.05 -4.57 -41.99
C ALA B 406 -12.81 -3.96 -40.80
N ILE B 407 -12.36 -4.28 -39.59
CA ILE B 407 -12.99 -3.75 -38.38
C ILE B 407 -12.83 -2.24 -38.29
N GLN B 408 -11.63 -1.75 -38.60
CA GLN B 408 -11.37 -0.31 -38.68
C GLN B 408 -12.32 0.39 -39.66
N ARG B 409 -12.53 -0.24 -40.81
CA ARG B 409 -13.36 0.37 -41.87
C ARG B 409 -14.86 0.28 -41.59
N ALA B 410 -15.30 -0.83 -41.01
CA ALA B 410 -16.71 -1.01 -40.66
C ALA B 410 -17.12 -0.13 -39.48
N PHE B 411 -16.26 -0.05 -38.47
CA PHE B 411 -16.64 0.51 -37.17
C PHE B 411 -16.04 1.89 -36.86
N PHE B 412 -14.93 2.23 -37.51
CA PHE B 412 -14.21 3.47 -37.19
C PHE B 412 -13.79 4.29 -38.42
N SER B 413 -14.64 4.28 -39.45
CA SER B 413 -14.42 4.97 -40.73
C SER B 413 -13.56 6.24 -40.68
N SER C 19 25.96 19.60 44.05
CA SER C 19 24.82 19.12 43.23
C SER C 19 25.26 19.08 41.76
N HIS C 20 25.47 17.88 41.23
CA HIS C 20 25.83 17.75 39.82
C HIS C 20 24.65 17.28 38.98
N MET C 21 23.79 16.51 39.62
CA MET C 21 22.76 15.72 38.98
C MET C 21 21.99 16.41 37.87
N GLU C 22 21.93 15.73 36.72
CA GLU C 22 21.14 16.18 35.59
C GLU C 22 19.69 15.67 35.76
N GLN C 23 18.80 16.61 36.10
CA GLN C 23 17.42 16.33 36.49
C GLN C 23 16.41 16.55 35.37
N THR C 24 15.77 15.47 34.96
CA THR C 24 14.83 15.53 33.86
C THR C 24 13.49 15.07 34.37
N TRP C 25 12.46 15.25 33.54
CA TRP C 25 11.09 15.06 33.94
C TRP C 25 10.29 14.61 32.72
N ARG C 26 9.50 13.56 32.85
CA ARG C 26 8.70 13.15 31.71
C ARG C 26 7.47 14.04 31.53
N TRP C 27 7.34 14.58 30.32
CA TRP C 27 6.23 15.46 29.92
C TRP C 27 5.60 14.90 28.64
N TYR C 28 4.28 14.77 28.61
CA TYR C 28 3.63 14.09 27.48
C TYR C 28 3.24 15.01 26.33
N GLY C 29 3.55 16.30 26.43
CA GLY C 29 3.19 17.25 25.40
C GLY C 29 2.11 18.22 25.83
N PRO C 30 1.59 19.00 24.88
CA PRO C 30 0.67 20.11 25.19
C PRO C 30 -0.57 19.71 25.96
N ASN C 31 -1.02 18.46 25.79
CA ASN C 31 -2.23 17.96 26.46
C ASN C 31 -1.97 17.43 27.87
N ASP C 32 -0.70 17.30 28.25
CA ASP C 32 -0.33 16.88 29.60
C ASP C 32 -0.88 17.88 30.62
N PRO C 33 -1.63 17.38 31.63
CA PRO C 33 -2.12 18.29 32.67
C PRO C 33 -0.97 18.96 33.41
N VAL C 34 0.20 18.32 33.45
CA VAL C 34 1.37 18.94 34.05
C VAL C 34 2.00 19.94 33.06
N SER C 35 2.14 21.19 33.49
CA SER C 35 2.67 22.22 32.58
C SER C 35 4.20 22.27 32.64
N LEU C 36 4.80 22.88 31.62
CA LEU C 36 6.26 23.08 31.63
C LEU C 36 6.73 24.01 32.76
N ALA C 37 5.89 24.95 33.20
CA ALA C 37 6.19 25.79 34.36
C ALA C 37 6.25 24.95 35.64
N ASP C 38 5.37 23.95 35.71
CA ASP C 38 5.37 22.99 36.81
C ASP C 38 6.69 22.23 36.81
N VAL C 39 7.14 21.85 35.61
CA VAL C 39 8.44 21.20 35.44
C VAL C 39 9.58 22.09 35.98
N ARG C 40 9.63 23.37 35.60
CA ARG C 40 10.74 24.24 36.01
C ARG C 40 10.74 24.38 37.53
N GLN C 41 9.54 24.60 38.06
CA GLN C 41 9.37 24.84 39.47
C GLN C 41 9.76 23.60 40.29
N ALA C 42 9.57 22.42 39.73
CA ALA C 42 10.01 21.21 40.41
C ALA C 42 11.52 21.08 40.44
N GLY C 43 12.21 21.97 39.70
CA GLY C 43 13.66 22.00 39.67
C GLY C 43 14.31 21.09 38.65
N ALA C 44 13.53 20.60 37.69
CA ALA C 44 14.09 19.83 36.58
C ALA C 44 14.59 20.80 35.51
N THR C 45 15.73 20.47 34.89
CA THR C 45 16.29 21.34 33.84
C THR C 45 16.03 20.76 32.46
N GLY C 46 15.64 19.49 32.42
CA GLY C 46 15.51 18.83 31.13
C GLY C 46 14.20 18.11 31.06
N VAL C 47 13.73 17.93 29.83
CA VAL C 47 12.48 17.24 29.61
C VAL C 47 12.70 15.94 28.83
N VAL C 48 11.98 14.92 29.29
CA VAL C 48 11.84 13.64 28.62
C VAL C 48 10.47 13.60 27.94
N THR C 49 10.45 13.41 26.63
CA THR C 49 9.21 13.41 25.89
C THR C 49 9.30 12.54 24.64
N ALA C 50 8.15 12.34 23.98
CA ALA C 50 8.07 11.59 22.75
C ALA C 50 6.95 12.21 21.93
N LEU C 51 6.91 11.91 20.63
CA LEU C 51 5.83 12.38 19.80
C LEU C 51 4.72 11.33 19.81
N HIS C 52 3.94 11.32 20.88
CA HIS C 52 2.90 10.27 21.10
C HIS C 52 1.80 10.27 20.02
N HIS C 53 1.67 11.38 19.30
CA HIS C 53 0.63 11.55 18.27
C HIS C 53 0.94 10.90 16.93
N ILE C 54 2.17 10.44 16.72
CA ILE C 54 2.58 9.78 15.47
C ILE C 54 2.37 8.27 15.59
N PRO C 55 1.68 7.65 14.62
CA PRO C 55 1.37 6.23 14.73
C PRO C 55 2.62 5.36 14.85
N ASN C 56 2.49 4.27 15.61
CA ASN C 56 3.57 3.29 15.78
C ASN C 56 4.23 2.85 14.49
N GLY C 57 5.53 3.08 14.40
CA GLY C 57 6.34 2.61 13.28
C GLY C 57 6.59 3.64 12.20
N GLU C 58 5.79 4.72 12.18
CA GLU C 58 5.98 5.80 11.22
C GLU C 58 7.15 6.71 11.62
N VAL C 59 7.66 7.45 10.65
CA VAL C 59 8.83 8.29 10.83
C VAL C 59 8.44 9.56 11.60
N TRP C 60 9.30 9.99 12.51
CA TRP C 60 9.18 11.30 13.13
C TRP C 60 9.93 12.26 12.24
N SER C 61 9.19 13.10 11.50
CA SER C 61 9.81 14.13 10.65
C SER C 61 10.63 15.11 11.47
N VAL C 62 11.68 15.64 10.84
CA VAL C 62 12.48 16.72 11.41
C VAL C 62 11.56 17.84 11.89
N GLU C 63 10.54 18.17 11.09
CA GLU C 63 9.59 19.22 11.42
C GLU C 63 8.80 18.96 12.72
N GLU C 64 8.26 17.76 12.89
CA GLU C 64 7.48 17.43 14.09
C GLU C 64 8.36 17.49 15.34
N ILE C 65 9.57 16.95 15.22
CA ILE C 65 10.57 16.99 16.29
C ILE C 65 10.90 18.43 16.69
N LEU C 66 11.05 19.32 15.70
CA LEU C 66 11.50 20.67 16.00
C LEU C 66 10.46 21.52 16.70
N LYS C 67 9.19 21.28 16.41
CA LYS C 67 8.12 22.01 17.06
C LYS C 67 7.96 21.55 18.50
N ARG C 68 8.16 20.26 18.75
CA ARG C 68 8.22 19.78 20.13
C ARG C 68 9.39 20.41 20.83
N LYS C 69 10.54 20.45 20.15
CA LYS C 69 11.74 21.01 20.74
C LYS C 69 11.56 22.50 21.04
N ALA C 70 10.89 23.21 20.16
CA ALA C 70 10.68 24.66 20.29
C ALA C 70 9.75 25.01 21.43
N ILE C 71 8.76 24.15 21.68
CA ILE C 71 7.79 24.39 22.73
C ILE C 71 8.48 24.26 24.08
N ILE C 72 9.34 23.24 24.17
CA ILE C 72 10.13 22.97 25.35
C ILE C 72 11.13 24.10 25.65
N GLU C 73 11.86 24.53 24.62
CA GLU C 73 12.84 25.61 24.77
C GLU C 73 12.23 26.99 25.06
N ASP C 74 10.99 27.22 24.59
CA ASP C 74 10.23 28.44 24.94
C ASP C 74 9.97 28.56 26.46
N ALA C 75 9.96 27.42 27.15
CA ALA C 75 9.74 27.37 28.60
C ALA C 75 11.04 27.39 29.42
N GLY C 76 12.18 27.56 28.75
CA GLY C 76 13.46 27.62 29.43
C GLY C 76 14.00 26.26 29.81
N LEU C 77 13.57 25.22 29.10
CA LEU C 77 14.01 23.86 29.34
C LEU C 77 14.65 23.27 28.07
N VAL C 78 15.28 22.11 28.19
CA VAL C 78 15.83 21.44 27.02
C VAL C 78 15.24 20.05 26.90
N TRP C 79 15.16 19.54 25.68
CA TRP C 79 14.70 18.19 25.45
C TRP C 79 15.93 17.29 25.44
N SER C 80 16.10 16.53 26.53
CA SER C 80 17.30 15.73 26.79
C SER C 80 17.18 14.29 26.30
N VAL C 81 16.03 13.67 26.56
CA VAL C 81 15.88 12.25 26.29
C VAL C 81 14.56 11.97 25.56
N VAL C 82 14.58 10.99 24.68
CA VAL C 82 13.39 10.48 24.07
C VAL C 82 12.91 9.29 24.90
N GLU C 83 11.66 9.33 25.35
CA GLU C 83 11.05 8.14 25.92
C GLU C 83 9.59 8.08 25.51
N SER C 84 9.25 7.30 24.48
CA SER C 84 10.13 6.38 23.75
C SER C 84 9.88 6.47 22.26
N VAL C 85 10.79 5.90 21.47
CA VAL C 85 10.45 5.57 20.08
C VAL C 85 9.90 4.15 20.09
N PRO C 86 8.57 4.01 19.89
CA PRO C 86 7.89 2.71 20.00
C PRO C 86 8.33 1.70 18.94
N ILE C 87 8.49 0.46 19.35
CA ILE C 87 8.88 -0.61 18.44
C ILE C 87 7.63 -1.37 18.03
N HIS C 88 7.35 -1.37 16.73
CA HIS C 88 6.15 -1.98 16.19
C HIS C 88 6.09 -3.46 16.54
N GLU C 89 4.88 -3.94 16.80
CA GLU C 89 4.64 -5.34 17.06
C GLU C 89 5.14 -6.28 15.96
N ASP C 90 5.07 -5.82 14.71
CA ASP C 90 5.60 -6.62 13.59
C ASP C 90 7.09 -6.92 13.74
N ILE C 91 7.83 -6.00 14.38
CA ILE C 91 9.26 -6.17 14.66
C ILE C 91 9.47 -7.21 15.76
N LYS C 92 8.67 -7.10 16.82
CA LYS C 92 8.77 -7.98 17.97
C LYS C 92 8.39 -9.42 17.65
N THR C 93 7.51 -9.62 16.66
CA THR C 93 7.07 -10.95 16.22
C THR C 93 7.75 -11.41 14.94
N HIS C 94 8.65 -10.57 14.41
CA HIS C 94 9.35 -10.83 13.15
C HIS C 94 8.36 -11.31 12.08
N THR C 95 7.40 -10.44 11.78
CA THR C 95 6.25 -10.73 10.92
C THR C 95 5.91 -9.48 10.10
N GLY C 96 5.19 -9.68 9.00
CA GLY C 96 4.60 -8.58 8.23
C GLY C 96 5.56 -7.52 7.73
N ASN C 97 5.26 -6.26 8.03
CA ASN C 97 5.97 -5.12 7.47
C ASN C 97 7.19 -4.70 8.30
N TYR C 98 7.81 -5.67 8.96
CA TYR C 98 8.91 -5.41 9.91
C TYR C 98 10.13 -4.70 9.29
N GLU C 99 10.45 -5.03 8.05
CA GLU C 99 11.61 -4.45 7.38
C GLU C 99 11.40 -2.95 7.13
N GLN C 100 10.15 -2.59 6.88
CA GLN C 100 9.75 -1.19 6.71
C GLN C 100 9.79 -0.41 8.04
N TRP C 101 9.26 -1.01 9.10
CA TRP C 101 9.28 -0.37 10.41
C TRP C 101 10.72 -0.15 10.87
N ILE C 102 11.59 -1.14 10.61
CA ILE C 102 13.00 -1.04 10.99
C ILE C 102 13.68 0.14 10.29
N ALA C 103 13.44 0.26 8.98
CA ALA C 103 13.99 1.37 8.20
C ALA C 103 13.50 2.72 8.73
N ASN C 104 12.22 2.80 9.05
CA ASN C 104 11.62 4.00 9.62
C ASN C 104 12.21 4.36 10.96
N TYR C 105 12.45 3.33 11.78
CA TYR C 105 13.11 3.53 13.07
C TYR C 105 14.50 4.14 12.85
N GLN C 106 15.16 3.69 11.78
CA GLN C 106 16.49 4.16 11.45
C GLN C 106 16.44 5.62 11.08
N GLN C 107 15.47 5.99 10.26
CA GLN C 107 15.26 7.39 9.88
C GLN C 107 14.88 8.30 11.08
N THR C 108 14.02 7.80 11.98
CA THR C 108 13.62 8.56 13.15
C THR C 108 14.87 8.96 13.93
N LEU C 109 15.73 7.98 14.20
CA LEU C 109 17.01 8.20 14.89
C LEU C 109 17.90 9.21 14.16
N ARG C 110 17.92 9.14 12.82
CA ARG C 110 18.70 10.11 12.03
C ARG C 110 18.12 11.52 12.22
N ASN C 111 16.79 11.63 12.11
CA ASN C 111 16.10 12.91 12.27
C ASN C 111 16.28 13.50 13.68
N LEU C 112 16.27 12.63 14.69
CA LEU C 112 16.46 13.08 16.07
C LEU C 112 17.86 13.66 16.27
N ALA C 113 18.88 12.93 15.80
CA ALA C 113 20.27 13.39 15.84
C ALA C 113 20.45 14.72 15.15
N GLN C 114 19.88 14.85 13.96
CA GLN C 114 19.92 16.10 13.21
C GLN C 114 19.38 17.25 14.06
N CYS C 115 18.45 16.96 14.96
CA CYS C 115 17.82 17.97 15.83
C CYS C 115 18.46 18.12 17.21
N GLY C 116 19.55 17.39 17.46
CA GLY C 116 20.30 17.53 18.72
C GLY C 116 19.81 16.71 19.91
N ILE C 117 18.94 15.75 19.66
CA ILE C 117 18.39 14.91 20.73
C ILE C 117 19.06 13.56 20.65
N ARG C 118 19.95 13.26 21.59
CA ARG C 118 20.92 12.16 21.38
C ARG C 118 20.87 10.99 22.38
N THR C 119 19.77 10.86 23.12
CA THR C 119 19.58 9.67 23.98
C THR C 119 18.16 9.13 23.84
N VAL C 120 18.04 7.87 23.47
CA VAL C 120 16.71 7.28 23.24
C VAL C 120 16.40 6.11 24.17
N CYS C 121 15.33 6.25 24.93
CA CYS C 121 14.84 5.17 25.79
C CYS C 121 13.80 4.40 25.02
N TYR C 122 13.84 3.08 25.12
CA TYR C 122 12.90 2.20 24.44
C TYR C 122 12.80 0.93 25.27
N ASN C 123 11.85 0.06 24.94
CA ASN C 123 11.71 -1.23 25.62
C ASN C 123 11.45 -2.35 24.61
N PHE C 124 11.53 -3.59 25.07
CA PHE C 124 11.15 -4.72 24.23
C PHE C 124 10.12 -5.62 24.92
N MET C 125 9.16 -5.01 25.62
CA MET C 125 8.09 -5.76 26.25
C MET C 125 7.06 -6.20 25.20
N PRO C 126 6.74 -7.52 25.15
CA PRO C 126 5.71 -8.03 24.24
C PRO C 126 4.31 -7.66 24.68
N VAL C 127 3.53 -7.12 23.74
CA VAL C 127 2.09 -6.87 23.88
C VAL C 127 1.74 -5.78 24.90
N LEU C 128 2.17 -5.97 26.14
CA LEU C 128 1.85 -5.08 27.24
C LEU C 128 3.08 -4.33 27.67
N ASP C 129 2.90 -3.05 27.91
CA ASP C 129 3.96 -2.25 28.46
C ASP C 129 4.00 -2.47 29.98
N TRP C 130 4.42 -1.48 30.75
CA TRP C 130 4.44 -1.65 32.20
C TRP C 130 3.03 -1.92 32.75
N THR C 131 2.94 -2.77 33.78
CA THR C 131 1.65 -3.32 34.19
C THR C 131 1.33 -3.18 35.68
N ARG C 132 0.10 -2.76 35.97
CA ARG C 132 -0.41 -2.59 37.33
C ARG C 132 -1.87 -3.06 37.41
N THR C 133 -2.27 -3.59 38.56
CA THR C 133 -3.65 -4.04 38.76
C THR C 133 -4.52 -2.97 39.42
N ASP C 134 -3.90 -2.07 40.19
CA ASP C 134 -4.62 -1.01 40.89
C ASP C 134 -3.91 0.33 40.67
N LEU C 135 -4.68 1.35 40.32
CA LEU C 135 -4.12 2.69 40.04
C LEU C 135 -4.51 3.71 41.09
N GLU C 136 -5.18 3.26 42.15
CA GLU C 136 -5.70 4.16 43.18
C GLU C 136 -5.61 3.50 44.54
N TYR C 137 -4.48 2.87 44.82
CA TYR C 137 -4.31 2.21 46.11
C TYR C 137 -4.00 3.27 47.18
N VAL C 138 -4.90 3.42 48.14
CA VAL C 138 -4.83 4.45 49.16
C VAL C 138 -3.84 4.03 50.24
N LEU C 139 -2.84 4.88 50.48
CA LEU C 139 -1.83 4.61 51.51
C LEU C 139 -2.30 5.11 52.87
N PRO C 140 -1.61 4.73 53.96
CA PRO C 140 -2.08 5.19 55.27
C PRO C 140 -2.21 6.71 55.40
N ASP C 141 -1.38 7.48 54.69
CA ASP C 141 -1.44 8.94 54.82
C ASP C 141 -2.51 9.59 53.94
N GLY C 142 -3.16 8.76 53.12
CA GLY C 142 -4.24 9.23 52.24
C GLY C 142 -3.82 9.50 50.81
N SER C 143 -2.52 9.45 50.52
CA SER C 143 -2.07 9.53 49.15
C SER C 143 -2.35 8.20 48.38
N LYS C 144 -2.35 8.29 47.06
CA LYS C 144 -2.62 7.10 46.24
C LYS C 144 -1.39 6.62 45.50
N ALA C 145 -1.19 5.31 45.52
CA ALA C 145 -0.06 4.66 44.85
C ALA C 145 -0.56 3.69 43.80
N LEU C 146 0.32 3.28 42.90
CA LEU C 146 0.02 2.21 41.95
C LEU C 146 0.43 0.90 42.58
N ARG C 147 -0.23 -0.17 42.19
CA ARG C 147 0.01 -1.44 42.84
C ARG C 147 -0.17 -2.58 41.84
N PHE C 148 0.66 -3.60 42.03
CA PHE C 148 0.50 -4.88 41.38
C PHE C 148 0.15 -5.92 42.43
N ASP C 149 -1.13 -6.33 42.47
CA ASP C 149 -1.58 -7.32 43.45
C ASP C 149 -1.62 -8.68 42.76
N GLN C 150 -0.65 -9.54 43.08
CA GLN C 150 -0.52 -10.86 42.45
C GLN C 150 -1.82 -11.67 42.45
N ILE C 151 -2.60 -11.56 43.50
CA ILE C 151 -3.88 -12.27 43.58
C ILE C 151 -4.93 -11.66 42.62
N GLU C 152 -4.94 -10.32 42.50
CA GLU C 152 -5.81 -9.60 41.55
C GLU C 152 -5.47 -10.04 40.12
N PHE C 153 -4.19 -10.08 39.82
CA PHE C 153 -3.69 -10.47 38.50
C PHE C 153 -3.95 -11.96 38.18
N ALA C 154 -3.82 -12.81 39.20
CA ALA C 154 -4.14 -14.23 39.04
C ALA C 154 -5.59 -14.35 38.62
N ALA C 155 -6.47 -13.71 39.39
CA ALA C 155 -7.91 -13.72 39.13
C ALA C 155 -8.25 -13.28 37.71
N PHE C 156 -7.53 -12.28 37.20
CA PHE C 156 -7.73 -11.82 35.84
C PHE C 156 -7.28 -12.86 34.81
N GLU C 157 -6.13 -13.50 35.07
CA GLU C 157 -5.63 -14.50 34.14
C GLU C 157 -6.56 -15.70 34.01
N MET C 158 -7.01 -16.22 35.14
CA MET C 158 -7.71 -17.50 35.17
C MET C 158 -9.23 -17.40 35.09
N HIS C 159 -9.78 -16.26 35.50
CA HIS C 159 -11.24 -16.10 35.62
C HIS C 159 -11.88 -15.04 34.72
N ILE C 160 -11.06 -14.14 34.17
CA ILE C 160 -11.56 -13.15 33.20
C ILE C 160 -11.07 -13.50 31.80
N LEU C 161 -9.76 -13.37 31.60
CA LEU C 161 -9.13 -13.67 30.32
C LEU C 161 -9.23 -15.16 29.99
N LYS C 162 -9.03 -15.99 31.01
CA LYS C 162 -9.11 -17.45 30.90
C LYS C 162 -8.12 -17.97 29.86
N ARG C 163 -6.86 -17.54 30.00
CA ARG C 163 -5.79 -18.02 29.14
C ARG C 163 -5.50 -19.47 29.54
N PRO C 164 -5.62 -20.40 28.57
CA PRO C 164 -5.40 -21.82 28.90
C PRO C 164 -4.00 -22.06 29.45
N GLY C 165 -3.92 -22.85 30.52
CA GLY C 165 -2.64 -23.24 31.12
C GLY C 165 -1.94 -22.16 31.91
N ALA C 166 -2.71 -21.16 32.38
CA ALA C 166 -2.17 -20.05 33.16
C ALA C 166 -1.86 -20.42 34.61
N GLU C 167 -2.48 -21.51 35.08
CA GLU C 167 -2.30 -21.98 36.45
C GLU C 167 -0.85 -22.39 36.76
N ALA C 168 -0.10 -22.77 35.74
CA ALA C 168 1.32 -23.10 35.88
C ALA C 168 2.19 -21.95 36.39
N ASP C 169 1.60 -20.77 36.54
CA ASP C 169 2.36 -19.60 37.00
C ASP C 169 2.14 -19.26 38.47
N TYR C 170 1.32 -20.06 39.16
CA TYR C 170 0.91 -19.73 40.51
C TYR C 170 0.95 -20.93 41.43
N THR C 171 1.18 -20.67 42.71
CA THR C 171 1.08 -21.71 43.73
C THR C 171 -0.37 -22.08 43.99
N GLU C 172 -0.57 -23.30 44.50
CA GLU C 172 -1.89 -23.75 44.93
C GLU C 172 -2.55 -22.75 45.89
N GLU C 173 -1.73 -22.13 46.73
CA GLU C 173 -2.22 -21.15 47.70
C GLU C 173 -2.68 -19.87 46.98
N GLU C 174 -1.99 -19.51 45.90
CA GLU C 174 -2.37 -18.36 45.06
C GLU C 174 -3.64 -18.65 44.23
N ILE C 175 -3.76 -19.86 43.70
CA ILE C 175 -4.94 -20.25 42.94
C ILE C 175 -6.22 -20.17 43.79
N ALA C 176 -6.15 -20.69 45.01
CA ALA C 176 -7.29 -20.65 45.95
C ALA C 176 -7.68 -19.21 46.33
N GLN C 177 -6.68 -18.38 46.61
CA GLN C 177 -6.92 -16.98 46.95
C GLN C 177 -7.53 -16.22 45.78
N ALA C 178 -7.08 -16.53 44.57
CA ALA C 178 -7.58 -15.90 43.35
C ALA C 178 -9.06 -16.16 43.17
N ALA C 179 -9.47 -17.41 43.34
CA ALA C 179 -10.87 -17.78 43.29
C ALA C 179 -11.66 -17.01 44.34
N GLU C 180 -11.18 -17.08 45.57
CA GLU C 180 -11.82 -16.43 46.73
C GLU C 180 -11.95 -14.92 46.52
N ARG C 181 -10.99 -14.33 45.79
CA ARG C 181 -10.99 -12.90 45.48
C ARG C 181 -12.01 -12.55 44.39
N PHE C 182 -12.05 -13.36 43.34
CA PHE C 182 -12.93 -13.14 42.21
C PHE C 182 -14.41 -13.23 42.61
N ALA C 183 -14.71 -14.18 43.50
CA ALA C 183 -16.09 -14.38 43.98
C ALA C 183 -16.59 -13.19 44.78
N THR C 184 -15.71 -12.23 45.07
CA THR C 184 -16.05 -11.04 45.84
C THR C 184 -15.91 -9.78 44.98
N MET C 185 -16.06 -9.94 43.66
CA MET C 185 -15.92 -8.84 42.70
C MET C 185 -17.23 -8.57 41.97
N SER C 186 -17.47 -7.29 41.67
CA SER C 186 -18.63 -6.85 40.89
C SER C 186 -18.24 -6.70 39.44
N ASP C 187 -19.22 -6.59 38.56
CA ASP C 187 -18.98 -6.21 37.16
C ASP C 187 -18.04 -5.01 37.10
N GLU C 188 -18.31 -4.01 37.95
CA GLU C 188 -17.46 -2.80 38.01
C GLU C 188 -15.98 -3.10 38.26
N ASP C 189 -15.69 -3.90 39.30
CA ASP C 189 -14.32 -4.25 39.68
C ASP C 189 -13.59 -5.02 38.59
N LYS C 190 -14.30 -5.99 38.02
CA LYS C 190 -13.74 -6.83 36.97
C LYS C 190 -13.40 -5.98 35.75
N ALA C 191 -14.31 -5.07 35.41
CA ALA C 191 -14.13 -4.18 34.27
C ALA C 191 -12.96 -3.25 34.49
N ARG C 192 -12.79 -2.80 35.73
CA ARG C 192 -11.72 -1.87 36.06
C ARG C 192 -10.38 -2.59 36.09
N LEU C 193 -10.37 -3.78 36.69
CA LEU C 193 -9.20 -4.64 36.68
C LEU C 193 -8.74 -4.91 35.24
N THR C 194 -9.71 -5.23 34.40
CA THR C 194 -9.44 -5.52 33.00
C THR C 194 -8.80 -4.34 32.28
N ARG C 195 -9.44 -3.19 32.35
CA ARG C 195 -8.92 -1.97 31.72
C ARG C 195 -7.55 -1.54 32.25
N ASN C 196 -7.32 -1.70 33.55
CA ASN C 196 -6.01 -1.37 34.11
C ASN C 196 -4.90 -2.21 33.50
N ILE C 197 -5.20 -3.46 33.19
CA ILE C 197 -4.20 -4.38 32.70
C ILE C 197 -3.91 -4.20 31.21
N ILE C 198 -4.92 -3.82 30.43
CA ILE C 198 -4.79 -3.92 28.96
C ILE C 198 -4.98 -2.64 28.15
N ALA C 199 -5.56 -1.60 28.75
CA ALA C 199 -5.89 -0.40 27.98
C ALA C 199 -4.66 0.50 27.81
N GLY C 200 -3.62 0.20 28.59
CA GLY C 200 -2.32 0.84 28.41
C GLY C 200 -2.22 2.03 29.33
N LEU C 201 -1.14 2.03 30.11
CA LEU C 201 -0.88 3.08 31.09
C LEU C 201 -0.09 4.23 30.44
N PRO C 202 -0.01 5.40 31.10
CA PRO C 202 0.70 6.53 30.51
C PRO C 202 2.10 6.15 30.01
N GLY C 203 2.42 6.57 28.78
CA GLY C 203 3.70 6.23 28.16
C GLY C 203 3.65 4.99 27.29
N ALA C 204 2.74 4.06 27.63
CA ALA C 204 2.51 2.87 26.80
C ALA C 204 1.99 3.30 25.43
N GLU C 205 2.49 2.64 24.38
CA GLU C 205 2.09 3.02 23.04
C GLU C 205 1.17 1.97 22.43
N GLU C 206 0.50 1.22 23.31
CA GLU C 206 -0.41 0.18 22.87
C GLU C 206 -1.58 0.09 23.84
N GLY C 207 -2.76 -0.18 23.29
CA GLY C 207 -4.00 -0.39 24.04
C GLY C 207 -4.91 -1.35 23.30
N TYR C 208 -5.67 -2.16 24.06
CA TYR C 208 -6.51 -3.22 23.49
C TYR C 208 -7.89 -3.30 24.14
N THR C 209 -8.88 -3.70 23.37
CA THR C 209 -10.12 -4.23 23.96
C THR C 209 -9.81 -5.70 24.30
N LEU C 210 -10.56 -6.32 25.21
CA LEU C 210 -10.22 -7.70 25.60
C LEU C 210 -10.20 -8.65 24.42
N ASP C 211 -11.10 -8.45 23.47
CA ASP C 211 -11.10 -9.28 22.27
C ASP C 211 -9.84 -9.08 21.43
N GLN C 212 -9.45 -7.83 21.21
CA GLN C 212 -8.22 -7.53 20.49
C GLN C 212 -7.02 -8.17 21.20
N PHE C 213 -6.96 -7.97 22.52
CA PHE C 213 -5.88 -8.47 23.37
C PHE C 213 -5.68 -9.97 23.17
N ARG C 214 -6.78 -10.71 23.25
CA ARG C 214 -6.77 -12.17 23.15
C ARG C 214 -6.17 -12.64 21.82
N LYS C 215 -6.66 -12.08 20.72
CA LYS C 215 -6.20 -12.40 19.36
C LYS C 215 -4.73 -12.03 19.16
N HIS C 216 -4.29 -10.99 19.87
CA HIS C 216 -2.92 -10.52 19.76
C HIS C 216 -1.93 -11.45 20.46
N LEU C 217 -2.41 -12.14 21.50
CA LEU C 217 -1.55 -13.00 22.31
C LEU C 217 -1.12 -14.26 21.58
N GLU C 218 -1.95 -14.75 20.67
CA GLU C 218 -1.61 -15.94 19.91
C GLU C 218 -0.69 -15.65 18.72
N LEU C 219 -0.23 -14.40 18.60
CA LEU C 219 0.87 -14.10 17.70
C LEU C 219 2.17 -14.61 18.32
N TYR C 220 2.18 -14.69 19.65
CA TYR C 220 3.33 -15.15 20.42
C TYR C 220 3.26 -16.64 20.80
N LYS C 221 2.27 -17.36 20.26
CA LYS C 221 2.10 -18.79 20.50
C LYS C 221 3.40 -19.60 20.33
N ASP C 222 4.15 -19.33 19.27
CA ASP C 222 5.37 -20.08 18.98
C ASP C 222 6.63 -19.26 19.28
N ILE C 223 6.45 -18.21 20.08
CA ILE C 223 7.56 -17.32 20.41
C ILE C 223 7.97 -17.54 21.86
N ASP C 224 9.07 -18.28 22.04
CA ASP C 224 9.63 -18.50 23.37
C ASP C 224 10.71 -17.45 23.67
N LYS C 225 11.29 -17.51 24.87
CA LYS C 225 12.33 -16.57 25.28
C LYS C 225 13.43 -16.51 24.23
N ALA C 226 13.92 -17.67 23.80
CA ALA C 226 14.99 -17.76 22.80
C ALA C 226 14.65 -17.04 21.48
N LYS C 227 13.40 -17.22 21.03
CA LYS C 227 12.92 -16.62 19.78
C LYS C 227 12.74 -15.11 19.87
N LEU C 228 12.23 -14.64 21.01
CA LEU C 228 12.07 -13.20 21.20
C LEU C 228 13.46 -12.57 21.23
N ARG C 229 14.43 -13.28 21.79
CA ARG C 229 15.81 -12.80 21.80
C ARG C 229 16.33 -12.64 20.38
N GLU C 230 16.14 -13.68 19.56
CA GLU C 230 16.50 -13.65 18.14
C GLU C 230 15.80 -12.51 17.39
N ASN C 231 14.56 -12.23 17.79
CA ASN C 231 13.84 -11.11 17.20
C ASN C 231 14.39 -9.75 17.65
N PHE C 232 14.81 -9.67 18.92
CA PHE C 232 15.45 -8.47 19.44
C PHE C 232 16.85 -8.29 18.84
N ALA C 233 17.53 -9.41 18.61
CA ALA C 233 18.83 -9.41 17.95
C ALA C 233 18.79 -8.77 16.55
N VAL C 234 17.78 -9.13 15.76
CA VAL C 234 17.60 -8.56 14.42
C VAL C 234 17.45 -7.05 14.50
N PHE C 235 16.64 -6.60 15.47
CA PHE C 235 16.39 -5.18 15.68
C PHE C 235 17.68 -4.46 16.07
N LEU C 236 18.40 -5.00 17.07
CA LEU C 236 19.63 -4.37 17.54
C LEU C 236 20.69 -4.26 16.43
N LYS C 237 20.83 -5.30 15.62
CA LYS C 237 21.85 -5.33 14.57
C LYS C 237 21.62 -4.32 13.45
N ALA C 238 20.36 -3.94 13.24
CA ALA C 238 20.00 -2.95 12.23
C ALA C 238 20.02 -1.53 12.77
N ILE C 239 19.68 -1.37 14.05
CA ILE C 239 19.48 -0.06 14.66
C ILE C 239 20.74 0.54 15.29
N ILE C 240 21.45 -0.25 16.09
CA ILE C 240 22.66 0.24 16.80
C ILE C 240 23.71 0.92 15.89
N PRO C 241 24.07 0.30 14.74
CA PRO C 241 25.03 0.94 13.83
C PRO C 241 24.62 2.34 13.38
N VAL C 242 23.33 2.56 13.13
CA VAL C 242 22.82 3.89 12.76
C VAL C 242 22.95 4.89 13.92
N ALA C 243 22.47 4.47 15.08
CA ALA C 243 22.56 5.25 16.31
C ALA C 243 24.00 5.68 16.52
N GLU C 244 24.91 4.72 16.41
CA GLU C 244 26.33 4.97 16.54
C GLU C 244 26.78 5.99 15.50
N GLU C 245 26.46 5.74 14.23
CA GLU C 245 26.81 6.62 13.11
C GLU C 245 26.41 8.09 13.32
N VAL C 246 25.20 8.33 13.82
CA VAL C 246 24.69 9.68 13.99
C VAL C 246 24.92 10.26 15.38
N GLY C 247 25.46 9.44 16.29
CA GLY C 247 25.87 9.88 17.63
C GLY C 247 24.75 9.84 18.66
N VAL C 248 23.85 8.89 18.51
CA VAL C 248 22.74 8.69 19.44
C VAL C 248 23.09 7.49 20.30
N ARG C 249 22.76 7.55 21.58
CA ARG C 249 22.97 6.42 22.49
C ARG C 249 21.64 5.78 22.85
N MET C 250 21.52 4.47 22.63
CA MET C 250 20.28 3.76 22.98
C MET C 250 20.29 3.32 24.44
N ALA C 251 19.13 3.38 25.10
CA ALA C 251 19.00 3.12 26.54
C ALA C 251 17.77 2.25 26.86
N VAL C 252 17.98 0.94 26.89
CA VAL C 252 16.86 0.01 27.00
C VAL C 252 16.23 0.01 28.39
N HIS C 253 14.93 0.27 28.44
CA HIS C 253 14.19 0.20 29.69
C HIS C 253 13.79 -1.24 29.98
N PRO C 254 13.94 -1.68 31.25
CA PRO C 254 13.58 -3.06 31.59
C PRO C 254 12.09 -3.37 31.57
N ASP C 255 11.79 -4.66 31.69
CA ASP C 255 10.43 -5.16 31.80
C ASP C 255 9.86 -4.75 33.17
N ASP C 256 8.60 -4.33 33.22
CA ASP C 256 7.95 -3.92 34.48
C ASP C 256 6.56 -4.56 34.54
N PRO C 257 6.38 -5.59 35.36
CA PRO C 257 7.36 -6.21 36.24
C PRO C 257 8.40 -7.05 35.48
N PRO C 258 9.58 -7.29 36.09
CA PRO C 258 10.65 -7.99 35.40
C PRO C 258 10.58 -9.53 35.50
N ARG C 259 9.41 -10.08 35.17
CA ARG C 259 9.21 -11.52 35.14
C ARG C 259 8.22 -11.88 34.01
N PRO C 260 8.30 -13.12 33.49
CA PRO C 260 7.39 -13.49 32.40
C PRO C 260 5.94 -13.54 32.88
N ILE C 261 5.06 -12.83 32.19
CA ILE C 261 3.63 -12.85 32.48
C ILE C 261 2.82 -13.20 31.24
N LEU C 262 1.62 -13.74 31.47
CA LEU C 262 0.68 -14.15 30.40
C LEU C 262 1.25 -15.14 29.35
N GLY C 263 2.11 -16.06 29.80
CA GLY C 263 2.77 -17.00 28.89
C GLY C 263 3.71 -16.36 27.89
N LEU C 264 4.12 -15.12 28.14
CA LEU C 264 4.99 -14.38 27.23
C LEU C 264 6.39 -14.22 27.82
N PRO C 265 7.43 -14.24 26.96
CA PRO C 265 8.75 -13.99 27.51
C PRO C 265 8.92 -12.52 27.88
N ARG C 266 9.79 -12.26 28.86
CA ARG C 266 10.24 -10.90 29.11
C ARG C 266 11.74 -10.98 29.28
N ILE C 267 12.44 -10.39 28.32
CA ILE C 267 13.87 -10.64 28.14
C ILE C 267 14.80 -9.47 28.50
N VAL C 268 14.27 -8.48 29.21
CA VAL C 268 15.08 -7.41 29.78
C VAL C 268 14.73 -7.32 31.25
N SER C 269 15.14 -8.34 32.02
CA SER C 269 14.68 -8.52 33.40
C SER C 269 15.77 -8.71 34.45
N THR C 270 16.88 -9.33 34.05
CA THR C 270 17.97 -9.65 34.97
C THR C 270 19.32 -9.20 34.42
N ILE C 271 20.36 -9.35 35.23
CA ILE C 271 21.71 -8.96 34.80
C ILE C 271 22.17 -9.82 33.62
N GLU C 272 21.65 -11.04 33.52
CA GLU C 272 22.01 -11.95 32.42
C GLU C 272 21.42 -11.51 31.08
N ASP C 273 20.32 -10.77 31.15
CA ASP C 273 19.70 -10.19 29.97
C ASP C 273 20.53 -9.00 29.47
N MET C 274 21.00 -8.17 30.41
CA MET C 274 21.93 -7.10 30.11
C MET C 274 23.18 -7.63 29.41
N GLN C 275 23.78 -8.66 30.00
CA GLN C 275 24.99 -9.31 29.44
C GLN C 275 24.72 -9.84 28.05
N TRP C 276 23.52 -10.37 27.84
CA TRP C 276 23.12 -10.88 26.55
C TRP C 276 23.13 -9.78 25.49
N MET C 277 22.63 -8.59 25.84
CA MET C 277 22.52 -7.50 24.88
C MET C 277 23.91 -7.03 24.43
N VAL C 278 24.79 -6.88 25.40
CA VAL C 278 26.16 -6.50 25.11
C VAL C 278 26.84 -7.56 24.24
N ASP C 279 26.63 -8.84 24.55
CA ASP C 279 27.18 -9.96 23.76
C ASP C 279 26.72 -9.95 22.30
N THR C 280 25.48 -9.53 22.07
CA THR C 280 24.90 -9.53 20.73
C THR C 280 25.44 -8.36 19.91
N VAL C 281 25.47 -7.18 20.51
CA VAL C 281 26.01 -5.99 19.86
C VAL C 281 26.97 -5.25 20.79
N ASN C 282 28.26 -5.31 20.45
CA ASN C 282 29.33 -4.72 21.25
C ASN C 282 29.33 -3.19 21.32
N SER C 283 28.89 -2.55 20.24
CA SER C 283 28.90 -1.09 20.11
C SER C 283 28.43 -0.41 21.38
N MET C 284 29.10 0.69 21.75
CA MET C 284 28.79 1.43 22.98
C MET C 284 27.49 2.21 22.91
N ALA C 285 26.96 2.37 21.70
CA ALA C 285 25.65 2.95 21.51
C ALA C 285 24.54 1.99 22.01
N ASN C 286 24.92 0.76 22.30
CA ASN C 286 23.97 -0.24 22.86
C ASN C 286 24.03 -0.21 24.38
N GLY C 287 23.16 0.58 24.99
CA GLY C 287 23.22 0.77 26.43
C GLY C 287 21.89 0.63 27.15
N PHE C 288 21.83 1.21 28.35
CA PHE C 288 20.74 0.90 29.30
C PHE C 288 20.16 2.12 29.99
N THR C 289 18.86 2.03 30.28
CA THR C 289 18.23 2.89 31.27
C THR C 289 18.16 2.08 32.57
N MET C 290 18.76 2.58 33.63
CA MET C 290 18.70 1.89 34.91
C MET C 290 17.44 2.34 35.65
N CYS C 291 16.38 1.54 35.54
CA CYS C 291 15.13 1.82 36.26
C CYS C 291 15.16 0.99 37.53
N THR C 292 15.46 1.65 38.64
CA THR C 292 15.55 0.97 39.93
C THR C 292 14.20 0.42 40.40
N GLY C 293 13.12 1.03 39.94
CA GLY C 293 11.77 0.61 40.28
C GLY C 293 11.38 -0.70 39.66
N SER C 294 11.75 -0.89 38.40
CA SER C 294 11.42 -2.11 37.65
C SER C 294 12.34 -3.26 38.05
N TYR C 295 13.65 -3.08 37.84
CA TYR C 295 14.63 -4.09 38.23
C TYR C 295 14.48 -4.46 39.72
N GLY C 296 14.11 -3.48 40.54
CA GLY C 296 13.99 -3.66 41.99
C GLY C 296 12.82 -4.50 42.51
N VAL C 297 11.91 -4.89 41.62
CA VAL C 297 10.74 -5.67 42.01
C VAL C 297 11.15 -7.07 42.50
N ARG C 298 12.16 -7.65 41.83
CA ARG C 298 12.63 -8.98 42.22
C ARG C 298 13.91 -8.86 43.04
N ALA C 299 13.90 -9.54 44.19
CA ALA C 299 14.94 -9.46 45.20
C ALA C 299 16.30 -9.93 44.71
N ASP C 300 16.31 -10.85 43.74
CA ASP C 300 17.55 -11.41 43.23
C ASP C 300 18.28 -10.52 42.22
N ASN C 301 17.69 -9.37 41.88
CA ASN C 301 18.41 -8.36 41.11
C ASN C 301 19.20 -7.50 42.10
N ASP C 302 20.51 -7.47 41.92
CA ASP C 302 21.39 -6.66 42.75
C ASP C 302 21.64 -5.35 41.98
N LEU C 303 20.96 -4.28 42.38
CA LEU C 303 21.00 -3.03 41.63
C LEU C 303 22.38 -2.40 41.58
N VAL C 304 23.05 -2.37 42.73
CA VAL C 304 24.39 -1.80 42.80
C VAL C 304 25.38 -2.59 41.96
N ASP C 305 25.28 -3.91 42.00
CA ASP C 305 26.13 -4.74 41.14
C ASP C 305 25.82 -4.54 39.66
N MET C 306 24.56 -4.36 39.33
CA MET C 306 24.18 -4.02 37.96
C MET C 306 24.86 -2.73 37.54
N ILE C 307 24.89 -1.75 38.45
CA ILE C 307 25.54 -0.46 38.18
C ILE C 307 27.07 -0.58 38.08
N LYS C 308 27.70 -1.36 38.94
CA LYS C 308 29.16 -1.57 38.83
C LYS C 308 29.56 -2.25 37.52
N GLN C 309 28.83 -3.29 37.12
CA GLN C 309 29.16 -4.01 35.88
C GLN C 309 28.85 -3.23 34.58
N PHE C 310 27.74 -2.51 34.55
CA PHE C 310 27.26 -1.89 33.29
C PHE C 310 27.20 -0.37 33.34
N GLY C 311 27.83 0.20 34.37
CA GLY C 311 27.87 1.65 34.54
C GLY C 311 28.28 2.40 33.29
N PRO C 312 29.33 1.92 32.59
CA PRO C 312 29.75 2.65 31.39
C PRO C 312 28.67 2.71 30.32
N ARG C 313 27.69 1.82 30.40
CA ARG C 313 26.67 1.72 29.38
C ARG C 313 25.32 2.24 29.84
N ILE C 314 25.30 2.84 31.03
CA ILE C 314 24.09 3.37 31.65
C ILE C 314 23.87 4.83 31.24
N TYR C 315 22.86 5.06 30.40
CA TYR C 315 22.72 6.34 29.76
C TYR C 315 21.53 7.16 30.23
N PHE C 316 20.75 6.58 31.15
CA PHE C 316 19.51 7.19 31.63
C PHE C 316 19.12 6.41 32.90
N THR C 317 18.61 7.11 33.92
CA THR C 317 18.10 6.42 35.10
C THR C 317 16.70 6.86 35.47
N HIS C 318 15.91 5.91 35.95
CA HIS C 318 14.60 6.15 36.55
C HIS C 318 14.79 5.78 38.01
N LEU C 319 14.70 6.77 38.87
CA LEU C 319 15.07 6.58 40.26
C LEU C 319 13.85 6.54 41.17
N ARG C 320 13.21 5.40 41.22
CA ARG C 320 12.06 5.22 42.10
C ARG C 320 12.17 3.88 42.83
N SER C 321 11.20 3.62 43.71
CA SER C 321 11.24 2.48 44.59
C SER C 321 9.89 1.79 44.67
N THR C 322 9.93 0.47 44.71
CA THR C 322 8.73 -0.32 44.99
C THR C 322 8.92 -1.06 46.31
N MET C 323 7.82 -1.61 46.81
CA MET C 323 7.79 -2.27 48.11
C MET C 323 7.06 -3.62 48.01
N ARG C 324 7.81 -4.71 48.10
CA ARG C 324 7.22 -6.05 48.11
C ARG C 324 6.39 -6.27 49.38
N GLU C 325 5.30 -7.03 49.27
CA GLU C 325 4.44 -7.34 50.42
C GLU C 325 4.65 -8.80 50.88
N ASP C 326 3.80 -9.31 51.78
CA ASP C 326 3.97 -10.69 52.31
C ASP C 326 4.16 -11.70 51.19
N ASN C 327 3.29 -11.65 50.19
CA ASN C 327 3.54 -12.36 48.94
C ASN C 327 4.57 -11.53 48.18
N PRO C 328 5.74 -12.13 47.91
CA PRO C 328 6.86 -11.43 47.27
C PRO C 328 6.59 -10.94 45.85
N LYS C 329 5.50 -11.40 45.24
CA LYS C 329 5.17 -10.98 43.88
C LYS C 329 4.15 -9.83 43.87
N THR C 330 3.57 -9.57 45.04
CA THR C 330 2.75 -8.39 45.22
C THR C 330 3.64 -7.21 45.59
N PHE C 331 3.46 -6.09 44.90
CA PHE C 331 4.20 -4.87 45.23
C PHE C 331 3.37 -3.64 44.99
N HIS C 332 3.72 -2.58 45.72
CA HIS C 332 3.16 -1.25 45.46
C HIS C 332 4.31 -0.26 45.30
N GLU C 333 3.99 0.92 44.78
CA GLU C 333 5.00 1.94 44.56
C GLU C 333 5.22 2.69 45.85
N ALA C 334 6.49 2.74 46.27
CA ALA C 334 6.84 3.31 47.56
C ALA C 334 7.28 4.76 47.46
N ALA C 335 7.41 5.38 48.63
CA ALA C 335 8.14 6.64 48.73
C ALA C 335 9.59 6.39 48.32
N HIS C 336 10.17 7.34 47.59
CA HIS C 336 11.51 7.15 46.99
C HIS C 336 12.60 6.67 47.96
N LEU C 337 12.54 7.12 49.21
CA LEU C 337 13.56 6.75 50.20
C LEU C 337 13.11 5.66 51.19
N ASN C 338 11.89 5.17 51.04
CA ASN C 338 11.31 4.24 52.01
C ASN C 338 10.90 2.86 51.42
N GLY C 339 11.52 2.45 50.31
CA GLY C 339 11.15 1.17 49.71
C GLY C 339 12.23 0.12 49.83
N ASP C 340 12.17 -0.90 48.98
CA ASP C 340 13.20 -1.94 48.95
C ASP C 340 14.53 -1.49 48.30
N VAL C 341 14.46 -0.51 47.41
CA VAL C 341 15.65 0.07 46.81
C VAL C 341 16.45 0.84 47.87
N ASP C 342 17.70 0.44 48.10
CA ASP C 342 18.62 1.25 48.90
C ASP C 342 19.06 2.44 48.06
N MET C 343 18.26 3.52 48.09
CA MET C 343 18.51 4.66 47.23
C MET C 343 19.86 5.33 47.51
N TYR C 344 20.28 5.35 48.77
CA TYR C 344 21.59 5.93 49.09
C TYR C 344 22.71 5.19 48.34
N GLU C 345 22.63 3.88 48.33
CA GLU C 345 23.65 3.06 47.72
C GLU C 345 23.63 3.13 46.19
N VAL C 346 22.43 3.14 45.61
CA VAL C 346 22.23 3.30 44.18
C VAL C 346 22.75 4.66 43.67
N VAL C 347 22.39 5.75 44.35
CA VAL C 347 22.88 7.07 43.96
C VAL C 347 24.41 7.10 44.07
N LYS C 348 24.95 6.52 45.14
CA LYS C 348 26.40 6.48 45.31
C LYS C 348 27.11 5.81 44.12
N ALA C 349 26.55 4.71 43.63
CA ALA C 349 27.18 3.97 42.54
C ALA C 349 27.10 4.72 41.22
N ILE C 350 25.99 5.43 41.01
CA ILE C 350 25.80 6.28 39.83
C ILE C 350 26.78 7.45 39.86
N VAL C 351 26.88 8.12 41.00
CA VAL C 351 27.85 9.20 41.17
C VAL C 351 29.30 8.71 40.98
N GLU C 352 29.62 7.51 41.49
CA GLU C 352 30.94 6.93 41.25
C GLU C 352 31.24 6.69 39.76
N GLU C 353 30.25 6.15 39.04
CA GLU C 353 30.34 5.99 37.59
C GLU C 353 30.59 7.31 36.86
N GLU C 354 29.86 8.37 37.24
CA GLU C 354 30.04 9.66 36.59
C GLU C 354 31.45 10.20 36.78
N HIS C 355 31.99 10.07 38.00
CA HIS C 355 33.34 10.55 38.28
C HIS C 355 34.43 9.73 37.58
N ARG C 356 34.17 8.45 37.35
CA ARG C 356 35.07 7.60 36.56
C ARG C 356 35.19 8.14 35.13
N ARG C 357 34.05 8.46 34.51
CA ARG C 357 34.03 9.06 33.17
C ARG C 357 34.78 10.38 33.15
N LYS C 358 34.58 11.19 34.20
CA LYS C 358 35.23 12.50 34.30
C LYS C 358 36.74 12.35 34.39
N ALA C 359 37.20 11.42 35.23
CA ALA C 359 38.63 11.14 35.39
C ALA C 359 39.26 10.65 34.09
N GLU C 360 38.48 9.92 33.31
CA GLU C 360 38.95 9.26 32.10
C GLU C 360 39.07 10.26 30.96
N GLY C 361 38.32 11.36 31.03
CA GLY C 361 38.44 12.40 30.02
C GLY C 361 37.45 13.55 30.03
N LYS C 362 36.17 13.22 30.13
CA LYS C 362 35.12 14.22 29.90
C LYS C 362 33.89 13.99 30.78
N GLU C 363 33.36 15.07 31.34
CA GLU C 363 32.12 15.01 32.09
C GLU C 363 31.02 14.46 31.18
N ASP C 364 30.34 13.42 31.65
CA ASP C 364 29.30 12.75 30.90
C ASP C 364 28.28 12.22 31.90
N LEU C 365 27.44 13.14 32.36
CA LEU C 365 26.45 12.86 33.37
C LEU C 365 25.36 11.89 32.85
N ILE C 366 24.74 11.20 33.78
CA ILE C 366 23.65 10.28 33.50
C ILE C 366 22.33 10.97 33.89
N PRO C 367 21.49 11.33 32.91
CA PRO C 367 20.26 12.00 33.34
C PRO C 367 19.35 11.06 34.14
N MET C 368 18.64 11.64 35.10
CA MET C 368 17.66 10.91 35.89
C MET C 368 16.29 11.56 35.76
N ARG C 369 15.25 10.77 35.97
CA ARG C 369 13.93 11.32 36.28
C ARG C 369 13.37 10.56 37.50
N PRO C 370 12.50 11.20 38.30
CA PRO C 370 11.88 10.53 39.47
C PRO C 370 10.95 9.40 39.09
N ASP C 371 10.56 9.36 37.82
CA ASP C 371 9.80 8.26 37.22
C ASP C 371 8.30 8.25 37.51
N HIS C 372 7.91 7.76 38.69
CA HIS C 372 6.51 7.78 39.15
C HIS C 372 6.43 8.47 40.47
N GLY C 373 5.22 8.90 40.83
CA GLY C 373 4.99 9.56 42.10
C GLY C 373 3.63 9.19 42.67
N HIS C 374 3.49 9.30 43.98
CA HIS C 374 2.22 9.11 44.62
C HIS C 374 1.30 10.29 44.27
N GLN C 375 0.00 10.02 44.20
CA GLN C 375 -0.97 11.08 43.96
C GLN C 375 -1.25 11.71 45.32
N MET C 376 -0.91 13.00 45.48
CA MET C 376 -1.01 13.67 46.79
C MET C 376 -1.41 15.16 46.74
N LEU C 377 -1.76 15.72 47.90
CA LEU C 377 -2.25 17.11 48.01
C LEU C 377 -3.27 17.43 46.91
N ASP C 378 -3.11 18.57 46.23
CA ASP C 378 -4.08 19.01 45.21
C ASP C 378 -4.36 17.96 44.11
N ASP C 379 -3.40 17.07 43.87
CA ASP C 379 -3.53 16.08 42.81
C ASP C 379 -4.57 15.02 43.14
N LEU C 380 -4.91 14.88 44.41
CA LEU C 380 -5.97 13.95 44.79
C LEU C 380 -7.34 14.34 44.24
N LYS C 381 -7.54 15.64 43.98
CA LYS C 381 -8.82 16.17 43.48
C LYS C 381 -8.89 16.21 41.96
N LYS C 382 -7.94 15.54 41.30
CA LYS C 382 -7.86 15.57 39.85
C LYS C 382 -7.92 14.17 39.26
N LYS C 383 -8.35 14.06 38.01
CA LYS C 383 -8.16 12.85 37.23
C LYS C 383 -6.76 12.95 36.62
N THR C 384 -5.85 12.07 37.06
CA THR C 384 -4.44 12.17 36.66
C THR C 384 -4.01 11.00 35.78
N ASN C 385 -2.91 11.18 35.06
CA ASN C 385 -2.21 10.05 34.46
C ASN C 385 -1.57 9.26 35.61
N PRO C 386 -1.95 7.97 35.74
CA PRO C 386 -1.45 7.07 36.79
C PRO C 386 0.05 7.10 36.94
N GLY C 387 0.51 7.49 38.13
CA GLY C 387 1.93 7.60 38.43
C GLY C 387 2.58 8.88 37.94
N TYR C 388 1.81 9.76 37.32
CA TYR C 388 2.41 10.90 36.63
C TYR C 388 1.86 12.26 37.01
N SER C 389 1.28 12.35 38.20
CA SER C 389 0.86 13.61 38.77
C SER C 389 2.13 14.34 39.20
N ALA C 390 2.02 15.63 39.45
CA ALA C 390 3.21 16.48 39.65
C ALA C 390 3.80 16.42 41.04
N ILE C 391 2.96 16.60 42.06
CA ILE C 391 3.45 16.81 43.41
C ILE C 391 4.29 15.63 43.98
N GLY C 392 3.82 14.41 43.75
CA GLY C 392 4.53 13.21 44.25
C GLY C 392 5.86 13.01 43.56
N ARG C 393 5.91 13.35 42.27
CA ARG C 393 7.17 13.25 41.52
C ARG C 393 8.12 14.37 41.95
N LEU C 394 7.57 15.57 42.18
CA LEU C 394 8.38 16.70 42.63
C LEU C 394 9.03 16.34 43.97
N LYS C 395 8.23 15.69 44.82
CA LYS C 395 8.70 15.16 46.11
C LYS C 395 9.88 14.17 45.98
N GLY C 396 9.73 13.17 45.12
CA GLY C 396 10.78 12.17 44.89
C GLY C 396 12.04 12.74 44.22
N LEU C 397 11.86 13.72 43.36
CA LEU C 397 12.98 14.35 42.72
C LEU C 397 13.75 15.15 43.75
N ALA C 398 13.02 15.81 44.65
CA ALA C 398 13.66 16.60 45.73
C ALA C 398 14.48 15.73 46.68
N GLU C 399 13.94 14.56 47.01
CA GLU C 399 14.56 13.65 47.96
C GLU C 399 15.85 13.12 47.39
N VAL C 400 15.81 12.75 46.12
CA VAL C 400 16.99 12.23 45.44
C VAL C 400 18.01 13.37 45.24
N ARG C 401 17.50 14.57 44.96
CA ARG C 401 18.37 15.73 44.81
C ARG C 401 19.24 15.93 46.09
N GLY C 402 18.61 15.81 47.26
CA GLY C 402 19.30 15.92 48.54
C GLY C 402 20.36 14.83 48.78
N VAL C 403 19.98 13.59 48.44
CA VAL C 403 20.86 12.42 48.61
C VAL C 403 22.10 12.61 47.74
N GLU C 404 21.88 13.02 46.48
CA GLU C 404 22.97 13.17 45.53
C GLU C 404 23.92 14.27 45.93
N LEU C 405 23.39 15.41 46.37
CA LEU C 405 24.22 16.52 46.86
C LEU C 405 25.11 16.11 48.04
N ALA C 406 24.56 15.42 49.02
CA ALA C 406 25.34 15.03 50.20
C ALA C 406 26.46 14.03 49.84
N ILE C 407 26.12 13.07 48.99
CA ILE C 407 27.12 12.12 48.46
C ILE C 407 28.26 12.82 47.74
N GLN C 408 27.94 13.76 46.85
CA GLN C 408 28.94 14.57 46.15
C GLN C 408 29.86 15.26 47.15
N ARG C 409 29.26 15.86 48.19
CA ARG C 409 30.00 16.61 49.18
C ARG C 409 30.87 15.73 50.07
N ALA C 410 30.32 14.58 50.45
CA ALA C 410 30.95 13.66 51.40
C ALA C 410 32.13 12.93 50.80
N PHE C 411 31.97 12.49 49.56
CA PHE C 411 32.97 11.61 48.93
C PHE C 411 33.83 12.29 47.85
N PHE C 412 33.30 13.34 47.19
CA PHE C 412 34.00 13.90 46.02
C PHE C 412 34.36 15.38 46.10
N SER C 413 33.99 16.04 47.17
CA SER C 413 34.12 17.48 47.12
C SER C 413 35.36 17.86 47.86
N ARG C 414 35.80 16.92 48.67
CA ARG C 414 36.43 17.24 49.92
C ARG C 414 35.33 16.76 50.87
N SER D 19 -37.38 -1.70 33.14
CA SER D 19 -36.24 -2.30 32.41
C SER D 19 -35.18 -1.29 31.93
N HIS D 20 -33.94 -1.77 31.88
CA HIS D 20 -32.81 -1.07 31.26
C HIS D 20 -32.48 -1.78 29.93
N MET D 21 -33.38 -2.67 29.55
CA MET D 21 -33.34 -3.38 28.28
C MET D 21 -33.63 -2.43 27.11
N GLU D 22 -32.84 -2.54 26.04
CA GLU D 22 -33.03 -1.69 24.88
C GLU D 22 -34.21 -2.20 24.04
N GLN D 23 -35.34 -1.50 24.17
CA GLN D 23 -36.61 -1.93 23.56
C GLN D 23 -36.96 -1.09 22.35
N THR D 24 -37.13 -1.78 21.22
CA THR D 24 -37.39 -1.10 19.96
C THR D 24 -38.62 -1.71 19.29
N TRP D 25 -39.02 -1.12 18.17
CA TRP D 25 -40.31 -1.46 17.58
C TRP D 25 -40.25 -1.15 16.10
N ARG D 26 -40.74 -2.07 15.29
CA ARG D 26 -40.74 -1.83 13.87
C ARG D 26 -41.89 -0.95 13.41
N TRP D 27 -41.51 0.16 12.79
CA TRP D 27 -42.41 1.17 12.23
C TRP D 27 -42.17 1.30 10.72
N TYR D 28 -43.23 1.24 9.93
CA TYR D 28 -43.07 1.26 8.47
C TYR D 28 -43.00 2.65 7.80
N GLY D 29 -43.10 3.72 8.59
CA GLY D 29 -43.11 5.08 8.04
C GLY D 29 -44.46 5.74 8.18
N PRO D 30 -44.61 6.96 7.62
CA PRO D 30 -45.82 7.80 7.72
C PRO D 30 -47.15 7.08 7.40
N ASN D 31 -47.09 6.03 6.59
CA ASN D 31 -48.30 5.32 6.15
C ASN D 31 -48.72 4.16 7.05
N ASP D 32 -47.80 3.76 7.94
CA ASP D 32 -48.07 2.72 8.93
C ASP D 32 -49.31 3.07 9.77
N PRO D 33 -50.30 2.17 9.83
CA PRO D 33 -51.50 2.47 10.61
C PRO D 33 -51.18 2.59 12.09
N VAL D 34 -50.03 2.07 12.50
CA VAL D 34 -49.54 2.20 13.87
C VAL D 34 -48.71 3.49 14.02
N SER D 35 -49.20 4.42 14.83
CA SER D 35 -48.57 5.73 14.98
C SER D 35 -47.35 5.65 15.88
N LEU D 36 -46.52 6.69 15.83
CA LEU D 36 -45.35 6.78 16.71
C LEU D 36 -45.76 7.01 18.16
N ALA D 37 -46.93 7.61 18.37
CA ALA D 37 -47.49 7.74 19.73
C ALA D 37 -47.84 6.36 20.31
N ASP D 38 -48.39 5.47 19.48
CA ASP D 38 -48.66 4.07 19.88
C ASP D 38 -47.36 3.42 20.32
N VAL D 39 -46.27 3.74 19.63
CA VAL D 39 -44.97 3.11 19.90
C VAL D 39 -44.44 3.54 21.26
N ARG D 40 -44.43 4.86 21.51
CA ARG D 40 -44.06 5.39 22.83
C ARG D 40 -44.87 4.71 23.92
N GLN D 41 -46.19 4.68 23.76
CA GLN D 41 -47.08 4.19 24.81
C GLN D 41 -46.89 2.70 25.08
N ALA D 42 -46.51 1.95 24.03
CA ALA D 42 -46.18 0.53 24.16
C ALA D 42 -44.91 0.38 25.01
N GLY D 43 -44.16 1.46 25.19
CA GLY D 43 -42.94 1.43 25.97
C GLY D 43 -41.66 1.20 25.20
N ALA D 44 -41.69 1.22 23.87
CA ALA D 44 -40.44 1.17 23.10
C ALA D 44 -39.73 2.51 23.17
N THR D 45 -38.41 2.50 23.30
CA THR D 45 -37.65 3.75 23.26
C THR D 45 -36.97 3.96 21.90
N GLY D 46 -36.90 2.89 21.11
CA GLY D 46 -36.24 2.95 19.81
C GLY D 46 -37.15 2.48 18.71
N VAL D 47 -36.92 3.00 17.51
CA VAL D 47 -37.64 2.56 16.34
C VAL D 47 -36.68 1.79 15.45
N VAL D 48 -37.25 0.79 14.77
CA VAL D 48 -36.59 0.01 13.76
C VAL D 48 -37.38 0.35 12.50
N THR D 49 -36.69 0.81 11.46
CA THR D 49 -37.38 1.28 10.26
C THR D 49 -36.48 1.27 9.03
N ALA D 50 -37.08 1.57 7.88
CA ALA D 50 -36.34 1.64 6.63
C ALA D 50 -37.03 2.62 5.69
N LEU D 51 -36.35 3.00 4.62
CA LEU D 51 -36.97 3.83 3.60
C LEU D 51 -37.56 2.90 2.53
N HIS D 52 -38.74 2.35 2.84
CA HIS D 52 -39.39 1.38 1.96
C HIS D 52 -39.75 1.97 0.59
N HIS D 53 -40.02 3.29 0.56
CA HIS D 53 -40.46 3.98 -0.66
C HIS D 53 -39.36 4.14 -1.69
N ILE D 54 -38.10 4.10 -1.24
CA ILE D 54 -36.96 4.14 -2.16
C ILE D 54 -36.83 2.84 -2.96
N PRO D 55 -36.80 2.95 -4.31
CA PRO D 55 -36.73 1.77 -5.18
C PRO D 55 -35.58 0.83 -4.82
N ASN D 56 -35.85 -0.48 -4.93
CA ASN D 56 -34.90 -1.53 -4.62
C ASN D 56 -33.54 -1.34 -5.28
N GLY D 57 -32.48 -1.34 -4.49
CA GLY D 57 -31.12 -1.27 -5.04
C GLY D 57 -30.49 0.10 -5.06
N GLU D 58 -31.30 1.15 -5.18
CA GLU D 58 -30.81 2.55 -5.24
C GLU D 58 -30.19 3.01 -3.92
N VAL D 59 -29.58 4.20 -3.93
CA VAL D 59 -28.90 4.78 -2.77
C VAL D 59 -29.90 5.51 -1.87
N TRP D 60 -29.80 5.29 -0.56
CA TRP D 60 -30.54 6.10 0.40
C TRP D 60 -29.75 7.39 0.64
N SER D 61 -30.24 8.48 0.08
CA SER D 61 -29.63 9.78 0.29
C SER D 61 -29.74 10.26 1.74
N VAL D 62 -28.71 10.95 2.18
CA VAL D 62 -28.65 11.60 3.49
C VAL D 62 -29.95 12.35 3.78
N GLU D 63 -30.41 13.16 2.82
CA GLU D 63 -31.64 13.93 2.93
C GLU D 63 -32.86 13.06 3.30
N GLU D 64 -33.08 11.99 2.54
CA GLU D 64 -34.18 11.06 2.84
C GLU D 64 -33.98 10.40 4.19
N ILE D 65 -32.72 10.14 4.56
CA ILE D 65 -32.43 9.55 5.88
C ILE D 65 -32.83 10.52 6.99
N LEU D 66 -32.30 11.74 6.93
CA LEU D 66 -32.55 12.75 7.96
C LEU D 66 -34.04 13.10 8.11
N LYS D 67 -34.79 12.99 7.02
CA LYS D 67 -36.23 13.28 7.06
C LYS D 67 -36.98 12.22 7.86
N ARG D 68 -36.55 10.96 7.76
CA ARG D 68 -37.09 9.89 8.60
C ARG D 68 -36.64 9.98 10.06
N LYS D 69 -35.37 10.28 10.30
CA LYS D 69 -34.85 10.43 11.66
C LYS D 69 -35.60 11.56 12.38
N ALA D 70 -35.76 12.69 11.70
CA ALA D 70 -36.43 13.86 12.28
C ALA D 70 -37.88 13.58 12.68
N ILE D 71 -38.59 12.83 11.83
CA ILE D 71 -39.95 12.44 12.10
C ILE D 71 -39.98 11.58 13.37
N ILE D 72 -39.08 10.61 13.44
CA ILE D 72 -38.94 9.75 14.62
C ILE D 72 -38.56 10.55 15.88
N GLU D 73 -37.62 11.48 15.74
CA GLU D 73 -37.18 12.26 16.90
C GLU D 73 -38.22 13.26 17.34
N ASP D 74 -39.04 13.74 16.40
CA ASP D 74 -40.16 14.63 16.73
C ASP D 74 -41.15 13.97 17.70
N ALA D 75 -41.22 12.64 17.65
CA ALA D 75 -42.11 11.86 18.52
C ALA D 75 -41.48 11.49 19.86
N GLY D 76 -40.21 11.88 20.08
CA GLY D 76 -39.51 11.56 21.32
C GLY D 76 -38.84 10.20 21.27
N LEU D 77 -38.48 9.74 20.07
CA LEU D 77 -37.88 8.41 19.88
C LEU D 77 -36.56 8.50 19.12
N VAL D 78 -35.80 7.42 19.10
CA VAL D 78 -34.61 7.35 18.26
C VAL D 78 -34.74 6.24 17.22
N TRP D 79 -34.11 6.46 16.07
CA TRP D 79 -33.99 5.45 15.04
C TRP D 79 -32.76 4.60 15.38
N SER D 80 -33.02 3.43 15.94
CA SER D 80 -32.00 2.52 16.48
C SER D 80 -31.39 1.59 15.44
N VAL D 81 -32.24 0.97 14.63
CA VAL D 81 -31.81 -0.09 13.73
C VAL D 81 -32.48 0.08 12.38
N VAL D 82 -31.75 -0.22 11.31
CA VAL D 82 -32.35 -0.30 9.99
C VAL D 82 -32.73 -1.76 9.71
N GLU D 83 -33.98 -1.96 9.29
CA GLU D 83 -34.46 -3.26 8.84
C GLU D 83 -35.51 -3.07 7.75
N SER D 84 -35.12 -3.22 6.47
CA SER D 84 -33.78 -3.60 6.03
C SER D 84 -33.26 -2.68 4.93
N VAL D 85 -31.96 -2.73 4.69
CA VAL D 85 -31.45 -2.28 3.40
C VAL D 85 -31.49 -3.49 2.46
N PRO D 86 -32.45 -3.48 1.51
CA PRO D 86 -32.73 -4.67 0.68
C PRO D 86 -31.60 -4.98 -0.30
N ILE D 87 -31.32 -6.28 -0.44
CA ILE D 87 -30.31 -6.75 -1.38
C ILE D 87 -31.00 -7.14 -2.69
N HIS D 88 -30.65 -6.43 -3.76
CA HIS D 88 -31.19 -6.66 -5.10
C HIS D 88 -31.01 -8.11 -5.56
N GLU D 89 -32.05 -8.66 -6.18
CA GLU D 89 -31.97 -10.01 -6.79
C GLU D 89 -30.74 -10.20 -7.70
N ASP D 90 -30.23 -9.10 -8.27
CA ASP D 90 -29.06 -9.18 -9.13
C ASP D 90 -27.82 -9.61 -8.35
N ILE D 91 -27.70 -9.13 -7.12
CA ILE D 91 -26.61 -9.51 -6.21
C ILE D 91 -26.73 -10.99 -5.80
N LYS D 92 -27.96 -11.42 -5.54
CA LYS D 92 -28.23 -12.81 -5.17
C LYS D 92 -27.97 -13.81 -6.31
N THR D 93 -28.26 -13.41 -7.54
CA THR D 93 -28.03 -14.27 -8.72
C THR D 93 -26.69 -14.02 -9.40
N HIS D 94 -25.99 -12.96 -8.96
CA HIS D 94 -24.74 -12.50 -9.54
C HIS D 94 -24.88 -12.30 -11.04
N THR D 95 -25.77 -11.37 -11.40
CA THR D 95 -26.11 -11.12 -12.79
C THR D 95 -26.39 -9.63 -13.05
N GLY D 96 -26.54 -9.27 -14.33
CA GLY D 96 -26.96 -7.93 -14.73
C GLY D 96 -26.11 -6.79 -14.21
N ASN D 97 -26.69 -6.02 -13.30
CA ASN D 97 -26.08 -4.79 -12.84
C ASN D 97 -25.67 -4.82 -11.35
N TYR D 98 -25.32 -6.01 -10.86
CA TYR D 98 -24.97 -6.23 -9.45
C TYR D 98 -23.84 -5.34 -8.90
N GLU D 99 -22.88 -4.99 -9.75
CA GLU D 99 -21.72 -4.19 -9.33
C GLU D 99 -22.12 -2.78 -8.93
N GLN D 100 -23.08 -2.20 -9.65
CA GLN D 100 -23.61 -0.87 -9.33
C GLN D 100 -24.47 -0.93 -8.07
N TRP D 101 -25.16 -2.06 -7.88
CA TRP D 101 -25.95 -2.27 -6.67
C TRP D 101 -25.06 -2.33 -5.44
N ILE D 102 -23.99 -3.13 -5.50
CA ILE D 102 -23.02 -3.22 -4.40
C ILE D 102 -22.41 -1.86 -4.05
N ALA D 103 -21.99 -1.11 -5.07
CA ALA D 103 -21.53 0.27 -4.88
C ALA D 103 -22.61 1.13 -4.25
N ASN D 104 -23.85 0.96 -4.71
CA ASN D 104 -24.98 1.73 -4.18
C ASN D 104 -25.31 1.33 -2.75
N TYR D 105 -25.07 0.07 -2.41
CA TYR D 105 -25.27 -0.44 -1.06
C TYR D 105 -24.23 0.15 -0.10
N GLN D 106 -22.98 0.17 -0.50
CA GLN D 106 -21.91 0.71 0.34
C GLN D 106 -22.15 2.19 0.64
N GLN D 107 -22.52 2.95 -0.39
CA GLN D 107 -22.87 4.37 -0.24
C GLN D 107 -24.05 4.57 0.73
N THR D 108 -25.07 3.71 0.60
CA THR D 108 -26.19 3.65 1.56
C THR D 108 -25.68 3.43 2.99
N LEU D 109 -24.69 2.56 3.16
CA LEU D 109 -24.10 2.34 4.47
C LEU D 109 -23.38 3.59 4.96
N ARG D 110 -22.59 4.21 4.07
CA ARG D 110 -21.84 5.45 4.39
C ARG D 110 -22.76 6.62 4.77
N ASN D 111 -23.93 6.69 4.14
CA ASN D 111 -24.92 7.74 4.43
C ASN D 111 -25.64 7.51 5.77
N LEU D 112 -25.90 6.25 6.10
CA LEU D 112 -26.52 5.91 7.36
C LEU D 112 -25.60 6.24 8.54
N ALA D 113 -24.35 5.79 8.47
CA ALA D 113 -23.38 6.07 9.54
C ALA D 113 -23.13 7.55 9.74
N GLN D 114 -23.03 8.30 8.63
CA GLN D 114 -22.94 9.75 8.70
C GLN D 114 -24.10 10.35 9.51
N CYS D 115 -25.29 9.76 9.37
CA CYS D 115 -26.47 10.24 10.08
C CYS D 115 -26.65 9.60 11.46
N GLY D 116 -25.68 8.81 11.91
CA GLY D 116 -25.67 8.29 13.28
C GLY D 116 -26.49 7.03 13.52
N ILE D 117 -26.87 6.35 12.44
CA ILE D 117 -27.58 5.08 12.55
C ILE D 117 -26.58 3.98 12.22
N ARG D 118 -26.37 3.06 13.16
CA ARG D 118 -25.17 2.22 13.13
C ARG D 118 -25.38 0.70 13.22
N THR D 119 -26.61 0.24 13.02
CA THR D 119 -26.92 -1.20 12.97
C THR D 119 -27.91 -1.49 11.87
N VAL D 120 -27.59 -2.45 11.02
CA VAL D 120 -28.42 -2.73 9.85
C VAL D 120 -28.76 -4.21 9.80
N CYS D 121 -30.06 -4.49 9.90
CA CYS D 121 -30.60 -5.83 9.71
C CYS D 121 -30.81 -6.06 8.22
N TYR D 122 -30.46 -7.26 7.75
CA TYR D 122 -30.62 -7.64 6.35
C TYR D 122 -30.82 -9.14 6.24
N ASN D 123 -31.20 -9.60 5.05
CA ASN D 123 -31.35 -11.04 4.81
C ASN D 123 -30.88 -11.45 3.42
N PHE D 124 -30.59 -12.74 3.28
CA PHE D 124 -30.19 -13.26 1.99
C PHE D 124 -31.13 -14.36 1.52
N MET D 125 -32.41 -14.19 1.84
CA MET D 125 -33.47 -15.09 1.36
C MET D 125 -33.70 -14.91 -0.15
N PRO D 126 -33.50 -15.97 -0.94
CA PRO D 126 -33.68 -15.77 -2.37
C PRO D 126 -35.16 -15.75 -2.79
N VAL D 127 -35.47 -14.91 -3.77
CA VAL D 127 -36.80 -14.76 -4.35
C VAL D 127 -37.86 -14.35 -3.34
N LEU D 128 -38.14 -15.24 -2.40
CA LEU D 128 -39.14 -14.97 -1.36
C LEU D 128 -38.52 -14.59 -0.03
N ASP D 129 -39.19 -13.68 0.67
CA ASP D 129 -38.77 -13.25 1.99
C ASP D 129 -39.47 -14.18 2.99
N TRP D 130 -39.76 -13.71 4.20
CA TRP D 130 -40.44 -14.55 5.19
C TRP D 130 -41.82 -15.04 4.69
N THR D 131 -42.20 -16.27 5.05
CA THR D 131 -43.31 -16.95 4.35
C THR D 131 -44.36 -17.63 5.24
N ARG D 132 -45.62 -17.37 4.90
CA ARG D 132 -46.77 -17.92 5.60
C ARG D 132 -47.89 -18.26 4.60
N THR D 133 -48.74 -19.23 4.95
CA THR D 133 -49.85 -19.57 4.06
C THR D 133 -51.19 -18.99 4.52
N ASP D 134 -51.26 -18.59 5.79
CA ASP D 134 -52.48 -18.07 6.39
C ASP D 134 -52.14 -16.83 7.25
N LEU D 135 -52.87 -15.74 7.00
CA LEU D 135 -52.57 -14.45 7.63
C LEU D 135 -53.64 -14.08 8.66
N GLU D 136 -54.61 -14.97 8.83
CA GLU D 136 -55.69 -14.76 9.77
C GLU D 136 -56.24 -16.08 10.33
N TYR D 137 -55.32 -16.89 10.83
CA TYR D 137 -55.66 -18.11 11.55
C TYR D 137 -56.24 -17.75 12.90
N VAL D 138 -57.50 -18.13 13.12
CA VAL D 138 -58.22 -17.78 14.33
C VAL D 138 -57.84 -18.75 15.44
N LEU D 139 -57.37 -18.21 16.55
CA LEU D 139 -57.01 -18.99 17.74
C LEU D 139 -58.21 -19.19 18.69
N PRO D 140 -58.12 -20.13 19.65
CA PRO D 140 -59.29 -20.35 20.53
C PRO D 140 -59.80 -19.10 21.26
N ASP D 141 -58.93 -18.15 21.58
CA ASP D 141 -59.39 -16.91 22.23
C ASP D 141 -60.02 -15.88 21.25
N GLY D 142 -60.05 -16.23 19.96
CA GLY D 142 -60.58 -15.34 18.93
C GLY D 142 -59.55 -14.41 18.29
N SER D 143 -58.32 -14.40 18.82
CA SER D 143 -57.27 -13.60 18.20
C SER D 143 -56.76 -14.29 16.94
N LYS D 144 -56.15 -13.51 16.07
CA LYS D 144 -55.68 -14.07 14.80
C LYS D 144 -54.16 -14.16 14.74
N ALA D 145 -53.68 -15.32 14.32
CA ALA D 145 -52.26 -15.56 14.22
C ALA D 145 -51.89 -15.78 12.77
N LEU D 146 -50.61 -15.61 12.46
CA LEU D 146 -50.07 -16.03 11.17
C LEU D 146 -49.72 -17.50 11.28
N ARG D 147 -49.87 -18.23 10.18
CA ARG D 147 -49.63 -19.66 10.16
C ARG D 147 -48.94 -20.14 8.88
N PHE D 148 -48.05 -21.12 9.01
CA PHE D 148 -47.51 -21.86 7.86
C PHE D 148 -48.03 -23.29 7.93
N ASP D 149 -48.99 -23.59 7.08
CA ASP D 149 -49.58 -24.92 6.98
C ASP D 149 -48.85 -25.67 5.90
N GLN D 150 -48.12 -26.69 6.29
CA GLN D 150 -47.31 -27.48 5.37
C GLN D 150 -48.16 -28.06 4.23
N ILE D 151 -49.39 -28.44 4.53
CA ILE D 151 -50.28 -29.03 3.54
C ILE D 151 -50.83 -27.99 2.56
N GLU D 152 -51.12 -26.79 3.03
CA GLU D 152 -51.50 -25.69 2.13
C GLU D 152 -50.32 -25.33 1.23
N PHE D 153 -49.13 -25.29 1.79
CA PHE D 153 -47.95 -24.91 1.01
C PHE D 153 -47.66 -25.94 -0.06
N ALA D 154 -47.77 -27.22 0.29
CA ALA D 154 -47.65 -28.34 -0.65
C ALA D 154 -48.70 -28.28 -1.79
N ALA D 155 -49.95 -27.99 -1.44
CA ALA D 155 -51.02 -27.80 -2.43
C ALA D 155 -50.72 -26.65 -3.38
N PHE D 156 -50.10 -25.59 -2.85
CA PHE D 156 -49.66 -24.49 -3.71
C PHE D 156 -48.59 -24.97 -4.70
N GLU D 157 -47.55 -25.61 -4.18
CA GLU D 157 -46.42 -26.06 -4.99
C GLU D 157 -46.79 -27.08 -6.07
N MET D 158 -47.68 -28.01 -5.74
CA MET D 158 -47.92 -29.15 -6.61
C MET D 158 -49.17 -29.02 -7.47
N HIS D 159 -50.09 -28.14 -7.09
CA HIS D 159 -51.34 -28.01 -7.83
C HIS D 159 -51.58 -26.62 -8.40
N ILE D 160 -50.94 -25.59 -7.83
CA ILE D 160 -51.09 -24.20 -8.31
C ILE D 160 -49.85 -23.73 -9.07
N LEU D 161 -48.69 -23.71 -8.41
CA LEU D 161 -47.46 -23.38 -9.08
C LEU D 161 -47.13 -24.46 -10.11
N LYS D 162 -47.42 -25.71 -9.75
CA LYS D 162 -47.14 -26.87 -10.58
C LYS D 162 -45.65 -26.96 -10.91
N ARG D 163 -44.82 -26.82 -9.88
CA ARG D 163 -43.36 -26.91 -10.01
C ARG D 163 -42.91 -28.33 -10.31
N PRO D 164 -42.17 -28.51 -11.42
CA PRO D 164 -41.69 -29.83 -11.79
C PRO D 164 -40.74 -30.40 -10.73
N GLY D 165 -41.06 -31.60 -10.23
CA GLY D 165 -40.21 -32.31 -9.28
C GLY D 165 -40.45 -31.93 -7.82
N ALA D 166 -41.47 -31.11 -7.57
CA ALA D 166 -41.78 -30.65 -6.23
C ALA D 166 -42.07 -31.78 -5.23
N GLU D 167 -42.64 -32.88 -5.73
CA GLU D 167 -42.97 -34.05 -4.91
C GLU D 167 -41.81 -34.60 -4.08
N ALA D 168 -40.59 -34.18 -4.42
CA ALA D 168 -39.39 -34.63 -3.72
C ALA D 168 -39.28 -34.07 -2.29
N ASP D 169 -39.99 -32.97 -2.04
CA ASP D 169 -39.91 -32.25 -0.76
C ASP D 169 -40.96 -32.66 0.25
N TYR D 170 -41.79 -33.65 -0.11
CA TYR D 170 -42.89 -34.09 0.76
C TYR D 170 -42.93 -35.60 0.87
N THR D 171 -43.53 -36.09 1.95
CA THR D 171 -43.73 -37.53 2.13
C THR D 171 -44.96 -37.96 1.33
N GLU D 172 -45.21 -39.27 1.24
CA GLU D 172 -46.37 -39.76 0.51
C GLU D 172 -47.67 -39.33 1.20
N GLU D 173 -47.63 -39.26 2.53
CA GLU D 173 -48.81 -38.87 3.28
C GLU D 173 -49.14 -37.39 3.06
N GLU D 174 -48.12 -36.54 3.08
CA GLU D 174 -48.27 -35.10 2.82
C GLU D 174 -48.75 -34.83 1.37
N ILE D 175 -48.27 -35.63 0.43
CA ILE D 175 -48.70 -35.54 -0.97
C ILE D 175 -50.19 -35.87 -1.12
N ALA D 176 -50.66 -36.94 -0.48
CA ALA D 176 -52.08 -37.31 -0.50
C ALA D 176 -52.94 -36.21 0.12
N GLN D 177 -52.50 -35.72 1.27
CA GLN D 177 -53.21 -34.72 2.04
C GLN D 177 -53.35 -33.42 1.26
N ALA D 178 -52.26 -33.03 0.58
CA ALA D 178 -52.21 -31.81 -0.22
C ALA D 178 -53.15 -31.88 -1.43
N ALA D 179 -53.29 -33.06 -2.00
CA ALA D 179 -54.25 -33.26 -3.07
C ALA D 179 -55.68 -33.13 -2.51
N GLU D 180 -55.92 -33.77 -1.36
CA GLU D 180 -57.22 -33.72 -0.71
C GLU D 180 -57.61 -32.33 -0.22
N ARG D 181 -56.62 -31.55 0.19
CA ARG D 181 -56.83 -30.17 0.58
C ARG D 181 -57.19 -29.31 -0.62
N PHE D 182 -56.46 -29.45 -1.72
CA PHE D 182 -56.67 -28.65 -2.91
C PHE D 182 -58.05 -28.86 -3.52
N ALA D 183 -58.53 -30.11 -3.46
CA ALA D 183 -59.84 -30.45 -3.98
C ALA D 183 -60.97 -29.77 -3.19
N THR D 184 -60.68 -29.29 -1.98
CA THR D 184 -61.71 -28.64 -1.15
C THR D 184 -61.73 -27.12 -1.30
N MET D 185 -60.78 -26.56 -2.04
CA MET D 185 -60.62 -25.11 -2.13
C MET D 185 -61.49 -24.47 -3.22
N SER D 186 -62.09 -23.34 -2.88
CA SER D 186 -62.79 -22.48 -3.84
C SER D 186 -61.78 -21.67 -4.66
N ASP D 187 -62.26 -21.03 -5.72
CA ASP D 187 -61.42 -20.14 -6.53
C ASP D 187 -60.75 -19.03 -5.70
N GLU D 188 -61.50 -18.42 -4.79
CA GLU D 188 -60.95 -17.37 -3.91
C GLU D 188 -59.90 -17.97 -2.97
N ASP D 189 -60.27 -19.07 -2.30
CA ASP D 189 -59.33 -19.88 -1.49
C ASP D 189 -57.96 -20.00 -2.16
N LYS D 190 -57.95 -20.39 -3.44
CA LYS D 190 -56.71 -20.57 -4.20
C LYS D 190 -56.03 -19.24 -4.51
N ALA D 191 -56.84 -18.24 -4.86
CA ALA D 191 -56.31 -16.90 -5.15
C ALA D 191 -55.58 -16.31 -3.93
N ARG D 192 -56.21 -16.43 -2.76
CA ARG D 192 -55.68 -15.89 -1.52
C ARG D 192 -54.41 -16.59 -1.07
N LEU D 193 -54.45 -17.92 -1.07
CA LEU D 193 -53.27 -18.72 -0.77
C LEU D 193 -52.08 -18.26 -1.59
N THR D 194 -52.33 -17.97 -2.87
CA THR D 194 -51.29 -17.57 -3.81
C THR D 194 -50.70 -16.20 -3.48
N ARG D 195 -51.58 -15.21 -3.36
CA ARG D 195 -51.20 -13.88 -2.92
C ARG D 195 -50.44 -13.95 -1.61
N ASN D 196 -50.97 -14.70 -0.65
CA ASN D 196 -50.31 -14.89 0.65
C ASN D 196 -48.85 -15.30 0.54
N ILE D 197 -48.55 -16.22 -0.35
CA ILE D 197 -47.21 -16.76 -0.51
C ILE D 197 -46.28 -15.90 -1.36
N ILE D 198 -46.80 -15.35 -2.46
CA ILE D 198 -45.96 -14.62 -3.43
C ILE D 198 -46.00 -13.09 -3.37
N ALA D 199 -47.13 -12.52 -2.95
CA ALA D 199 -47.33 -11.07 -3.02
C ALA D 199 -46.36 -10.34 -2.09
N GLY D 200 -45.89 -11.04 -1.07
CA GLY D 200 -44.93 -10.46 -0.13
C GLY D 200 -45.63 -9.89 1.07
N LEU D 201 -45.05 -10.16 2.24
CA LEU D 201 -45.61 -9.76 3.52
C LEU D 201 -45.00 -8.44 4.04
N PRO D 202 -45.52 -7.89 5.15
CA PRO D 202 -44.89 -6.68 5.69
C PRO D 202 -43.37 -6.78 5.92
N GLY D 203 -42.64 -5.85 5.33
CA GLY D 203 -41.18 -5.82 5.45
C GLY D 203 -40.46 -6.41 4.25
N ALA D 204 -41.16 -7.30 3.54
CA ALA D 204 -40.70 -7.85 2.28
C ALA D 204 -40.56 -6.72 1.26
N GLU D 205 -39.49 -6.77 0.49
CA GLU D 205 -39.20 -5.71 -0.48
C GLU D 205 -39.16 -6.29 -1.88
N GLU D 206 -40.12 -7.17 -2.18
CA GLU D 206 -40.09 -7.92 -3.43
C GLU D 206 -41.48 -8.00 -4.09
N GLY D 207 -42.28 -9.02 -3.76
CA GLY D 207 -43.64 -9.20 -4.34
C GLY D 207 -43.79 -9.54 -5.82
N TYR D 208 -44.60 -10.57 -6.13
CA TYR D 208 -44.80 -11.08 -7.52
C TYR D 208 -46.25 -11.46 -7.88
N THR D 209 -46.57 -11.50 -9.18
CA THR D 209 -47.72 -12.27 -9.68
C THR D 209 -47.26 -13.66 -10.09
N LEU D 210 -48.19 -14.61 -10.19
CA LEU D 210 -47.84 -16.02 -10.44
C LEU D 210 -46.90 -16.23 -11.64
N ASP D 211 -47.14 -15.50 -12.73
CA ASP D 211 -46.30 -15.61 -13.92
C ASP D 211 -44.91 -15.00 -13.74
N GLN D 212 -44.83 -13.86 -13.07
CA GLN D 212 -43.55 -13.20 -12.79
C GLN D 212 -42.74 -14.08 -11.86
N PHE D 213 -43.40 -14.56 -10.81
CA PHE D 213 -42.84 -15.52 -9.87
C PHE D 213 -42.23 -16.75 -10.56
N ARG D 214 -43.03 -17.43 -11.37
CA ARG D 214 -42.58 -18.64 -12.08
C ARG D 214 -41.36 -18.36 -12.96
N LYS D 215 -41.43 -17.32 -13.79
CA LYS D 215 -40.30 -16.89 -14.61
C LYS D 215 -39.08 -16.50 -13.76
N HIS D 216 -39.29 -15.83 -12.64
CA HIS D 216 -38.16 -15.42 -11.80
C HIS D 216 -37.43 -16.60 -11.13
N LEU D 217 -38.17 -17.63 -10.75
CA LEU D 217 -37.59 -18.84 -10.18
C LEU D 217 -36.62 -19.51 -11.16
N GLU D 218 -36.84 -19.26 -12.45
CA GLU D 218 -36.03 -19.82 -13.52
C GLU D 218 -34.61 -19.25 -13.54
N LEU D 219 -34.41 -18.14 -12.82
CA LEU D 219 -33.10 -17.50 -12.70
C LEU D 219 -32.15 -18.32 -11.81
N TYR D 220 -32.73 -19.19 -10.98
CA TYR D 220 -31.99 -19.99 -10.01
C TYR D 220 -31.78 -21.45 -10.46
N LYS D 221 -32.20 -21.76 -11.68
CA LYS D 221 -32.05 -23.09 -12.26
C LYS D 221 -30.69 -23.72 -11.91
N ASP D 222 -29.61 -23.01 -12.22
CA ASP D 222 -28.23 -23.45 -11.96
C ASP D 222 -27.60 -22.83 -10.71
N ILE D 223 -28.44 -22.46 -9.74
CA ILE D 223 -27.96 -21.95 -8.46
C ILE D 223 -28.34 -22.89 -7.30
N ASP D 224 -27.39 -23.75 -6.94
CA ASP D 224 -27.51 -24.59 -5.75
C ASP D 224 -26.99 -23.84 -4.51
N LYS D 225 -26.97 -24.53 -3.37
CA LYS D 225 -26.49 -23.96 -2.10
C LYS D 225 -25.09 -23.35 -2.21
N ALA D 226 -24.15 -24.15 -2.72
CA ALA D 226 -22.74 -23.73 -2.86
C ALA D 226 -22.60 -22.42 -3.62
N LYS D 227 -23.40 -22.26 -4.67
CA LYS D 227 -23.39 -21.05 -5.49
C LYS D 227 -24.01 -19.85 -4.78
N LEU D 228 -25.15 -20.06 -4.12
CA LEU D 228 -25.79 -18.98 -3.39
C LEU D 228 -24.81 -18.46 -2.33
N ARG D 229 -24.11 -19.38 -1.69
CA ARG D 229 -23.06 -19.02 -0.74
C ARG D 229 -21.96 -18.17 -1.39
N GLU D 230 -21.48 -18.60 -2.56
CA GLU D 230 -20.49 -17.85 -3.32
C GLU D 230 -20.97 -16.45 -3.68
N ASN D 231 -22.25 -16.33 -4.05
CA ASN D 231 -22.85 -15.03 -4.34
C ASN D 231 -22.94 -14.16 -3.09
N PHE D 232 -23.24 -14.79 -1.96
CA PHE D 232 -23.31 -14.13 -0.67
C PHE D 232 -21.92 -13.69 -0.20
N ALA D 233 -20.93 -14.56 -0.41
CA ALA D 233 -19.55 -14.25 -0.04
C ALA D 233 -19.04 -12.99 -0.76
N VAL D 234 -19.35 -12.87 -2.04
CA VAL D 234 -18.94 -11.70 -2.81
C VAL D 234 -19.55 -10.42 -2.24
N PHE D 235 -20.84 -10.50 -1.85
CA PHE D 235 -21.55 -9.36 -1.25
C PHE D 235 -20.93 -8.93 0.08
N LEU D 236 -20.59 -9.91 0.92
CA LEU D 236 -20.05 -9.65 2.27
C LEU D 236 -18.66 -9.03 2.21
N LYS D 237 -17.75 -9.69 1.47
CA LYS D 237 -16.36 -9.26 1.33
C LYS D 237 -16.24 -7.81 0.81
N ALA D 238 -17.32 -7.30 0.24
CA ALA D 238 -17.35 -5.93 -0.28
C ALA D 238 -18.05 -4.98 0.68
N ILE D 239 -19.09 -5.48 1.35
CA ILE D 239 -19.90 -4.65 2.25
C ILE D 239 -19.30 -4.52 3.65
N ILE D 240 -18.81 -5.62 4.21
CA ILE D 240 -18.27 -5.62 5.57
C ILE D 240 -17.09 -4.64 5.75
N PRO D 241 -16.11 -4.64 4.83
CA PRO D 241 -15.04 -3.64 4.93
C PRO D 241 -15.57 -2.21 5.02
N VAL D 242 -16.58 -1.89 4.21
CA VAL D 242 -17.16 -0.54 4.21
C VAL D 242 -17.89 -0.24 5.52
N ALA D 243 -18.68 -1.22 5.99
CA ALA D 243 -19.34 -1.12 7.28
C ALA D 243 -18.30 -0.86 8.38
N GLU D 244 -17.30 -1.73 8.45
CA GLU D 244 -16.26 -1.64 9.47
C GLU D 244 -15.57 -0.28 9.52
N GLU D 245 -15.24 0.27 8.35
CA GLU D 245 -14.55 1.55 8.24
C GLU D 245 -15.37 2.70 8.81
N VAL D 246 -16.69 2.53 8.74
CA VAL D 246 -17.64 3.61 8.98
C VAL D 246 -18.34 3.44 10.34
N GLY D 247 -18.15 2.28 10.97
CA GLY D 247 -18.68 2.03 12.30
C GLY D 247 -20.10 1.48 12.34
N VAL D 248 -20.53 0.87 11.24
CA VAL D 248 -21.83 0.21 11.16
C VAL D 248 -21.66 -1.26 11.46
N ARG D 249 -22.65 -1.87 12.09
CA ARG D 249 -22.66 -3.32 12.30
C ARG D 249 -23.81 -4.01 11.55
N MET D 250 -23.45 -5.04 10.77
CA MET D 250 -24.42 -5.80 10.00
C MET D 250 -24.99 -6.94 10.82
N ALA D 251 -26.30 -7.14 10.72
CA ALA D 251 -27.01 -8.13 11.54
C ALA D 251 -27.95 -8.99 10.71
N VAL D 252 -27.38 -10.04 10.14
CA VAL D 252 -28.12 -10.94 9.24
C VAL D 252 -29.33 -11.57 9.93
N HIS D 253 -30.51 -11.47 9.30
CA HIS D 253 -31.72 -12.12 9.80
C HIS D 253 -31.76 -13.50 9.17
N PRO D 254 -32.11 -14.53 9.96
CA PRO D 254 -32.23 -15.90 9.43
C PRO D 254 -33.39 -16.09 8.45
N ASP D 255 -33.33 -17.15 7.67
CA ASP D 255 -34.42 -17.55 6.79
C ASP D 255 -35.67 -17.88 7.59
N ASP D 256 -36.83 -17.55 7.03
CA ASP D 256 -38.11 -17.82 7.71
C ASP D 256 -39.15 -18.33 6.70
N PRO D 257 -39.46 -19.65 6.72
CA PRO D 257 -38.96 -20.67 7.65
C PRO D 257 -37.53 -21.05 7.31
N PRO D 258 -36.77 -21.58 8.28
CA PRO D 258 -35.37 -21.85 8.02
C PRO D 258 -35.15 -23.21 7.34
N ARG D 259 -35.70 -23.39 6.15
CA ARG D 259 -35.50 -24.60 5.37
C ARG D 259 -35.61 -24.27 3.90
N PRO D 260 -35.00 -25.11 3.03
CA PRO D 260 -35.09 -24.82 1.61
C PRO D 260 -36.50 -25.10 1.13
N ILE D 261 -37.14 -24.07 0.57
CA ILE D 261 -38.48 -24.20 0.00
C ILE D 261 -38.45 -23.91 -1.49
N LEU D 262 -39.44 -24.43 -2.21
CA LEU D 262 -39.65 -24.16 -3.63
C LEU D 262 -38.48 -24.58 -4.53
N GLY D 263 -37.62 -25.45 -4.04
CA GLY D 263 -36.43 -25.88 -4.78
C GLY D 263 -35.31 -24.87 -4.82
N LEU D 264 -35.41 -23.81 -4.00
CA LEU D 264 -34.33 -22.84 -3.83
C LEU D 264 -33.63 -23.12 -2.52
N PRO D 265 -32.32 -22.84 -2.45
CA PRO D 265 -31.62 -23.02 -1.18
C PRO D 265 -31.88 -21.87 -0.21
N ARG D 266 -31.65 -22.15 1.08
CA ARG D 266 -31.70 -21.14 2.12
C ARG D 266 -30.48 -21.28 3.04
N ILE D 267 -29.64 -20.25 3.05
CA ILE D 267 -28.26 -20.37 3.57
C ILE D 267 -28.00 -19.61 4.87
N VAL D 268 -29.06 -19.23 5.58
CA VAL D 268 -28.92 -18.66 6.92
C VAL D 268 -29.98 -19.32 7.81
N SER D 269 -29.84 -20.64 8.00
CA SER D 269 -30.89 -21.40 8.67
C SER D 269 -30.44 -22.12 9.93
N THR D 270 -29.14 -22.42 10.01
CA THR D 270 -28.60 -23.22 11.11
C THR D 270 -27.32 -22.62 11.71
N ILE D 271 -26.88 -23.21 12.83
CA ILE D 271 -25.66 -22.77 13.49
C ILE D 271 -24.47 -22.86 12.53
N GLU D 272 -24.45 -23.89 11.69
CA GLU D 272 -23.38 -24.08 10.70
C GLU D 272 -23.35 -22.98 9.64
N ASP D 273 -24.54 -22.48 9.29
CA ASP D 273 -24.66 -21.34 8.39
C ASP D 273 -24.02 -20.10 8.98
N MET D 274 -24.24 -19.91 10.29
CA MET D 274 -23.68 -18.79 11.04
C MET D 274 -22.15 -18.88 11.05
N GLN D 275 -21.65 -20.08 11.35
CA GLN D 275 -20.21 -20.37 11.33
C GLN D 275 -19.60 -20.09 9.96
N TRP D 276 -20.31 -20.48 8.90
CA TRP D 276 -19.84 -20.28 7.54
C TRP D 276 -19.55 -18.80 7.31
N MET D 277 -20.45 -17.96 7.81
CA MET D 277 -20.36 -16.51 7.70
C MET D 277 -19.17 -15.92 8.44
N VAL D 278 -18.83 -16.53 9.58
CA VAL D 278 -17.68 -16.06 10.35
C VAL D 278 -16.36 -16.44 9.65
N ASP D 279 -16.33 -17.62 9.05
CA ASP D 279 -15.14 -18.08 8.32
C ASP D 279 -14.93 -17.30 7.01
N THR D 280 -16.02 -16.87 6.40
CA THR D 280 -15.95 -16.11 5.14
C THR D 280 -15.42 -14.68 5.37
N VAL D 281 -15.99 -13.99 6.36
CA VAL D 281 -15.47 -12.68 6.78
C VAL D 281 -15.32 -12.66 8.29
N ASN D 282 -14.11 -12.39 8.77
CA ASN D 282 -13.79 -12.43 10.21
C ASN D 282 -14.18 -11.20 11.03
N SER D 283 -14.16 -10.04 10.37
CA SER D 283 -14.44 -8.74 10.98
C SER D 283 -15.69 -8.73 11.84
N MET D 284 -15.57 -8.14 13.03
CA MET D 284 -16.65 -8.07 14.00
C MET D 284 -17.85 -7.23 13.54
N ALA D 285 -17.73 -6.54 12.41
CA ALA D 285 -18.87 -5.88 11.78
C ALA D 285 -19.84 -6.88 11.14
N ASN D 286 -19.33 -8.09 10.88
CA ASN D 286 -20.14 -9.17 10.31
C ASN D 286 -20.92 -9.88 11.42
N GLY D 287 -22.16 -9.44 11.66
CA GLY D 287 -22.95 -9.92 12.79
C GLY D 287 -24.33 -10.48 12.49
N PHE D 288 -25.10 -10.70 13.56
CA PHE D 288 -26.34 -11.47 13.50
C PHE D 288 -27.49 -10.77 14.21
N THR D 289 -28.68 -10.92 13.62
CA THR D 289 -29.94 -10.69 14.30
C THR D 289 -30.43 -12.05 14.77
N MET D 290 -30.54 -12.25 16.08
CA MET D 290 -31.06 -13.50 16.63
C MET D 290 -32.57 -13.44 16.66
N CYS D 291 -33.22 -14.02 15.64
CA CYS D 291 -34.67 -14.09 15.57
C CYS D 291 -35.09 -15.47 16.05
N THR D 292 -35.49 -15.57 17.31
CA THR D 292 -35.87 -16.84 17.91
C THR D 292 -37.14 -17.39 17.29
N GLY D 293 -37.92 -16.52 16.64
CA GLY D 293 -39.13 -16.96 15.99
C GLY D 293 -38.76 -17.80 14.80
N SER D 294 -37.78 -17.32 14.03
CA SER D 294 -37.36 -17.94 12.76
C SER D 294 -36.48 -19.16 12.99
N TYR D 295 -35.36 -18.98 13.70
CA TYR D 295 -34.48 -20.10 14.05
C TYR D 295 -35.19 -21.22 14.84
N GLY D 296 -36.15 -20.85 15.68
CA GLY D 296 -36.88 -21.81 16.53
C GLY D 296 -37.97 -22.63 15.85
N VAL D 297 -38.21 -22.40 14.57
CA VAL D 297 -39.14 -23.20 13.80
C VAL D 297 -38.68 -24.67 13.69
N ARG D 298 -37.38 -24.90 13.56
CA ARG D 298 -36.86 -26.28 13.51
C ARG D 298 -36.25 -26.68 14.84
N ALA D 299 -36.59 -27.88 15.30
CA ALA D 299 -36.24 -28.33 16.66
C ALA D 299 -34.76 -28.57 16.82
N ASP D 300 -34.05 -28.79 15.72
CA ASP D 300 -32.61 -29.10 15.79
C ASP D 300 -31.75 -27.85 16.03
N ASN D 301 -32.35 -26.66 15.94
CA ASN D 301 -31.67 -25.42 16.28
C ASN D 301 -31.70 -25.18 17.79
N ASP D 302 -30.53 -25.21 18.42
CA ASP D 302 -30.42 -24.96 19.85
C ASP D 302 -30.12 -23.47 19.96
N LEU D 303 -31.16 -22.70 20.31
CA LEU D 303 -31.09 -21.24 20.35
C LEU D 303 -30.13 -20.73 21.42
N VAL D 304 -30.17 -21.36 22.59
CA VAL D 304 -29.30 -20.96 23.72
C VAL D 304 -27.84 -21.22 23.40
N ASP D 305 -27.56 -22.34 22.71
CA ASP D 305 -26.21 -22.62 22.25
C ASP D 305 -25.81 -21.56 21.23
N MET D 306 -26.67 -21.33 20.23
CA MET D 306 -26.40 -20.29 19.23
C MET D 306 -26.02 -18.95 19.88
N ILE D 307 -26.71 -18.60 20.97
CA ILE D 307 -26.40 -17.37 21.67
C ILE D 307 -25.06 -17.48 22.42
N LYS D 308 -24.84 -18.62 23.08
CA LYS D 308 -23.57 -18.89 23.75
C LYS D 308 -22.35 -18.85 22.81
N GLN D 309 -22.46 -19.47 21.64
CA GLN D 309 -21.34 -19.53 20.68
C GLN D 309 -21.12 -18.25 19.87
N PHE D 310 -22.19 -17.52 19.57
CA PHE D 310 -22.09 -16.33 18.70
C PHE D 310 -22.47 -15.02 19.39
N GLY D 311 -22.72 -15.10 20.71
CA GLY D 311 -23.03 -13.94 21.55
C GLY D 311 -22.39 -12.61 21.18
N PRO D 312 -21.04 -12.57 21.12
CA PRO D 312 -20.26 -11.37 20.80
C PRO D 312 -20.64 -10.73 19.47
N ARG D 313 -21.32 -11.50 18.62
CA ARG D 313 -21.66 -11.06 17.27
C ARG D 313 -23.17 -10.80 17.09
N ILE D 314 -23.96 -11.09 18.12
CA ILE D 314 -25.40 -10.80 18.09
C ILE D 314 -25.66 -9.33 18.38
N TYR D 315 -26.11 -8.61 17.36
CA TYR D 315 -26.21 -7.16 17.48
C TYR D 315 -27.65 -6.67 17.44
N PHE D 316 -28.59 -7.62 17.47
CA PHE D 316 -30.01 -7.32 17.36
C PHE D 316 -30.77 -8.63 17.63
N THR D 317 -31.96 -8.55 18.23
CA THR D 317 -32.77 -9.75 18.46
C THR D 317 -34.27 -9.53 18.19
N HIS D 318 -34.88 -10.58 17.63
CA HIS D 318 -36.32 -10.68 17.47
C HIS D 318 -36.78 -11.76 18.42
N LEU D 319 -37.53 -11.36 19.43
CA LEU D 319 -37.91 -12.28 20.50
C LEU D 319 -39.37 -12.66 20.37
N ARG D 320 -39.67 -13.56 19.44
CA ARG D 320 -41.02 -14.11 19.34
C ARG D 320 -40.98 -15.63 19.34
N SER D 321 -42.13 -16.26 19.33
CA SER D 321 -42.17 -17.71 19.45
C SER D 321 -43.16 -18.32 18.47
N THR D 322 -42.80 -19.47 17.92
CA THR D 322 -43.71 -20.22 17.08
C THR D 322 -44.06 -21.53 17.79
N MET D 323 -45.05 -22.22 17.25
CA MET D 323 -45.52 -23.47 17.79
C MET D 323 -45.71 -24.49 16.66
N ARG D 324 -44.82 -25.48 16.60
CA ARG D 324 -44.97 -26.64 15.71
C ARG D 324 -46.16 -27.50 16.12
N GLU D 325 -46.90 -27.95 15.11
CA GLU D 325 -48.11 -28.76 15.31
C GLU D 325 -47.82 -30.25 15.06
N ASP D 326 -48.85 -31.07 14.84
CA ASP D 326 -48.65 -32.54 14.70
C ASP D 326 -47.66 -32.92 13.61
N ASN D 327 -47.78 -32.28 12.45
CA ASN D 327 -46.76 -32.31 11.41
C ASN D 327 -45.72 -31.23 11.75
N PRO D 328 -44.50 -31.64 12.11
CA PRO D 328 -43.50 -30.71 12.66
C PRO D 328 -43.07 -29.57 11.72
N LYS D 329 -43.49 -29.62 10.46
CA LYS D 329 -43.20 -28.54 9.52
C LYS D 329 -44.36 -27.54 9.44
N THR D 330 -45.46 -27.87 10.11
CA THR D 330 -46.54 -26.91 10.30
C THR D 330 -46.33 -26.16 11.61
N PHE D 331 -46.44 -24.84 11.54
CA PHE D 331 -46.29 -24.01 12.72
C PHE D 331 -47.16 -22.78 12.62
N HIS D 332 -47.68 -22.33 13.75
CA HIS D 332 -48.28 -21.01 13.83
C HIS D 332 -47.50 -20.15 14.79
N GLU D 333 -47.74 -18.85 14.73
CA GLU D 333 -47.13 -17.94 15.68
C GLU D 333 -47.82 -18.05 17.01
N ALA D 334 -47.02 -18.21 18.06
CA ALA D 334 -47.52 -18.43 19.42
C ALA D 334 -47.44 -17.16 20.25
N ALA D 335 -48.16 -17.15 21.38
CA ALA D 335 -47.94 -16.12 22.38
C ALA D 335 -46.48 -16.17 22.83
N HIS D 336 -45.90 -15.01 23.14
CA HIS D 336 -44.46 -14.93 23.38
C HIS D 336 -43.93 -15.85 24.47
N LEU D 337 -44.72 -16.13 25.51
CA LEU D 337 -44.23 -16.97 26.61
C LEU D 337 -44.78 -18.36 26.57
N ASN D 338 -45.36 -18.74 25.44
CA ASN D 338 -46.21 -19.93 25.42
C ASN D 338 -45.99 -20.86 24.23
N GLY D 339 -44.91 -20.64 23.47
CA GLY D 339 -44.60 -21.50 22.32
C GLY D 339 -43.44 -22.47 22.55
N ASP D 340 -42.74 -22.84 21.48
CA ASP D 340 -41.62 -23.79 21.57
C ASP D 340 -40.38 -23.14 22.18
N VAL D 341 -40.26 -21.82 22.01
CA VAL D 341 -39.10 -21.11 22.50
C VAL D 341 -39.22 -21.05 24.02
N ASP D 342 -38.19 -21.57 24.70
CA ASP D 342 -38.04 -21.37 26.13
C ASP D 342 -37.53 -19.93 26.30
N MET D 343 -38.47 -18.99 26.37
CA MET D 343 -38.16 -17.57 26.36
C MET D 343 -37.33 -17.15 27.59
N TYR D 344 -37.61 -17.76 28.74
CA TYR D 344 -36.83 -17.50 29.95
C TYR D 344 -35.32 -17.76 29.76
N GLU D 345 -34.99 -18.89 29.14
CA GLU D 345 -33.58 -19.27 28.93
C GLU D 345 -32.92 -18.44 27.83
N VAL D 346 -33.69 -18.08 26.81
CA VAL D 346 -33.20 -17.20 25.76
C VAL D 346 -32.86 -15.83 26.32
N VAL D 347 -33.74 -15.26 27.16
CA VAL D 347 -33.50 -13.95 27.75
C VAL D 347 -32.34 -14.01 28.75
N LYS D 348 -32.33 -15.06 29.57
CA LYS D 348 -31.26 -15.28 30.52
C LYS D 348 -29.89 -15.24 29.82
N ALA D 349 -29.80 -15.93 28.68
CA ALA D 349 -28.55 -16.00 27.92
C ALA D 349 -28.20 -14.65 27.29
N ILE D 350 -29.21 -13.95 26.79
CA ILE D 350 -28.99 -12.61 26.22
C ILE D 350 -28.46 -11.66 27.30
N VAL D 351 -29.13 -11.68 28.45
CA VAL D 351 -28.73 -10.89 29.61
C VAL D 351 -27.31 -11.24 30.02
N GLU D 352 -26.97 -12.53 29.99
CA GLU D 352 -25.60 -12.97 30.36
C GLU D 352 -24.51 -12.48 29.41
N GLU D 353 -24.85 -12.38 28.13
CA GLU D 353 -23.94 -11.84 27.13
C GLU D 353 -23.69 -10.34 27.38
N GLU D 354 -24.73 -9.61 27.71
CA GLU D 354 -24.60 -8.16 27.94
C GLU D 354 -23.71 -7.91 29.14
N HIS D 355 -23.87 -8.71 30.19
CA HIS D 355 -23.04 -8.58 31.37
C HIS D 355 -21.61 -9.05 31.16
N ARG D 356 -21.38 -9.99 30.25
CA ARG D 356 -20.00 -10.33 29.95
C ARG D 356 -19.31 -9.21 29.17
N ARG D 357 -20.02 -8.64 28.20
CA ARG D 357 -19.54 -7.47 27.45
C ARG D 357 -19.13 -6.34 28.38
N LYS D 358 -19.97 -6.04 29.37
CA LYS D 358 -19.70 -4.98 30.34
C LYS D 358 -18.46 -5.30 31.17
N ALA D 359 -18.37 -6.54 31.64
CA ALA D 359 -17.25 -7.00 32.47
C ALA D 359 -15.92 -6.99 31.72
N GLU D 360 -15.98 -7.08 30.40
CA GLU D 360 -14.78 -7.13 29.59
C GLU D 360 -14.36 -5.77 29.03
N GLY D 361 -15.00 -4.71 29.55
CA GLY D 361 -14.56 -3.37 29.26
C GLY D 361 -15.65 -2.36 28.99
N LYS D 362 -16.60 -2.72 28.14
CA LYS D 362 -17.57 -1.76 27.64
C LYS D 362 -19.01 -2.27 27.51
N GLU D 363 -19.93 -1.56 28.16
CA GLU D 363 -21.37 -1.81 28.03
C GLU D 363 -21.83 -1.65 26.58
N ASP D 364 -22.53 -2.67 26.09
CA ASP D 364 -22.99 -2.72 24.71
C ASP D 364 -24.25 -3.57 24.66
N LEU D 365 -25.40 -2.95 24.91
CA LEU D 365 -26.66 -3.68 24.97
C LEU D 365 -27.11 -4.14 23.59
N ILE D 366 -27.84 -5.24 23.57
CA ILE D 366 -28.42 -5.76 22.34
C ILE D 366 -29.87 -5.29 22.24
N PRO D 367 -30.20 -4.49 21.21
CA PRO D 367 -31.60 -4.07 21.01
C PRO D 367 -32.49 -5.26 20.67
N MET D 368 -33.73 -5.22 21.18
CA MET D 368 -34.72 -6.25 20.87
C MET D 368 -35.96 -5.58 20.34
N ARG D 369 -36.77 -6.37 19.67
CA ARG D 369 -38.12 -5.98 19.32
C ARG D 369 -39.02 -7.20 19.42
N PRO D 370 -40.33 -6.99 19.67
CA PRO D 370 -41.22 -8.15 19.89
C PRO D 370 -41.46 -8.95 18.61
N ASP D 371 -41.24 -8.30 17.47
CA ASP D 371 -41.27 -8.92 16.13
C ASP D 371 -42.68 -9.08 15.54
N HIS D 372 -43.40 -10.16 15.87
CA HIS D 372 -44.77 -10.33 15.40
C HIS D 372 -45.71 -10.34 16.60
N GLY D 373 -46.99 -10.09 16.34
CA GLY D 373 -47.98 -10.11 17.40
C GLY D 373 -49.28 -10.64 16.84
N HIS D 374 -50.05 -11.30 17.69
CA HIS D 374 -51.38 -11.74 17.29
C HIS D 374 -52.23 -10.49 17.03
N GLN D 375 -53.20 -10.61 16.14
CA GLN D 375 -54.16 -9.54 15.94
C GLN D 375 -55.26 -9.71 16.98
N MET D 376 -55.44 -8.72 17.87
CA MET D 376 -56.37 -8.85 19.00
C MET D 376 -57.04 -7.55 19.42
N LEU D 377 -58.05 -7.66 20.30
CA LEU D 377 -58.84 -6.51 20.76
C LEU D 377 -59.25 -5.59 19.58
N ASP D 378 -58.96 -4.29 19.69
CA ASP D 378 -59.38 -3.31 18.69
C ASP D 378 -58.87 -3.59 17.27
N ASP D 379 -57.73 -4.29 17.18
CA ASP D 379 -57.08 -4.54 15.90
C ASP D 379 -57.79 -5.59 15.05
N LEU D 380 -58.73 -6.33 15.63
CA LEU D 380 -59.53 -7.30 14.86
C LEU D 380 -60.57 -6.65 13.92
N LYS D 381 -60.83 -5.36 14.08
CA LYS D 381 -61.74 -4.64 13.18
C LYS D 381 -61.00 -3.90 12.06
N LYS D 382 -59.68 -4.00 12.06
CA LYS D 382 -58.84 -3.26 11.13
C LYS D 382 -58.27 -4.17 10.06
N LYS D 383 -58.00 -3.59 8.90
CA LYS D 383 -57.14 -4.20 7.90
C LYS D 383 -55.73 -3.90 8.40
N THR D 384 -55.08 -4.93 8.92
CA THR D 384 -53.75 -4.73 9.49
C THR D 384 -52.68 -5.20 8.53
N ASN D 385 -51.46 -4.74 8.74
CA ASN D 385 -50.27 -5.40 8.23
C ASN D 385 -50.12 -6.73 8.97
N PRO D 386 -50.10 -7.87 8.22
CA PRO D 386 -50.00 -9.21 8.83
C PRO D 386 -48.86 -9.39 9.84
N GLY D 387 -49.22 -9.71 11.08
CA GLY D 387 -48.25 -9.88 12.15
C GLY D 387 -47.74 -8.58 12.74
N TYR D 388 -48.23 -7.47 12.23
CA TYR D 388 -47.72 -6.16 12.63
C TYR D 388 -48.77 -5.19 13.18
N SER D 389 -49.89 -5.73 13.69
CA SER D 389 -50.84 -4.91 14.45
C SER D 389 -50.19 -4.50 15.79
N ALA D 390 -50.74 -3.47 16.43
CA ALA D 390 -50.09 -2.90 17.63
C ALA D 390 -50.29 -3.71 18.91
N ILE D 391 -51.54 -4.04 19.25
CA ILE D 391 -51.81 -4.56 20.59
C ILE D 391 -51.06 -5.88 20.87
N GLY D 392 -51.13 -6.84 19.95
CA GLY D 392 -50.40 -8.10 20.08
C GLY D 392 -48.89 -7.94 20.31
N ARG D 393 -48.29 -6.96 19.64
CA ARG D 393 -46.85 -6.75 19.75
C ARG D 393 -46.54 -6.04 21.05
N LEU D 394 -47.45 -5.15 21.46
CA LEU D 394 -47.32 -4.47 22.75
C LEU D 394 -47.30 -5.49 23.89
N LYS D 395 -48.18 -6.47 23.79
CA LYS D 395 -48.32 -7.51 24.80
C LYS D 395 -47.05 -8.38 24.87
N GLY D 396 -46.52 -8.77 23.72
CA GLY D 396 -45.27 -9.54 23.66
C GLY D 396 -44.09 -8.73 24.19
N LEU D 397 -44.05 -7.45 23.85
CA LEU D 397 -43.01 -6.61 24.41
C LEU D 397 -43.11 -6.54 25.96
N ALA D 398 -44.34 -6.43 26.47
CA ALA D 398 -44.57 -6.30 27.90
C ALA D 398 -44.17 -7.57 28.64
N GLU D 399 -44.46 -8.72 28.03
CA GLU D 399 -44.09 -10.01 28.58
C GLU D 399 -42.59 -10.17 28.79
N VAL D 400 -41.82 -9.90 27.74
CA VAL D 400 -40.38 -9.97 27.78
C VAL D 400 -39.75 -8.90 28.68
N ARG D 401 -40.32 -7.70 28.72
CA ARG D 401 -39.86 -6.67 29.62
C ARG D 401 -39.89 -7.20 31.04
N GLY D 402 -40.94 -7.95 31.38
CA GLY D 402 -41.10 -8.45 32.73
C GLY D 402 -40.14 -9.59 33.03
N VAL D 403 -39.95 -10.47 32.05
CA VAL D 403 -39.03 -11.59 32.20
C VAL D 403 -37.59 -11.09 32.39
N GLU D 404 -37.20 -10.12 31.57
CA GLU D 404 -35.87 -9.58 31.58
C GLU D 404 -35.57 -8.84 32.90
N LEU D 405 -36.52 -8.04 33.37
CA LEU D 405 -36.36 -7.33 34.64
C LEU D 405 -36.12 -8.29 35.79
N ALA D 406 -36.93 -9.35 35.88
CA ALA D 406 -36.79 -10.31 36.97
C ALA D 406 -35.47 -11.07 36.89
N ILE D 407 -35.02 -11.42 35.69
CA ILE D 407 -33.70 -12.02 35.53
C ILE D 407 -32.58 -11.06 35.99
N GLN D 408 -32.68 -9.76 35.64
CA GLN D 408 -31.63 -8.82 36.01
C GLN D 408 -31.56 -8.77 37.52
N ARG D 409 -32.72 -8.74 38.16
CA ARG D 409 -32.82 -8.65 39.61
C ARG D 409 -32.42 -9.94 40.31
N ALA D 410 -32.72 -11.09 39.70
CA ALA D 410 -32.42 -12.38 40.32
C ALA D 410 -30.93 -12.72 40.26
N PHE D 411 -30.30 -12.49 39.11
CA PHE D 411 -28.92 -12.94 38.90
C PHE D 411 -27.85 -11.84 38.96
N PHE D 412 -28.26 -10.59 38.72
CA PHE D 412 -27.30 -9.49 38.60
C PHE D 412 -27.57 -8.28 39.50
N SER D 413 -28.37 -8.47 40.54
CA SER D 413 -28.61 -7.37 41.48
C SER D 413 -28.23 -7.74 42.90
CL CL E . 30.52 30.26 -11.88
C2 CS2 F . 23.13 27.53 -15.18
C3 CS2 F . 22.69 28.62 -16.18
O1A CS2 F . 20.86 26.77 -14.97
C1 CS2 F . 22.07 26.46 -14.91
O1B CS2 F . 22.53 25.35 -14.54
O2 CS2 F . 24.37 26.90 -15.48
O3 CS2 F . 22.84 29.85 -15.42
C4 CS2 F . 23.45 28.72 -17.56
O4 CS2 F . 23.07 29.92 -18.26
C5 CS2 F . 23.33 27.53 -18.55
O5 CS2 F . 24.26 27.74 -19.63
C6 CS2 F . 21.92 27.37 -19.16
O6 CS2 F . 21.61 28.45 -20.05
MN MN G . 24.39 24.63 -14.99
CL CL H . 5.81 -13.58 -34.11
C2 CS2 I . 4.30 -18.01 -26.67
C3 CS2 I . 5.70 -18.31 -26.08
O1A CS2 I . 3.47 -19.72 -25.20
C1 CS2 I . 3.17 -18.75 -25.91
O1B CS2 I . 2.01 -18.35 -26.12
O2 CS2 I . 4.00 -16.62 -26.84
O3 CS2 I . 6.38 -18.93 -27.18
C4 CS2 I . 6.56 -17.12 -25.55
O4 CS2 I . 7.96 -17.48 -25.57
C5 CS2 I . 6.16 -16.55 -24.15
O5 CS2 I . 6.91 -15.37 -23.89
C6 CS2 I . 6.38 -17.52 -22.98
O6 CS2 I . 7.78 -17.67 -22.71
MN MN J . 1.85 -16.04 -26.35
CL CL K . 9.49 11.89 35.68
MN MN L . 11.10 3.29 34.70
CL CL M . -41.65 -4.84 16.49
MN MN N . -37.64 -11.83 12.86
#